data_2AYA
#
_entry.id   2AYA
#
_entity_poly.entity_id   1
_entity_poly.type   'polypeptide(L)'
_entity_poly.pdbx_seq_one_letter_code
;MKALEHEKTPELAAKLAAEAIERDPWAAQVSQLSLPKLVEQVALNAWKEESDNAVCLHLRSSQRHLNNRGAQQKLAEALS
MLKGSTVELTIVEDDNPAVRTPLEWRQAIYEEKLAQARESIIADNNIQ
;
_entity_poly.pdbx_strand_id   A
#
# COMPACT_ATOMS: atom_id res chain seq x y z
N MET A 1 -0.39 1.59 33.20
CA MET A 1 0.91 1.95 33.84
C MET A 1 1.20 3.36 33.40
N LYS A 2 2.17 3.58 32.49
CA LYS A 2 1.92 4.53 31.40
C LYS A 2 0.67 4.08 30.63
N ALA A 3 0.13 4.96 29.80
CA ALA A 3 -0.96 4.62 28.90
C ALA A 3 -0.39 3.85 27.72
N LEU A 4 -1.26 3.16 26.98
CA LEU A 4 -0.93 2.47 25.75
C LEU A 4 -1.91 3.03 24.74
N GLU A 5 -3.15 2.54 24.71
CA GLU A 5 -4.29 3.01 23.92
C GLU A 5 -4.03 3.11 22.40
N HIS A 6 -2.88 2.65 21.90
CA HIS A 6 -2.49 2.81 20.50
C HIS A 6 -2.62 1.50 19.72
N GLU A 7 -2.78 0.35 20.38
CA GLU A 7 -3.04 -0.91 19.71
C GLU A 7 -4.47 -0.86 19.16
N LYS A 8 -5.42 -0.45 20.02
CA LYS A 8 -6.86 -0.44 19.82
C LYS A 8 -7.24 -1.82 19.33
N THR A 9 -7.63 -1.96 18.06
CA THR A 9 -7.88 -3.23 17.41
C THR A 9 -6.84 -3.47 16.31
N PRO A 10 -5.62 -3.91 16.66
CA PRO A 10 -4.63 -4.22 15.64
C PRO A 10 -5.07 -5.45 14.83
N GLU A 11 -6.00 -6.23 15.36
CA GLU A 11 -6.52 -7.44 14.74
C GLU A 11 -7.39 -7.02 13.55
N LEU A 12 -8.27 -6.03 13.77
CA LEU A 12 -9.19 -5.53 12.76
C LEU A 12 -8.37 -4.92 11.63
N ALA A 13 -7.37 -4.10 11.96
CA ALA A 13 -6.55 -3.43 10.97
C ALA A 13 -5.71 -4.43 10.17
N ALA A 14 -5.22 -5.50 10.81
CA ALA A 14 -4.46 -6.53 10.11
C ALA A 14 -5.37 -7.47 9.31
N LYS A 15 -6.61 -7.70 9.77
CA LYS A 15 -7.61 -8.48 9.02
C LYS A 15 -7.97 -7.70 7.77
N LEU A 16 -8.22 -6.40 7.93
CA LEU A 16 -8.47 -5.47 6.86
C LEU A 16 -7.30 -5.45 5.88
N ALA A 17 -6.07 -5.48 6.40
CA ALA A 17 -4.88 -5.58 5.56
C ALA A 17 -4.82 -6.91 4.81
N ALA A 18 -5.35 -8.00 5.38
CA ALA A 18 -5.37 -9.29 4.71
C ALA A 18 -6.18 -9.18 3.43
N GLU A 19 -7.36 -8.55 3.47
CA GLU A 19 -8.16 -8.30 2.28
C GLU A 19 -7.41 -7.40 1.30
N ALA A 20 -6.72 -6.36 1.79
CA ALA A 20 -5.95 -5.47 0.93
C ALA A 20 -4.89 -6.28 0.18
N ILE A 21 -4.19 -7.18 0.87
CA ILE A 21 -3.17 -8.05 0.31
C ILE A 21 -3.78 -9.09 -0.64
N GLU A 22 -4.98 -9.56 -0.32
CA GLU A 22 -5.72 -10.54 -1.11
C GLU A 22 -6.17 -9.90 -2.45
N ARG A 23 -6.09 -8.56 -2.57
CA ARG A 23 -6.46 -7.82 -3.76
C ARG A 23 -5.25 -7.20 -4.46
N ASP A 24 -4.35 -6.58 -3.70
CA ASP A 24 -3.19 -5.81 -4.14
C ASP A 24 -1.92 -6.66 -4.18
N PRO A 25 -1.31 -6.88 -5.36
CA PRO A 25 -0.03 -7.55 -5.43
C PRO A 25 1.08 -6.80 -4.71
N TRP A 26 1.05 -5.46 -4.64
CA TRP A 26 2.13 -4.73 -3.97
C TRP A 26 2.05 -4.90 -2.47
N ALA A 27 0.86 -4.75 -1.87
CA ALA A 27 0.68 -4.96 -0.43
C ALA A 27 1.19 -6.35 -0.06
N ALA A 28 0.85 -7.36 -0.88
CA ALA A 28 1.27 -8.73 -0.69
C ALA A 28 2.79 -8.84 -0.77
N GLN A 29 3.39 -8.23 -1.79
CA GLN A 29 4.84 -8.22 -1.98
C GLN A 29 5.51 -7.60 -0.75
N VAL A 30 5.05 -6.46 -0.25
CA VAL A 30 5.65 -5.80 0.91
C VAL A 30 5.58 -6.69 2.14
N SER A 31 4.44 -7.36 2.35
CA SER A 31 4.30 -8.25 3.48
C SER A 31 5.22 -9.46 3.36
N GLN A 32 5.53 -9.90 2.13
CA GLN A 32 6.42 -11.02 1.90
C GLN A 32 7.87 -10.55 2.13
N LEU A 33 8.21 -9.31 1.74
CA LEU A 33 9.51 -8.70 2.00
C LEU A 33 9.71 -8.47 3.49
N SER A 34 8.59 -8.28 4.19
CA SER A 34 8.45 -8.00 5.61
C SER A 34 9.33 -6.80 6.00
N LEU A 35 8.95 -5.61 5.52
CA LEU A 35 9.65 -4.36 5.78
C LEU A 35 9.60 -3.99 7.26
N PRO A 36 10.51 -3.12 7.75
CA PRO A 36 10.54 -2.71 9.14
C PRO A 36 9.50 -1.60 9.41
N LYS A 37 9.89 -0.33 9.56
CA LYS A 37 9.01 0.77 9.94
C LYS A 37 9.15 1.96 9.00
N LEU A 38 10.30 2.65 8.98
CA LEU A 38 10.47 3.83 8.11
C LEU A 38 10.30 3.41 6.65
N VAL A 39 11.02 2.36 6.23
CA VAL A 39 10.99 1.87 4.87
C VAL A 39 9.59 1.31 4.56
N GLU A 40 8.94 0.68 5.55
CA GLU A 40 7.56 0.23 5.40
C GLU A 40 6.69 1.45 5.08
N GLN A 41 6.83 2.55 5.83
CA GLN A 41 6.02 3.75 5.62
C GLN A 41 6.23 4.34 4.22
N VAL A 42 7.42 4.20 3.65
CA VAL A 42 7.69 4.61 2.28
C VAL A 42 6.91 3.71 1.32
N ALA A 43 7.04 2.39 1.44
CA ALA A 43 6.31 1.43 0.61
C ALA A 43 4.79 1.61 0.75
N LEU A 44 4.33 1.99 1.94
CA LEU A 44 2.93 2.20 2.29
C LEU A 44 2.39 3.48 1.70
N ASN A 45 3.16 4.57 1.68
CA ASN A 45 2.67 5.84 1.16
C ASN A 45 2.81 5.92 -0.35
N ALA A 46 3.08 4.81 -1.03
CA ALA A 46 3.25 4.78 -2.47
C ALA A 46 2.52 3.62 -3.11
N TRP A 47 2.17 3.79 -4.38
CA TRP A 47 1.59 2.74 -5.20
C TRP A 47 2.72 2.35 -6.14
N LYS A 48 2.86 1.04 -6.34
CA LYS A 48 3.96 0.48 -7.08
C LYS A 48 3.68 0.34 -8.56
N GLU A 49 4.24 1.25 -9.35
CA GLU A 49 4.17 1.13 -10.79
C GLU A 49 5.31 0.17 -11.12
N GLU A 50 5.17 -0.58 -12.19
CA GLU A 50 6.12 -1.59 -12.60
C GLU A 50 6.23 -1.50 -14.13
N SER A 51 7.46 -1.53 -14.62
CA SER A 51 7.86 -1.34 -16.00
C SER A 51 8.66 -2.57 -16.43
N ASP A 52 9.11 -2.64 -17.69
CA ASP A 52 9.79 -3.79 -18.30
C ASP A 52 10.86 -4.40 -17.40
N ASN A 53 11.63 -3.56 -16.71
CA ASN A 53 12.75 -3.98 -15.87
C ASN A 53 12.88 -3.13 -14.60
N ALA A 54 11.85 -2.34 -14.27
CA ALA A 54 11.90 -1.39 -13.17
C ALA A 54 10.64 -1.45 -12.34
N VAL A 55 10.73 -0.87 -11.15
CA VAL A 55 9.61 -0.70 -10.24
C VAL A 55 9.71 0.73 -9.69
N CYS A 56 8.74 1.59 -10.00
CA CYS A 56 8.76 2.99 -9.61
C CYS A 56 7.62 3.23 -8.64
N LEU A 57 7.95 3.39 -7.37
CA LEU A 57 6.98 3.64 -6.31
C LEU A 57 6.51 5.08 -6.37
N HIS A 58 5.31 5.31 -6.87
CA HIS A 58 4.66 6.61 -6.88
C HIS A 58 4.19 6.91 -5.47
N LEU A 59 4.98 7.66 -4.71
CA LEU A 59 4.75 8.03 -3.34
C LEU A 59 3.91 9.29 -3.35
N ARG A 60 2.88 9.34 -2.50
CA ARG A 60 2.09 10.54 -2.33
C ARG A 60 3.08 11.61 -1.91
N SER A 61 3.22 12.66 -2.72
CA SER A 61 4.11 13.79 -2.42
C SER A 61 3.71 14.47 -1.10
N SER A 62 2.50 14.18 -0.60
CA SER A 62 1.98 14.60 0.69
C SER A 62 2.83 14.04 1.83
N GLN A 63 3.57 12.96 1.60
CA GLN A 63 4.50 12.34 2.53
C GLN A 63 5.90 12.24 1.90
N ARG A 64 6.29 13.21 1.04
CA ARG A 64 7.60 13.23 0.38
C ARG A 64 8.74 13.27 1.41
N HIS A 65 8.50 13.83 2.61
CA HIS A 65 9.48 13.81 3.69
C HIS A 65 9.82 12.41 4.19
N LEU A 66 8.98 11.38 4.00
CA LEU A 66 9.35 10.02 4.36
C LEU A 66 10.39 9.48 3.38
N ASN A 67 10.27 9.82 2.09
CA ASN A 67 11.12 9.29 1.05
C ASN A 67 12.56 9.76 1.21
N ASN A 68 13.43 8.82 1.54
CA ASN A 68 14.86 9.02 1.62
C ASN A 68 15.62 7.92 0.88
N ARG A 69 16.80 8.22 0.32
CA ARG A 69 17.59 7.22 -0.39
C ARG A 69 17.98 6.05 0.52
N GLY A 70 18.22 6.34 1.80
CA GLY A 70 18.49 5.34 2.82
C GLY A 70 17.37 4.30 2.88
N ALA A 71 16.12 4.69 2.66
CA ALA A 71 15.01 3.75 2.56
C ALA A 71 15.05 3.10 1.18
N GLN A 72 15.17 3.87 0.09
CA GLN A 72 15.10 3.39 -1.29
C GLN A 72 16.09 2.26 -1.52
N GLN A 73 17.34 2.39 -1.05
CA GLN A 73 18.38 1.38 -1.26
C GLN A 73 18.05 0.06 -0.56
N LYS A 74 17.52 0.13 0.66
CA LYS A 74 17.11 -1.04 1.43
C LYS A 74 15.90 -1.67 0.76
N LEU A 75 14.95 -0.84 0.32
CA LEU A 75 13.78 -1.26 -0.45
C LEU A 75 14.26 -1.96 -1.73
N ALA A 76 15.29 -1.44 -2.39
CA ALA A 76 15.78 -1.90 -3.69
C ALA A 76 16.38 -3.29 -3.57
N GLU A 77 17.23 -3.48 -2.57
CA GLU A 77 17.84 -4.76 -2.27
C GLU A 77 16.74 -5.79 -1.98
N ALA A 78 15.71 -5.41 -1.22
CA ALA A 78 14.59 -6.28 -0.89
C ALA A 78 13.78 -6.62 -2.15
N LEU A 79 13.39 -5.62 -2.94
CA LEU A 79 12.67 -5.83 -4.20
C LEU A 79 13.48 -6.71 -5.15
N SER A 80 14.80 -6.54 -5.18
CA SER A 80 15.71 -7.33 -5.99
C SER A 80 15.77 -8.77 -5.48
N MET A 81 15.71 -9.00 -4.16
CA MET A 81 15.67 -10.32 -3.57
C MET A 81 14.35 -11.02 -3.93
N LEU A 82 13.25 -10.27 -3.99
CA LEU A 82 11.93 -10.72 -4.39
C LEU A 82 11.94 -11.11 -5.86
N LYS A 83 12.27 -10.16 -6.74
CA LYS A 83 12.34 -10.35 -8.20
C LYS A 83 13.37 -11.42 -8.57
N GLY A 84 14.35 -11.67 -7.71
CA GLY A 84 15.46 -12.57 -7.94
C GLY A 84 16.47 -12.00 -8.94
N SER A 85 16.28 -10.78 -9.43
CA SER A 85 17.20 -10.05 -10.29
C SER A 85 17.18 -8.57 -9.89
N THR A 86 18.07 -7.77 -10.46
CA THR A 86 18.18 -6.35 -10.16
C THR A 86 16.91 -5.63 -10.60
N VAL A 87 16.19 -5.02 -9.66
CA VAL A 87 15.03 -4.19 -9.93
C VAL A 87 15.57 -2.76 -9.97
N GLU A 88 15.16 -2.00 -10.98
CA GLU A 88 15.51 -0.59 -11.02
C GLU A 88 14.42 0.05 -10.17
N LEU A 89 14.65 0.07 -8.86
CA LEU A 89 13.69 0.61 -7.91
C LEU A 89 13.96 2.09 -7.75
N THR A 90 12.93 2.89 -8.01
CA THR A 90 12.94 4.32 -7.80
C THR A 90 11.69 4.68 -7.00
N ILE A 91 11.74 5.82 -6.32
CA ILE A 91 10.63 6.41 -5.61
C ILE A 91 10.40 7.70 -6.40
N VAL A 92 9.19 7.90 -6.89
CA VAL A 92 8.78 9.13 -7.56
C VAL A 92 7.72 9.75 -6.65
N GLU A 93 7.54 11.06 -6.67
CA GLU A 93 6.65 11.76 -5.75
C GLU A 93 5.54 12.37 -6.58
N ASP A 94 4.41 11.66 -6.58
CA ASP A 94 3.21 11.88 -7.36
C ASP A 94 2.01 11.77 -6.42
N ASP A 95 1.41 12.89 -6.05
CA ASP A 95 0.28 12.94 -5.11
C ASP A 95 -1.08 12.69 -5.76
N ASN A 96 -1.15 12.56 -7.08
CA ASN A 96 -2.41 12.32 -7.80
C ASN A 96 -3.09 11.02 -7.32
N PRO A 97 -4.41 11.01 -7.05
CA PRO A 97 -5.13 9.87 -6.47
C PRO A 97 -5.56 8.76 -7.44
N ALA A 98 -5.16 8.77 -8.71
CA ALA A 98 -5.63 7.82 -9.72
C ALA A 98 -5.33 6.36 -9.43
N VAL A 99 -4.42 6.10 -8.49
CA VAL A 99 -4.10 4.77 -7.99
C VAL A 99 -4.03 4.84 -6.46
N ARG A 100 -4.30 3.71 -5.80
CA ARG A 100 -4.36 3.58 -4.35
C ARG A 100 -3.05 2.95 -3.89
N THR A 101 -2.44 3.49 -2.84
CA THR A 101 -1.25 2.89 -2.22
C THR A 101 -1.72 1.67 -1.40
N PRO A 102 -0.86 0.79 -0.84
CA PRO A 102 -1.33 -0.33 -0.03
C PRO A 102 -1.89 0.16 1.31
N LEU A 103 -1.46 1.34 1.79
CA LEU A 103 -2.01 1.99 2.98
C LEU A 103 -3.43 2.44 2.67
N GLU A 104 -3.58 3.20 1.59
CA GLU A 104 -4.87 3.73 1.17
C GLU A 104 -5.79 2.59 0.74
N TRP A 105 -5.26 1.48 0.21
CA TRP A 105 -6.01 0.28 -0.12
C TRP A 105 -6.60 -0.33 1.15
N ARG A 106 -5.79 -0.55 2.20
CA ARG A 106 -6.31 -1.03 3.48
C ARG A 106 -7.51 -0.19 3.90
N GLN A 107 -7.35 1.14 3.83
CA GLN A 107 -8.42 2.05 4.21
C GLN A 107 -9.62 1.90 3.26
N ALA A 108 -9.38 1.78 1.95
CA ALA A 108 -10.37 1.73 0.89
C ALA A 108 -11.18 0.44 0.96
N ILE A 109 -10.56 -0.70 1.31
CA ILE A 109 -11.27 -1.98 1.52
C ILE A 109 -12.33 -1.73 2.60
N TYR A 110 -11.98 -1.03 3.67
CA TYR A 110 -12.90 -0.84 4.78
C TYR A 110 -14.08 -0.01 4.32
N GLU A 111 -13.79 1.08 3.61
CA GLU A 111 -14.80 1.97 3.12
C GLU A 111 -15.56 1.34 1.95
N GLU A 112 -15.05 0.31 1.26
CA GLU A 112 -15.79 -0.39 0.22
C GLU A 112 -17.05 -1.00 0.81
N LYS A 113 -17.03 -1.46 2.06
CA LYS A 113 -18.20 -2.04 2.70
C LYS A 113 -19.33 -1.00 2.79
N LEU A 114 -18.94 0.23 3.06
CA LEU A 114 -19.80 1.39 3.26
C LEU A 114 -20.23 1.95 1.90
N ALA A 115 -19.28 2.03 0.97
CA ALA A 115 -19.46 2.59 -0.35
C ALA A 115 -20.34 1.66 -1.18
N GLN A 116 -20.19 0.34 -1.07
CA GLN A 116 -21.00 -0.65 -1.78
C GLN A 116 -22.49 -0.42 -1.48
N ALA A 117 -22.80 0.01 -0.26
CA ALA A 117 -24.17 0.30 0.17
C ALA A 117 -24.77 1.55 -0.47
N ARG A 118 -23.97 2.36 -1.17
CA ARG A 118 -24.36 3.52 -1.94
C ARG A 118 -24.16 3.27 -3.44
N GLU A 119 -23.12 2.52 -3.79
CA GLU A 119 -22.78 2.08 -5.14
C GLU A 119 -23.79 1.05 -5.64
N SER A 120 -24.58 0.44 -4.76
CA SER A 120 -25.66 -0.44 -5.17
C SER A 120 -26.68 0.37 -5.98
N ILE A 121 -26.90 1.63 -5.62
CA ILE A 121 -27.77 2.55 -6.35
C ILE A 121 -27.16 2.94 -7.70
N ILE A 122 -25.82 2.89 -7.83
CA ILE A 122 -25.12 3.10 -9.10
C ILE A 122 -25.41 1.88 -9.99
N ALA A 123 -25.36 0.68 -9.41
CA ALA A 123 -25.67 -0.59 -10.08
C ALA A 123 -27.15 -0.72 -10.44
N ASP A 124 -28.04 0.03 -9.79
CA ASP A 124 -29.47 0.07 -10.16
C ASP A 124 -29.60 0.73 -11.55
N ASN A 125 -28.54 1.43 -11.99
CA ASN A 125 -28.22 2.08 -13.24
C ASN A 125 -29.18 3.13 -13.74
N ASN A 126 -28.63 3.97 -14.60
CA ASN A 126 -29.24 5.16 -15.18
C ASN A 126 -28.74 5.39 -16.61
N ILE A 127 -27.43 5.30 -16.83
CA ILE A 127 -26.76 5.62 -18.09
C ILE A 127 -25.74 4.58 -18.56
N GLN A 128 -25.26 3.72 -17.67
CA GLN A 128 -24.20 2.76 -17.94
C GLN A 128 -24.87 1.42 -18.23
N MET A 1 1.18 8.01 32.41
CA MET A 1 0.23 7.33 31.52
C MET A 1 0.38 7.88 30.13
N LYS A 2 0.26 7.03 29.11
CA LYS A 2 -0.12 7.44 27.76
C LYS A 2 -1.18 6.47 27.26
N ALA A 3 -1.85 6.81 26.16
CA ALA A 3 -2.78 5.91 25.51
C ALA A 3 -2.01 4.74 24.88
N LEU A 4 -2.73 3.66 24.56
CA LEU A 4 -2.19 2.52 23.85
C LEU A 4 -2.51 2.74 22.37
N GLU A 5 -3.74 2.42 21.97
CA GLU A 5 -4.27 2.42 20.62
C GLU A 5 -3.57 1.41 19.71
N HIS A 6 -4.26 1.04 18.64
CA HIS A 6 -3.90 0.03 17.63
C HIS A 6 -5.11 -0.20 16.71
N GLU A 7 -5.51 0.82 15.96
CA GLU A 7 -6.62 0.77 14.99
C GLU A 7 -7.91 0.19 15.60
N LYS A 8 -8.20 0.52 16.85
CA LYS A 8 -9.28 0.01 17.69
C LYS A 8 -9.13 -1.50 17.88
N THR A 9 -9.62 -2.31 16.95
CA THR A 9 -9.46 -3.75 16.89
C THR A 9 -8.35 -4.10 15.88
N PRO A 10 -7.09 -4.31 16.30
CA PRO A 10 -6.00 -4.62 15.38
C PRO A 10 -6.11 -6.01 14.76
N GLU A 11 -6.86 -6.93 15.36
CA GLU A 11 -7.05 -8.24 14.73
C GLU A 11 -7.91 -8.03 13.48
N LEU A 12 -8.95 -7.20 13.57
CA LEU A 12 -9.76 -6.83 12.43
C LEU A 12 -8.92 -6.02 11.44
N ALA A 13 -8.21 -4.98 11.91
CA ALA A 13 -7.48 -4.08 11.03
C ALA A 13 -6.38 -4.81 10.27
N ALA A 14 -5.78 -5.83 10.87
CA ALA A 14 -4.80 -6.68 10.20
C ALA A 14 -5.48 -7.71 9.31
N LYS A 15 -6.71 -8.15 9.62
CA LYS A 15 -7.47 -9.03 8.75
C LYS A 15 -7.94 -8.28 7.51
N LEU A 16 -8.29 -7.00 7.69
CA LEU A 16 -8.71 -6.12 6.62
C LEU A 16 -7.45 -5.94 5.75
N ALA A 17 -6.27 -5.78 6.37
CA ALA A 17 -5.01 -5.74 5.64
C ALA A 17 -4.78 -7.04 4.85
N ALA A 18 -5.18 -8.21 5.38
CA ALA A 18 -5.05 -9.48 4.68
C ALA A 18 -5.95 -9.52 3.43
N GLU A 19 -7.20 -9.09 3.57
CA GLU A 19 -8.16 -8.98 2.47
C GLU A 19 -7.61 -8.02 1.39
N ALA A 20 -7.08 -6.87 1.82
CA ALA A 20 -6.49 -5.87 0.96
C ALA A 20 -5.26 -6.43 0.24
N ILE A 21 -4.40 -7.13 0.98
CA ILE A 21 -3.25 -7.82 0.41
C ILE A 21 -3.72 -8.80 -0.65
N GLU A 22 -4.80 -9.54 -0.39
CA GLU A 22 -5.23 -10.56 -1.33
C GLU A 22 -5.85 -9.88 -2.58
N ARG A 23 -6.15 -8.57 -2.52
CA ARG A 23 -6.69 -7.77 -3.62
C ARG A 23 -5.61 -6.98 -4.36
N ASP A 24 -4.40 -6.81 -3.81
CA ASP A 24 -3.37 -5.96 -4.41
C ASP A 24 -2.01 -6.66 -4.52
N PRO A 25 -1.41 -6.76 -5.72
CA PRO A 25 -0.13 -7.41 -5.89
C PRO A 25 0.97 -6.71 -5.11
N TRP A 26 1.06 -5.37 -5.14
CA TRP A 26 2.07 -4.66 -4.37
C TRP A 26 1.85 -4.88 -2.87
N ALA A 27 0.62 -4.81 -2.36
CA ALA A 27 0.41 -5.02 -0.94
C ALA A 27 0.92 -6.39 -0.51
N ALA A 28 0.67 -7.45 -1.29
CA ALA A 28 1.19 -8.77 -1.01
C ALA A 28 2.72 -8.77 -1.04
N GLN A 29 3.30 -8.15 -2.06
CA GLN A 29 4.75 -8.04 -2.19
C GLN A 29 5.34 -7.33 -0.98
N VAL A 30 4.74 -6.25 -0.48
CA VAL A 30 5.21 -5.50 0.68
C VAL A 30 5.21 -6.36 1.94
N SER A 31 4.27 -7.30 2.07
CA SER A 31 4.29 -8.23 3.18
C SER A 31 5.56 -9.07 3.10
N GLN A 32 5.96 -9.52 1.90
CA GLN A 32 7.16 -10.34 1.72
C GLN A 32 8.44 -9.48 1.82
N LEU A 33 8.36 -8.19 1.49
CA LEU A 33 9.48 -7.27 1.66
C LEU A 33 9.76 -6.98 3.13
N SER A 34 8.77 -7.23 3.99
CA SER A 34 8.77 -7.10 5.45
C SER A 34 9.69 -5.96 5.91
N LEU A 35 9.39 -4.74 5.47
CA LEU A 35 10.19 -3.55 5.80
C LEU A 35 10.12 -3.28 7.30
N PRO A 36 11.08 -2.53 7.89
CA PRO A 36 11.10 -2.21 9.32
C PRO A 36 9.92 -1.28 9.72
N LYS A 37 10.12 0.03 9.75
CA LYS A 37 9.07 0.99 10.10
C LYS A 37 9.20 2.28 9.28
N LEU A 38 10.41 2.78 9.11
CA LEU A 38 10.70 3.93 8.25
C LEU A 38 10.40 3.53 6.80
N VAL A 39 11.11 2.51 6.32
CA VAL A 39 11.00 2.06 4.93
C VAL A 39 9.63 1.42 4.68
N GLU A 40 9.00 0.89 5.73
CA GLU A 40 7.64 0.37 5.68
C GLU A 40 6.72 1.51 5.28
N GLN A 41 6.87 2.68 5.90
CA GLN A 41 6.05 3.85 5.60
C GLN A 41 6.19 4.30 4.15
N VAL A 42 7.33 4.05 3.50
CA VAL A 42 7.51 4.32 2.07
C VAL A 42 6.70 3.31 1.27
N ALA A 43 6.96 2.03 1.47
CA ALA A 43 6.27 0.96 0.76
C ALA A 43 4.75 1.05 0.95
N LEU A 44 4.31 1.54 2.11
CA LEU A 44 2.92 1.72 2.47
C LEU A 44 2.31 2.95 1.80
N ASN A 45 3.05 4.07 1.67
CA ASN A 45 2.47 5.31 1.13
C ASN A 45 2.81 5.49 -0.34
N ALA A 46 3.17 4.41 -1.03
CA ALA A 46 3.41 4.41 -2.46
C ALA A 46 2.68 3.26 -3.11
N TRP A 47 2.30 3.46 -4.36
CA TRP A 47 1.71 2.44 -5.21
C TRP A 47 2.81 2.09 -6.22
N LYS A 48 2.94 0.82 -6.54
CA LYS A 48 4.02 0.34 -7.38
C LYS A 48 3.56 0.30 -8.83
N GLU A 49 4.43 0.78 -9.73
CA GLU A 49 4.25 0.73 -11.16
C GLU A 49 5.47 -0.04 -11.64
N GLU A 50 5.28 -1.32 -11.95
CA GLU A 50 6.35 -2.17 -12.43
C GLU A 50 6.53 -1.93 -13.93
N SER A 51 7.77 -1.76 -14.35
CA SER A 51 8.20 -1.51 -15.70
C SER A 51 8.87 -2.79 -16.23
N ASP A 52 9.31 -2.78 -17.49
CA ASP A 52 9.90 -3.94 -18.16
C ASP A 52 11.00 -4.58 -17.30
N ASN A 53 11.92 -3.77 -16.75
CA ASN A 53 12.93 -4.22 -15.80
C ASN A 53 13.29 -3.12 -14.78
N ALA A 54 12.29 -2.35 -14.36
CA ALA A 54 12.44 -1.35 -13.31
C ALA A 54 11.15 -1.40 -12.50
N VAL A 55 11.14 -0.77 -11.32
CA VAL A 55 9.95 -0.70 -10.48
C VAL A 55 9.89 0.69 -9.88
N CYS A 56 8.88 1.48 -10.22
CA CYS A 56 8.76 2.84 -9.75
C CYS A 56 7.63 2.91 -8.70
N LEU A 57 7.98 3.21 -7.46
CA LEU A 57 7.03 3.44 -6.38
C LEU A 57 6.60 4.89 -6.41
N HIS A 58 5.38 5.15 -6.88
CA HIS A 58 4.79 6.48 -6.87
C HIS A 58 4.34 6.75 -5.45
N LEU A 59 5.14 7.47 -4.67
CA LEU A 59 4.87 7.82 -3.28
C LEU A 59 4.06 9.10 -3.26
N ARG A 60 3.01 9.13 -2.42
CA ARG A 60 2.22 10.34 -2.22
C ARG A 60 3.14 11.48 -1.79
N SER A 61 3.04 12.61 -2.48
CA SER A 61 3.76 13.83 -2.12
C SER A 61 3.41 14.25 -0.68
N SER A 62 2.25 13.84 -0.19
CA SER A 62 1.78 14.03 1.17
C SER A 62 2.83 13.51 2.16
N GLN A 63 3.39 12.33 1.88
CA GLN A 63 4.39 11.64 2.69
C GLN A 63 5.81 11.79 2.12
N ARG A 64 6.07 12.74 1.21
CA ARG A 64 7.38 12.83 0.55
C ARG A 64 8.58 13.00 1.45
N HIS A 65 8.44 13.41 2.71
CA HIS A 65 9.59 13.45 3.60
C HIS A 65 10.20 12.05 3.80
N LEU A 66 9.43 10.98 3.54
CA LEU A 66 9.85 9.60 3.67
C LEU A 66 10.53 9.12 2.38
N ASN A 67 10.33 9.77 1.22
CA ASN A 67 11.05 9.40 0.00
C ASN A 67 12.46 9.95 0.09
N ASN A 68 13.37 9.14 0.62
CA ASN A 68 14.79 9.44 0.66
C ASN A 68 15.57 8.22 0.16
N ARG A 69 16.70 8.41 -0.53
CA ARG A 69 17.46 7.30 -1.12
C ARG A 69 17.93 6.32 -0.04
N GLY A 70 18.13 6.80 1.17
CA GLY A 70 18.47 5.97 2.32
C GLY A 70 17.41 4.87 2.51
N ALA A 71 16.14 5.26 2.58
CA ALA A 71 15.04 4.29 2.65
C ALA A 71 14.99 3.45 1.38
N GLN A 72 15.18 4.08 0.21
CA GLN A 72 15.12 3.40 -1.07
C GLN A 72 16.06 2.20 -1.11
N GLN A 73 17.24 2.27 -0.48
CA GLN A 73 18.21 1.21 -0.61
C GLN A 73 17.75 -0.09 0.05
N LYS A 74 17.20 0.00 1.28
CA LYS A 74 16.67 -1.23 1.91
C LYS A 74 15.46 -1.73 1.12
N LEU A 75 14.62 -0.81 0.62
CA LEU A 75 13.51 -1.18 -0.23
C LEU A 75 14.04 -1.89 -1.50
N ALA A 76 15.16 -1.43 -2.06
CA ALA A 76 15.74 -1.89 -3.31
C ALA A 76 16.29 -3.29 -3.15
N GLU A 77 17.08 -3.54 -2.11
CA GLU A 77 17.56 -4.90 -1.86
C GLU A 77 16.36 -5.85 -1.72
N ALA A 78 15.30 -5.39 -1.06
CA ALA A 78 14.12 -6.20 -0.81
C ALA A 78 13.38 -6.49 -2.12
N LEU A 79 13.19 -5.48 -3.00
CA LEU A 79 12.52 -5.63 -4.28
C LEU A 79 13.34 -6.49 -5.24
N SER A 80 14.66 -6.29 -5.22
CA SER A 80 15.62 -7.04 -6.01
C SER A 80 15.51 -8.51 -5.63
N MET A 81 15.57 -8.81 -4.33
CA MET A 81 15.51 -10.17 -3.82
C MET A 81 14.10 -10.76 -4.00
N LEU A 82 13.07 -9.92 -3.91
CA LEU A 82 11.68 -10.32 -4.13
C LEU A 82 11.54 -10.86 -5.54
N LYS A 83 11.92 -10.07 -6.56
CA LYS A 83 11.82 -10.57 -7.92
C LYS A 83 12.78 -11.74 -8.10
N GLY A 84 13.98 -11.63 -7.54
CA GLY A 84 15.05 -12.60 -7.54
C GLY A 84 16.19 -12.18 -8.46
N SER A 85 16.16 -10.97 -9.03
CA SER A 85 17.11 -10.49 -10.01
C SER A 85 17.54 -9.07 -9.67
N THR A 86 18.19 -8.39 -10.61
CA THR A 86 18.56 -7.00 -10.50
C THR A 86 17.39 -6.18 -11.07
N VAL A 87 16.97 -5.16 -10.33
CA VAL A 87 15.80 -4.33 -10.57
C VAL A 87 16.24 -2.86 -10.40
N GLU A 88 15.58 -1.92 -11.08
CA GLU A 88 15.81 -0.50 -10.89
C GLU A 88 14.64 0.00 -10.05
N LEU A 89 14.74 -0.10 -8.72
CA LEU A 89 13.72 0.47 -7.86
C LEU A 89 13.93 1.98 -7.83
N THR A 90 12.90 2.73 -8.18
CA THR A 90 12.87 4.17 -8.09
C THR A 90 11.66 4.50 -7.21
N ILE A 91 11.69 5.65 -6.57
CA ILE A 91 10.56 6.17 -5.81
C ILE A 91 10.34 7.52 -6.45
N VAL A 92 9.19 7.72 -7.07
CA VAL A 92 8.82 8.99 -7.67
C VAL A 92 7.84 9.67 -6.74
N GLU A 93 7.89 11.00 -6.65
CA GLU A 93 6.98 11.76 -5.81
C GLU A 93 5.80 12.16 -6.68
N ASP A 94 4.56 11.83 -6.29
CA ASP A 94 3.39 12.29 -7.01
C ASP A 94 2.27 12.66 -6.05
N ASP A 95 1.53 13.73 -6.30
CA ASP A 95 0.49 14.24 -5.40
C ASP A 95 -0.93 14.00 -5.92
N ASN A 96 -1.09 13.62 -7.19
CA ASN A 96 -2.40 13.27 -7.74
C ASN A 96 -2.84 11.95 -7.07
N PRO A 97 -4.10 11.77 -6.67
CA PRO A 97 -4.60 10.50 -6.15
C PRO A 97 -4.83 9.52 -7.31
N ALA A 98 -3.76 9.13 -7.99
CA ALA A 98 -3.79 8.33 -9.19
C ALA A 98 -4.32 6.92 -8.95
N VAL A 99 -3.63 6.24 -8.06
CA VAL A 99 -3.81 4.85 -7.70
C VAL A 99 -3.76 4.73 -6.18
N ARG A 100 -4.37 3.66 -5.66
CA ARG A 100 -4.37 3.34 -4.26
C ARG A 100 -3.05 2.74 -3.81
N THR A 101 -2.42 3.33 -2.80
CA THR A 101 -1.23 2.73 -2.20
C THR A 101 -1.79 1.56 -1.37
N PRO A 102 -1.00 0.64 -0.79
CA PRO A 102 -1.57 -0.39 0.06
C PRO A 102 -2.19 0.21 1.34
N LEU A 103 -1.81 1.45 1.72
CA LEU A 103 -2.41 2.17 2.84
C LEU A 103 -3.74 2.80 2.40
N GLU A 104 -3.80 3.46 1.23
CA GLU A 104 -5.07 3.99 0.70
C GLU A 104 -6.05 2.84 0.50
N TRP A 105 -5.59 1.67 0.03
CA TRP A 105 -6.40 0.48 -0.10
C TRP A 105 -6.96 0.04 1.26
N ARG A 106 -6.16 0.07 2.33
CA ARG A 106 -6.65 -0.29 3.66
C ARG A 106 -7.82 0.62 4.04
N GLN A 107 -7.75 1.91 3.73
CA GLN A 107 -8.88 2.82 3.95
C GLN A 107 -10.06 2.43 3.07
N ALA A 108 -9.84 2.26 1.77
CA ALA A 108 -10.91 2.02 0.81
C ALA A 108 -11.64 0.71 1.08
N ILE A 109 -10.92 -0.35 1.45
CA ILE A 109 -11.51 -1.65 1.75
C ILE A 109 -12.15 -1.61 3.14
N TYR A 110 -11.59 -0.87 4.10
CA TYR A 110 -12.23 -0.70 5.40
C TYR A 110 -13.59 -0.03 5.19
N GLU A 111 -13.61 0.98 4.34
CA GLU A 111 -14.81 1.67 3.94
C GLU A 111 -15.71 0.76 3.11
N GLU A 112 -15.18 -0.15 2.27
CA GLU A 112 -16.03 -1.02 1.46
C GLU A 112 -17.00 -1.81 2.33
N LYS A 113 -16.60 -2.24 3.54
CA LYS A 113 -17.49 -2.96 4.44
C LYS A 113 -18.63 -2.06 4.95
N LEU A 114 -18.36 -0.77 5.06
CA LEU A 114 -19.25 0.27 5.57
C LEU A 114 -20.15 0.79 4.46
N ALA A 115 -19.63 0.82 3.23
CA ALA A 115 -20.27 1.34 2.04
C ALA A 115 -21.19 0.28 1.45
N GLN A 116 -20.77 -0.99 1.42
CA GLN A 116 -21.60 -2.06 0.89
C GLN A 116 -22.89 -2.19 1.71
N ALA A 117 -22.84 -1.91 3.01
CA ALA A 117 -24.01 -1.98 3.89
C ALA A 117 -25.07 -0.96 3.52
N ARG A 118 -24.62 0.23 3.12
CA ARG A 118 -25.44 1.32 2.63
C ARG A 118 -25.96 0.95 1.25
N GLU A 119 -25.09 0.40 0.41
CA GLU A 119 -25.40 -0.06 -0.94
C GLU A 119 -26.47 -1.15 -0.91
N SER A 120 -26.52 -2.00 0.13
CA SER A 120 -27.52 -3.04 0.29
C SER A 120 -28.93 -2.48 0.10
N ILE A 121 -29.20 -1.27 0.62
CA ILE A 121 -30.54 -0.67 0.56
C ILE A 121 -30.91 -0.38 -0.90
N ILE A 122 -29.95 -0.05 -1.77
CA ILE A 122 -30.19 0.13 -3.19
C ILE A 122 -30.24 -1.25 -3.86
N ALA A 123 -29.28 -2.13 -3.55
CA ALA A 123 -29.09 -3.45 -4.13
C ALA A 123 -30.27 -4.39 -3.88
N ASP A 124 -31.05 -4.12 -2.83
CA ASP A 124 -32.30 -4.82 -2.48
C ASP A 124 -33.28 -4.69 -3.63
N ASN A 125 -33.29 -3.53 -4.30
CA ASN A 125 -34.18 -3.07 -5.36
C ASN A 125 -35.59 -3.61 -5.12
N ASN A 126 -36.14 -3.21 -3.98
CA ASN A 126 -37.41 -3.65 -3.40
C ASN A 126 -38.40 -2.51 -3.15
N ILE A 127 -38.25 -1.35 -3.79
CA ILE A 127 -39.22 -0.25 -3.62
C ILE A 127 -40.59 -0.56 -4.26
N GLN A 128 -40.65 -1.63 -5.06
CA GLN A 128 -41.78 -2.07 -5.86
C GLN A 128 -42.12 -1.00 -6.89
N MET A 1 13.39 1.77 25.24
CA MET A 1 13.28 3.23 24.98
C MET A 1 11.88 3.68 25.35
N LYS A 2 10.95 3.85 24.41
CA LYS A 2 9.53 4.04 24.72
C LYS A 2 8.68 3.43 23.62
N ALA A 3 7.42 3.18 23.95
CA ALA A 3 6.35 2.73 23.07
C ALA A 3 5.07 3.32 23.66
N LEU A 4 3.90 3.01 23.12
CA LEU A 4 2.61 3.42 23.71
C LEU A 4 1.59 2.41 23.26
N GLU A 5 1.47 2.27 21.93
CA GLU A 5 0.66 1.27 21.24
C GLU A 5 -0.79 1.22 21.74
N HIS A 6 -1.47 2.35 21.64
CA HIS A 6 -2.82 2.50 22.18
C HIS A 6 -3.84 3.19 21.27
N GLU A 7 -3.50 3.45 20.00
CA GLU A 7 -4.43 3.98 19.01
C GLU A 7 -4.28 3.18 17.71
N LYS A 8 -3.05 3.02 17.22
CA LYS A 8 -2.76 2.18 16.06
C LYS A 8 -2.84 0.73 16.50
N THR A 9 -3.91 0.01 16.14
CA THR A 9 -4.08 -1.41 16.43
C THR A 9 -3.56 -2.24 15.22
N PRO A 10 -2.30 -2.73 15.23
CA PRO A 10 -1.74 -3.41 14.07
C PRO A 10 -2.34 -4.81 13.88
N GLU A 11 -3.06 -5.31 14.87
CA GLU A 11 -3.69 -6.63 14.89
C GLU A 11 -4.83 -6.64 13.89
N LEU A 12 -5.82 -5.77 14.10
CA LEU A 12 -6.94 -5.58 13.20
C LEU A 12 -6.42 -5.09 11.88
N ALA A 13 -5.51 -4.11 11.90
CA ALA A 13 -5.03 -3.51 10.68
C ALA A 13 -4.35 -4.56 9.81
N ALA A 14 -3.70 -5.56 10.41
CA ALA A 14 -3.10 -6.65 9.65
C ALA A 14 -4.15 -7.67 9.21
N LYS A 15 -5.27 -7.81 9.92
CA LYS A 15 -6.35 -8.68 9.44
C LYS A 15 -7.01 -8.05 8.24
N LEU A 16 -7.26 -6.75 8.30
CA LEU A 16 -7.92 -5.98 7.25
C LEU A 16 -6.94 -5.98 6.07
N ALA A 17 -5.63 -5.81 6.35
CA ALA A 17 -4.58 -5.82 5.35
C ALA A 17 -4.71 -7.01 4.43
N ALA A 18 -5.01 -8.21 4.96
CA ALA A 18 -5.05 -9.43 4.18
C ALA A 18 -6.09 -9.38 3.06
N GLU A 19 -7.12 -8.55 3.21
CA GLU A 19 -8.19 -8.34 2.25
C GLU A 19 -7.78 -7.22 1.30
N ALA A 20 -7.22 -6.12 1.83
CA ALA A 20 -6.66 -5.03 1.02
C ALA A 20 -5.50 -5.49 0.13
N ILE A 21 -4.76 -6.50 0.58
CA ILE A 21 -3.68 -7.18 -0.11
C ILE A 21 -4.24 -7.94 -1.31
N GLU A 22 -5.41 -8.57 -1.21
CA GLU A 22 -5.95 -9.30 -2.34
C GLU A 22 -6.30 -8.28 -3.43
N ARG A 23 -6.80 -7.11 -3.01
CA ARG A 23 -7.14 -5.97 -3.84
C ARG A 23 -5.91 -5.20 -4.33
N ASP A 24 -4.70 -5.51 -3.86
CA ASP A 24 -3.48 -4.82 -4.27
C ASP A 24 -2.29 -5.78 -4.38
N PRO A 25 -1.89 -6.20 -5.59
CA PRO A 25 -0.78 -7.12 -5.77
C PRO A 25 0.55 -6.54 -5.26
N TRP A 26 0.70 -5.22 -5.12
CA TRP A 26 1.88 -4.64 -4.52
C TRP A 26 1.80 -4.74 -3.01
N ALA A 27 0.66 -4.45 -2.37
CA ALA A 27 0.57 -4.60 -0.93
C ALA A 27 0.90 -6.04 -0.51
N ALA A 28 0.51 -7.03 -1.31
CA ALA A 28 0.86 -8.42 -1.07
C ALA A 28 2.38 -8.57 -1.00
N GLN A 29 3.03 -7.98 -2.00
CA GLN A 29 4.48 -8.02 -2.17
C GLN A 29 5.17 -7.28 -1.02
N VAL A 30 4.65 -6.16 -0.50
CA VAL A 30 5.22 -5.50 0.68
C VAL A 30 5.22 -6.46 1.87
N SER A 31 4.16 -7.24 2.04
CA SER A 31 4.07 -8.23 3.12
C SER A 31 5.09 -9.36 2.95
N GLN A 32 5.62 -9.59 1.74
CA GLN A 32 6.68 -10.53 1.48
C GLN A 32 8.06 -9.84 1.57
N LEU A 33 8.16 -8.54 1.29
CA LEU A 33 9.40 -7.78 1.46
C LEU A 33 9.80 -7.74 2.93
N SER A 34 8.80 -7.73 3.81
CA SER A 34 8.96 -7.77 5.26
C SER A 34 9.82 -6.62 5.78
N LEU A 35 9.18 -5.46 5.88
CA LEU A 35 9.78 -4.19 6.24
C LEU A 35 9.46 -3.83 7.70
N PRO A 36 10.23 -2.91 8.32
CA PRO A 36 10.11 -2.58 9.74
C PRO A 36 8.96 -1.60 9.93
N LYS A 37 9.24 -0.30 10.10
CA LYS A 37 8.22 0.74 10.17
C LYS A 37 8.50 1.87 9.20
N LEU A 38 9.74 2.37 9.14
CA LEU A 38 10.06 3.49 8.25
C LEU A 38 9.92 3.05 6.81
N VAL A 39 10.65 2.00 6.46
CA VAL A 39 10.68 1.51 5.07
C VAL A 39 9.31 0.92 4.74
N GLU A 40 8.58 0.40 5.74
CA GLU A 40 7.21 -0.08 5.56
C GLU A 40 6.33 1.11 5.19
N GLN A 41 6.40 2.23 5.93
CA GLN A 41 5.63 3.43 5.64
C GLN A 41 5.90 3.94 4.22
N VAL A 42 7.12 3.82 3.72
CA VAL A 42 7.45 4.17 2.34
C VAL A 42 6.72 3.23 1.40
N ALA A 43 6.97 1.92 1.51
CA ALA A 43 6.39 0.92 0.61
C ALA A 43 4.85 0.99 0.62
N LEU A 44 4.26 1.33 1.77
CA LEU A 44 2.83 1.44 1.96
C LEU A 44 2.27 2.78 1.50
N ASN A 45 3.06 3.86 1.48
CA ASN A 45 2.56 5.15 1.04
C ASN A 45 2.88 5.41 -0.42
N ALA A 46 3.24 4.36 -1.17
CA ALA A 46 3.45 4.42 -2.60
C ALA A 46 2.73 3.29 -3.27
N TRP A 47 2.33 3.50 -4.53
CA TRP A 47 1.75 2.48 -5.35
C TRP A 47 2.84 2.13 -6.34
N LYS A 48 2.98 0.84 -6.60
CA LYS A 48 4.07 0.34 -7.41
C LYS A 48 3.68 0.22 -8.86
N GLU A 49 4.58 0.66 -9.71
CA GLU A 49 4.55 0.56 -11.15
C GLU A 49 5.74 -0.33 -11.45
N GLU A 50 5.49 -1.60 -11.77
CA GLU A 50 6.56 -2.47 -12.22
C GLU A 50 6.67 -2.12 -13.69
N SER A 51 7.81 -1.57 -14.07
CA SER A 51 8.11 -1.12 -15.40
C SER A 51 8.68 -2.32 -16.17
N ASP A 52 8.98 -2.11 -17.46
CA ASP A 52 9.55 -3.10 -18.36
C ASP A 52 10.69 -3.90 -17.73
N ASN A 53 11.60 -3.22 -17.04
CA ASN A 53 12.69 -3.85 -16.30
C ASN A 53 13.04 -3.09 -15.01
N ALA A 54 12.16 -2.23 -14.49
CA ALA A 54 12.43 -1.37 -13.34
C ALA A 54 11.21 -1.41 -12.44
N VAL A 55 11.25 -0.78 -11.27
CA VAL A 55 10.07 -0.66 -10.41
C VAL A 55 10.03 0.75 -9.85
N CYS A 56 9.07 1.57 -10.27
CA CYS A 56 8.88 2.93 -9.77
C CYS A 56 7.79 2.93 -8.70
N LEU A 57 8.12 3.36 -7.48
CA LEU A 57 7.16 3.54 -6.40
C LEU A 57 6.67 4.98 -6.42
N HIS A 58 5.44 5.17 -6.88
CA HIS A 58 4.75 6.45 -6.93
C HIS A 58 4.22 6.76 -5.54
N LEU A 59 4.99 7.48 -4.74
CA LEU A 59 4.76 7.79 -3.33
C LEU A 59 3.94 9.06 -3.19
N ARG A 60 2.99 9.09 -2.26
CA ARG A 60 2.10 10.24 -2.11
C ARG A 60 2.87 11.52 -1.81
N SER A 61 2.35 12.60 -2.38
CA SER A 61 2.79 13.97 -2.18
C SER A 61 2.88 14.32 -0.69
N SER A 62 1.89 13.87 0.09
CA SER A 62 1.77 14.20 1.50
C SER A 62 2.79 13.43 2.34
N GLN A 63 3.46 12.44 1.76
CA GLN A 63 4.35 11.53 2.44
C GLN A 63 5.78 11.59 1.88
N ARG A 64 6.11 12.53 0.99
CA ARG A 64 7.42 12.50 0.33
C ARG A 64 8.58 12.56 1.31
N HIS A 65 8.46 13.23 2.46
CA HIS A 65 9.54 13.22 3.45
C HIS A 65 9.83 11.82 4.03
N LEU A 66 8.99 10.81 3.81
CA LEU A 66 9.29 9.44 4.21
C LEU A 66 10.19 8.82 3.14
N ASN A 67 9.96 9.14 1.84
CA ASN A 67 10.83 8.71 0.75
C ASN A 67 12.17 9.35 0.99
N ASN A 68 13.10 8.55 1.49
CA ASN A 68 14.47 8.94 1.71
C ASN A 68 15.38 7.86 1.13
N ARG A 69 16.61 8.22 0.77
CA ARG A 69 17.50 7.28 0.10
C ARG A 69 17.88 6.13 1.04
N GLY A 70 17.91 6.41 2.36
CA GLY A 70 18.14 5.41 3.39
C GLY A 70 17.13 4.28 3.27
N ALA A 71 15.83 4.62 3.26
CA ALA A 71 14.78 3.62 3.11
C ALA A 71 14.83 2.98 1.73
N GLN A 72 15.05 3.78 0.67
CA GLN A 72 15.09 3.29 -0.70
C GLN A 72 16.15 2.19 -0.85
N GLN A 73 17.28 2.27 -0.16
CA GLN A 73 18.32 1.26 -0.23
C GLN A 73 17.77 -0.09 0.23
N LYS A 74 17.15 -0.12 1.41
CA LYS A 74 16.62 -1.35 1.98
C LYS A 74 15.47 -1.86 1.12
N LEU A 75 14.58 -0.96 0.68
CA LEU A 75 13.47 -1.30 -0.19
C LEU A 75 14.02 -1.92 -1.49
N ALA A 76 15.13 -1.42 -2.02
CA ALA A 76 15.66 -1.86 -3.31
C ALA A 76 16.24 -3.24 -3.20
N GLU A 77 17.03 -3.51 -2.16
CA GLU A 77 17.55 -4.83 -1.90
C GLU A 77 16.38 -5.81 -1.72
N ALA A 78 15.32 -5.39 -1.00
CA ALA A 78 14.15 -6.21 -0.77
C ALA A 78 13.48 -6.56 -2.09
N LEU A 79 13.21 -5.56 -2.94
CA LEU A 79 12.59 -5.76 -4.25
C LEU A 79 13.49 -6.58 -5.17
N SER A 80 14.80 -6.38 -5.08
CA SER A 80 15.76 -7.13 -5.87
C SER A 80 15.71 -8.61 -5.45
N MET A 81 15.63 -8.88 -4.15
CA MET A 81 15.56 -10.25 -3.64
C MET A 81 14.21 -10.88 -4.00
N LEU A 82 13.14 -10.08 -3.98
CA LEU A 82 11.79 -10.49 -4.32
C LEU A 82 11.68 -10.89 -5.79
N LYS A 83 12.30 -10.12 -6.68
CA LYS A 83 12.40 -10.42 -8.11
C LYS A 83 13.42 -11.53 -8.36
N GLY A 84 14.42 -11.64 -7.49
CA GLY A 84 15.57 -12.53 -7.61
C GLY A 84 16.61 -11.97 -8.57
N SER A 85 16.43 -10.75 -9.07
CA SER A 85 17.25 -10.12 -10.09
C SER A 85 17.43 -8.63 -9.77
N THR A 86 18.24 -7.95 -10.58
CA THR A 86 18.44 -6.52 -10.49
C THR A 86 17.10 -5.82 -10.76
N VAL A 87 16.68 -4.92 -9.86
CA VAL A 87 15.50 -4.09 -10.00
C VAL A 87 15.96 -2.65 -9.82
N GLU A 88 15.63 -1.78 -10.76
CA GLU A 88 15.92 -0.36 -10.59
C GLU A 88 14.72 0.18 -9.81
N LEU A 89 14.79 0.05 -8.48
CA LEU A 89 13.74 0.56 -7.63
C LEU A 89 13.92 2.06 -7.54
N THR A 90 12.99 2.81 -8.11
CA THR A 90 12.97 4.26 -8.09
C THR A 90 11.79 4.66 -7.21
N ILE A 91 11.81 5.86 -6.65
CA ILE A 91 10.69 6.40 -5.89
C ILE A 91 10.41 7.75 -6.56
N VAL A 92 9.14 8.04 -6.85
CA VAL A 92 8.72 9.30 -7.47
C VAL A 92 7.59 9.87 -6.61
N GLU A 93 7.40 11.19 -6.58
CA GLU A 93 6.26 11.78 -5.89
C GLU A 93 5.08 11.75 -6.85
N ASP A 94 3.92 11.27 -6.43
CA ASP A 94 2.70 11.26 -7.22
C ASP A 94 1.51 11.57 -6.34
N ASP A 95 0.83 12.67 -6.64
CA ASP A 95 -0.27 13.21 -5.85
C ASP A 95 -1.52 12.36 -6.03
N ASN A 96 -2.08 12.32 -7.25
CA ASN A 96 -3.31 11.56 -7.55
C ASN A 96 -3.34 11.23 -9.05
N PRO A 97 -2.72 10.12 -9.48
CA PRO A 97 -2.78 9.65 -10.85
C PRO A 97 -4.12 8.94 -11.09
N ALA A 98 -4.22 7.65 -10.79
CA ALA A 98 -5.43 6.83 -10.84
C ALA A 98 -5.25 5.56 -9.99
N VAL A 99 -4.50 5.65 -8.88
CA VAL A 99 -4.14 4.47 -8.08
C VAL A 99 -4.24 4.81 -6.60
N ARG A 100 -4.58 3.80 -5.78
CA ARG A 100 -4.60 3.85 -4.34
C ARG A 100 -3.31 3.16 -3.89
N THR A 101 -2.54 3.79 -3.01
CA THR A 101 -1.36 3.17 -2.42
C THR A 101 -1.85 2.06 -1.47
N PRO A 102 -1.00 1.15 -0.97
CA PRO A 102 -1.41 0.18 0.03
C PRO A 102 -2.07 0.85 1.25
N LEU A 103 -1.61 2.04 1.67
CA LEU A 103 -2.19 2.73 2.82
C LEU A 103 -3.57 3.31 2.49
N GLU A 104 -3.79 3.78 1.27
CA GLU A 104 -5.10 4.23 0.83
C GLU A 104 -6.01 3.02 0.64
N TRP A 105 -5.51 1.91 0.08
CA TRP A 105 -6.26 0.67 -0.03
C TRP A 105 -6.63 0.13 1.35
N ARG A 106 -5.74 0.24 2.35
CA ARG A 106 -6.05 -0.15 3.72
C ARG A 106 -7.28 0.61 4.19
N GLN A 107 -7.32 1.93 3.94
CA GLN A 107 -8.46 2.76 4.25
C GLN A 107 -9.69 2.34 3.42
N ALA A 108 -9.51 2.09 2.13
CA ALA A 108 -10.57 1.81 1.21
C ALA A 108 -11.27 0.50 1.52
N ILE A 109 -10.54 -0.54 1.90
CA ILE A 109 -11.18 -1.79 2.30
C ILE A 109 -11.80 -1.62 3.70
N TYR A 110 -11.18 -0.86 4.60
CA TYR A 110 -11.79 -0.56 5.91
C TYR A 110 -13.15 0.07 5.74
N GLU A 111 -13.25 0.97 4.77
CA GLU A 111 -14.44 1.67 4.38
C GLU A 111 -15.42 0.70 3.71
N GLU A 112 -14.98 -0.11 2.74
CA GLU A 112 -15.83 -1.04 2.00
C GLU A 112 -16.43 -2.10 2.92
N LYS A 113 -15.66 -2.60 3.90
CA LYS A 113 -16.14 -3.61 4.85
C LYS A 113 -17.20 -3.05 5.77
N LEU A 114 -17.27 -1.74 5.94
CA LEU A 114 -18.30 -1.04 6.68
C LEU A 114 -19.46 -0.77 5.72
N ALA A 115 -19.16 -0.34 4.48
CA ALA A 115 -20.16 0.07 3.52
C ALA A 115 -21.08 -1.10 3.14
N GLN A 116 -20.49 -2.29 3.03
CA GLN A 116 -21.24 -3.51 2.67
C GLN A 116 -22.30 -3.83 3.72
N ALA A 117 -22.11 -3.39 4.97
CA ALA A 117 -23.08 -3.64 6.03
C ALA A 117 -24.38 -2.89 5.73
N ARG A 118 -24.30 -1.64 5.24
CA ARG A 118 -25.50 -0.90 4.87
C ARG A 118 -26.08 -1.48 3.59
N GLU A 119 -25.26 -1.89 2.63
CA GLU A 119 -25.71 -2.54 1.41
C GLU A 119 -26.47 -3.83 1.73
N SER A 120 -26.07 -4.55 2.80
CA SER A 120 -26.73 -5.76 3.26
C SER A 120 -28.18 -5.51 3.71
N ILE A 121 -28.54 -4.28 4.07
CA ILE A 121 -29.92 -3.93 4.40
C ILE A 121 -30.79 -4.16 3.17
N ILE A 122 -30.32 -3.78 1.98
CA ILE A 122 -31.02 -4.05 0.72
C ILE A 122 -30.93 -5.54 0.41
N ALA A 123 -29.75 -6.15 0.61
CA ALA A 123 -29.53 -7.56 0.28
C ALA A 123 -30.43 -8.51 1.06
N ASP A 124 -30.98 -8.08 2.19
CA ASP A 124 -31.92 -8.87 2.99
C ASP A 124 -33.30 -8.89 2.37
N ASN A 125 -33.62 -7.95 1.47
CA ASN A 125 -34.88 -7.96 0.72
C ASN A 125 -34.78 -9.01 -0.38
N ASN A 126 -33.64 -9.06 -1.09
CA ASN A 126 -33.25 -10.02 -2.11
C ASN A 126 -31.87 -9.57 -2.61
N ILE A 127 -31.05 -10.54 -2.95
CA ILE A 127 -29.73 -10.40 -3.58
C ILE A 127 -29.42 -11.70 -4.34
N GLN A 128 -29.97 -12.80 -3.86
CA GLN A 128 -29.98 -14.15 -4.38
C GLN A 128 -31.32 -14.73 -3.94
N MET A 1 11.30 -8.01 15.69
CA MET A 1 11.84 -7.00 14.78
C MET A 1 11.42 -5.61 15.26
N LYS A 2 12.39 -4.70 15.36
CA LYS A 2 12.22 -3.32 15.85
C LYS A 2 11.11 -2.60 15.09
N ALA A 3 9.97 -2.37 15.73
CA ALA A 3 8.85 -1.60 15.22
C ALA A 3 8.39 -0.69 16.37
N LEU A 4 7.19 -0.11 16.28
CA LEU A 4 6.64 0.67 17.39
C LEU A 4 5.46 -0.10 17.97
N GLU A 5 4.22 0.21 17.54
CA GLU A 5 2.96 -0.30 18.05
C GLU A 5 2.77 0.08 19.53
N HIS A 6 1.56 0.50 19.87
CA HIS A 6 1.22 1.00 21.19
C HIS A 6 -0.16 0.50 21.58
N GLU A 7 -1.19 0.79 20.78
CA GLU A 7 -2.52 0.24 21.02
C GLU A 7 -3.42 0.35 19.79
N LYS A 8 -2.87 0.29 18.57
CA LYS A 8 -3.67 0.24 17.36
C LYS A 8 -4.27 -1.16 17.31
N THR A 9 -5.07 -1.46 16.30
CA THR A 9 -5.68 -2.76 16.11
C THR A 9 -4.97 -3.56 15.01
N PRO A 10 -3.84 -4.24 15.31
CA PRO A 10 -3.12 -5.01 14.31
C PRO A 10 -3.89 -6.26 13.85
N GLU A 11 -4.95 -6.69 14.54
CA GLU A 11 -5.76 -7.80 14.04
C GLU A 11 -6.73 -7.23 13.02
N LEU A 12 -7.48 -6.20 13.37
CA LEU A 12 -8.44 -5.55 12.49
C LEU A 12 -7.69 -5.16 11.21
N ALA A 13 -6.54 -4.52 11.36
CA ALA A 13 -5.78 -4.00 10.25
C ALA A 13 -5.19 -5.12 9.40
N ALA A 14 -4.82 -6.26 10.00
CA ALA A 14 -4.31 -7.39 9.23
C ALA A 14 -5.45 -8.17 8.56
N LYS A 15 -6.62 -8.22 9.19
CA LYS A 15 -7.84 -8.79 8.62
C LYS A 15 -8.23 -7.99 7.39
N LEU A 16 -8.31 -6.68 7.58
CA LEU A 16 -8.72 -5.73 6.58
C LEU A 16 -7.68 -5.68 5.45
N ALA A 17 -6.39 -5.82 5.79
CA ALA A 17 -5.32 -5.92 4.82
C ALA A 17 -5.41 -7.18 3.98
N ALA A 18 -5.97 -8.29 4.46
CA ALA A 18 -6.00 -9.53 3.68
C ALA A 18 -6.79 -9.32 2.39
N GLU A 19 -7.95 -8.67 2.51
CA GLU A 19 -8.85 -8.38 1.39
C GLU A 19 -8.18 -7.42 0.40
N ALA A 20 -7.29 -6.54 0.89
CA ALA A 20 -6.49 -5.65 0.06
C ALA A 20 -5.39 -6.44 -0.63
N ILE A 21 -4.62 -7.24 0.10
CA ILE A 21 -3.50 -8.06 -0.36
C ILE A 21 -3.96 -9.02 -1.45
N GLU A 22 -5.20 -9.51 -1.38
CA GLU A 22 -5.75 -10.40 -2.39
C GLU A 22 -5.87 -9.64 -3.72
N ARG A 23 -6.22 -8.35 -3.67
CA ARG A 23 -6.45 -7.50 -4.84
C ARG A 23 -5.19 -6.73 -5.25
N ASP A 24 -4.25 -6.53 -4.34
CA ASP A 24 -3.06 -5.72 -4.50
C ASP A 24 -1.81 -6.57 -4.33
N PRO A 25 -1.19 -7.02 -5.42
CA PRO A 25 0.07 -7.74 -5.31
C PRO A 25 1.15 -6.86 -4.69
N TRP A 26 1.07 -5.52 -4.73
CA TRP A 26 2.04 -4.71 -4.03
C TRP A 26 1.85 -4.86 -2.51
N ALA A 27 0.63 -4.76 -1.98
CA ALA A 27 0.39 -4.95 -0.55
C ALA A 27 0.86 -6.32 -0.10
N ALA A 28 0.68 -7.35 -0.94
CA ALA A 28 1.19 -8.68 -0.71
C ALA A 28 2.71 -8.65 -0.65
N GLN A 29 3.35 -8.08 -1.67
CA GLN A 29 4.80 -7.99 -1.81
C GLN A 29 5.39 -7.31 -0.58
N VAL A 30 4.88 -6.14 -0.19
CA VAL A 30 5.31 -5.39 0.99
C VAL A 30 5.24 -6.26 2.23
N SER A 31 4.19 -7.08 2.34
CA SER A 31 3.98 -7.92 3.49
C SER A 31 5.03 -9.05 3.55
N GLN A 32 5.66 -9.41 2.43
CA GLN A 32 6.76 -10.35 2.43
C GLN A 32 8.05 -9.56 2.64
N LEU A 33 8.18 -8.35 2.06
CA LEU A 33 9.38 -7.51 2.13
C LEU A 33 9.76 -7.21 3.58
N SER A 34 8.75 -7.13 4.43
CA SER A 34 8.88 -6.98 5.87
C SER A 34 9.86 -5.86 6.20
N LEU A 35 9.66 -4.68 5.59
CA LEU A 35 10.48 -3.51 5.86
C LEU A 35 10.38 -3.22 7.36
N PRO A 36 11.42 -2.63 7.98
CA PRO A 36 11.48 -2.43 9.42
C PRO A 36 10.32 -1.60 9.95
N LYS A 37 10.35 -0.27 9.81
CA LYS A 37 9.23 0.61 10.16
C LYS A 37 9.31 1.92 9.39
N LEU A 38 10.50 2.51 9.38
CA LEU A 38 10.81 3.71 8.61
C LEU A 38 10.62 3.39 7.14
N VAL A 39 11.35 2.39 6.63
CA VAL A 39 11.30 2.09 5.19
C VAL A 39 9.93 1.49 4.82
N GLU A 40 9.23 0.88 5.78
CA GLU A 40 7.87 0.40 5.56
C GLU A 40 6.99 1.60 5.18
N GLN A 41 7.17 2.75 5.85
CA GLN A 41 6.38 3.94 5.62
C GLN A 41 6.49 4.43 4.18
N VAL A 42 7.63 4.21 3.50
CA VAL A 42 7.80 4.54 2.08
C VAL A 42 6.95 3.58 1.25
N ALA A 43 7.15 2.28 1.42
CA ALA A 43 6.40 1.26 0.68
C ALA A 43 4.89 1.42 0.87
N LEU A 44 4.47 1.85 2.06
CA LEU A 44 3.09 2.13 2.43
C LEU A 44 2.58 3.41 1.79
N ASN A 45 3.37 4.49 1.75
CA ASN A 45 2.89 5.77 1.23
C ASN A 45 3.07 5.88 -0.28
N ALA A 46 3.45 4.79 -0.96
CA ALA A 46 3.64 4.76 -2.39
C ALA A 46 2.87 3.61 -3.00
N TRP A 47 2.46 3.79 -4.24
CA TRP A 47 1.82 2.78 -5.06
C TRP A 47 2.87 2.35 -6.08
N LYS A 48 2.94 1.06 -6.35
CA LYS A 48 3.97 0.48 -7.19
C LYS A 48 3.53 0.44 -8.64
N GLU A 49 4.40 0.91 -9.54
CA GLU A 49 4.23 0.85 -10.97
C GLU A 49 5.33 -0.10 -11.45
N GLU A 50 4.96 -1.31 -11.84
CA GLU A 50 5.92 -2.22 -12.44
C GLU A 50 6.06 -1.81 -13.90
N SER A 51 7.28 -1.52 -14.34
CA SER A 51 7.65 -1.11 -15.68
C SER A 51 8.30 -2.31 -16.37
N ASP A 52 8.69 -2.16 -17.63
CA ASP A 52 9.23 -3.22 -18.49
C ASP A 52 10.23 -4.12 -17.78
N ASN A 53 11.19 -3.55 -17.04
CA ASN A 53 12.12 -4.33 -16.22
C ASN A 53 12.51 -3.53 -14.96
N ALA A 54 11.64 -2.64 -14.48
CA ALA A 54 11.91 -1.75 -13.36
C ALA A 54 10.66 -1.65 -12.52
N VAL A 55 10.76 -1.09 -11.32
CA VAL A 55 9.62 -1.02 -10.42
C VAL A 55 9.65 0.36 -9.75
N CYS A 56 8.84 1.31 -10.22
CA CYS A 56 8.80 2.68 -9.71
C CYS A 56 7.72 2.82 -8.63
N LEU A 57 8.11 3.20 -7.42
CA LEU A 57 7.17 3.51 -6.34
C LEU A 57 6.78 4.96 -6.41
N HIS A 58 5.56 5.24 -6.86
CA HIS A 58 4.97 6.57 -6.89
C HIS A 58 4.53 6.92 -5.46
N LEU A 59 5.29 7.74 -4.74
CA LEU A 59 5.01 8.11 -3.35
C LEU A 59 4.09 9.31 -3.32
N ARG A 60 3.04 9.28 -2.49
CA ARG A 60 2.21 10.46 -2.32
C ARG A 60 3.05 11.50 -1.63
N SER A 61 3.05 12.71 -2.18
CA SER A 61 3.80 13.82 -1.66
C SER A 61 3.35 14.16 -0.23
N SER A 62 2.20 13.67 0.22
CA SER A 62 1.68 13.80 1.58
C SER A 62 2.73 13.34 2.61
N GLN A 63 3.55 12.35 2.23
CA GLN A 63 4.69 11.84 2.99
C GLN A 63 6.05 12.05 2.31
N ARG A 64 6.20 13.03 1.41
CA ARG A 64 7.48 13.31 0.77
C ARG A 64 8.57 13.65 1.79
N HIS A 65 8.22 14.10 2.99
CA HIS A 65 9.19 14.32 4.07
C HIS A 65 9.90 13.04 4.56
N LEU A 66 9.57 11.87 4.01
CA LEU A 66 10.25 10.59 4.27
C LEU A 66 10.99 10.09 3.02
N ASN A 67 10.81 10.75 1.87
CA ASN A 67 11.35 10.32 0.59
C ASN A 67 12.86 10.56 0.59
N ASN A 68 13.67 9.55 0.95
CA ASN A 68 15.12 9.68 0.92
C ASN A 68 15.78 8.50 0.20
N ARG A 69 16.99 8.72 -0.31
CA ARG A 69 17.71 7.75 -1.14
C ARG A 69 18.14 6.53 -0.32
N GLY A 70 18.45 6.69 0.96
CA GLY A 70 18.74 5.58 1.84
C GLY A 70 17.49 4.71 2.05
N ALA A 71 16.28 5.30 2.12
CA ALA A 71 15.07 4.50 2.19
C ALA A 71 14.94 3.67 0.92
N GLN A 72 15.08 4.30 -0.25
CA GLN A 72 15.09 3.62 -1.54
C GLN A 72 16.09 2.46 -1.54
N GLN A 73 17.30 2.66 -1.03
CA GLN A 73 18.38 1.69 -1.08
C GLN A 73 17.96 0.40 -0.40
N LYS A 74 17.46 0.50 0.82
CA LYS A 74 17.06 -0.69 1.56
C LYS A 74 15.78 -1.28 0.98
N LEU A 75 14.86 -0.44 0.49
CA LEU A 75 13.66 -0.92 -0.19
C LEU A 75 14.08 -1.68 -1.47
N ALA A 76 15.18 -1.29 -2.13
CA ALA A 76 15.62 -1.84 -3.40
C ALA A 76 16.21 -3.21 -3.21
N GLU A 77 17.03 -3.38 -2.18
CA GLU A 77 17.57 -4.67 -1.80
C GLU A 77 16.42 -5.64 -1.51
N ALA A 78 15.36 -5.17 -0.85
CA ALA A 78 14.19 -5.96 -0.54
C ALA A 78 13.45 -6.35 -1.83
N LEU A 79 13.16 -5.39 -2.73
CA LEU A 79 12.51 -5.69 -4.01
C LEU A 79 13.35 -6.62 -4.87
N SER A 80 14.67 -6.42 -4.88
CA SER A 80 15.62 -7.27 -5.60
C SER A 80 15.52 -8.70 -5.08
N MET A 81 15.46 -8.85 -3.76
CA MET A 81 15.37 -10.14 -3.10
C MET A 81 14.05 -10.80 -3.46
N LEU A 82 12.96 -10.06 -3.30
CA LEU A 82 11.60 -10.53 -3.52
C LEU A 82 11.45 -11.04 -4.93
N LYS A 83 11.87 -10.24 -5.92
CA LYS A 83 11.69 -10.62 -7.31
C LYS A 83 12.64 -11.75 -7.70
N GLY A 84 13.73 -11.97 -6.96
CA GLY A 84 14.74 -12.95 -7.32
C GLY A 84 15.42 -12.58 -8.63
N SER A 85 15.40 -11.29 -9.00
CA SER A 85 16.09 -10.72 -10.14
C SER A 85 16.63 -9.35 -9.73
N THR A 86 17.35 -8.70 -10.61
CA THR A 86 17.80 -7.34 -10.41
C THR A 86 16.55 -6.46 -10.67
N VAL A 87 16.39 -5.39 -9.90
CA VAL A 87 15.20 -4.54 -9.94
C VAL A 87 15.64 -3.09 -9.83
N GLU A 88 15.27 -2.27 -10.80
CA GLU A 88 15.51 -0.83 -10.74
C GLU A 88 14.36 -0.25 -9.94
N LEU A 89 14.52 -0.27 -8.61
CA LEU A 89 13.57 0.37 -7.72
C LEU A 89 13.87 1.85 -7.74
N THR A 90 12.95 2.64 -8.29
CA THR A 90 13.00 4.09 -8.30
C THR A 90 11.86 4.56 -7.39
N ILE A 91 11.99 5.73 -6.79
CA ILE A 91 10.92 6.36 -6.01
C ILE A 91 10.55 7.59 -6.83
N VAL A 92 9.36 7.60 -7.41
CA VAL A 92 8.83 8.76 -8.11
C VAL A 92 7.81 9.36 -7.12
N GLU A 93 7.28 10.56 -7.37
CA GLU A 93 6.41 11.22 -6.40
C GLU A 93 5.17 11.71 -7.11
N ASP A 94 4.02 11.09 -6.81
CA ASP A 94 2.72 11.44 -7.38
C ASP A 94 1.80 11.80 -6.24
N ASP A 95 1.59 13.10 -6.04
CA ASP A 95 0.64 13.62 -5.08
C ASP A 95 -0.80 13.21 -5.40
N ASN A 96 -1.14 13.00 -6.66
CA ASN A 96 -2.52 12.71 -7.04
C ASN A 96 -2.86 11.26 -6.67
N PRO A 97 -3.95 11.00 -5.94
CA PRO A 97 -4.39 9.64 -5.65
C PRO A 97 -5.05 9.01 -6.88
N ALA A 98 -4.24 8.67 -7.89
CA ALA A 98 -4.66 7.95 -9.11
C ALA A 98 -4.76 6.45 -8.89
N VAL A 99 -4.15 5.97 -7.81
CA VAL A 99 -3.97 4.58 -7.46
C VAL A 99 -4.00 4.49 -5.93
N ARG A 100 -4.47 3.37 -5.39
CA ARG A 100 -4.42 3.12 -3.95
C ARG A 100 -3.06 2.51 -3.64
N THR A 101 -2.35 3.09 -2.67
CA THR A 101 -1.10 2.54 -2.14
C THR A 101 -1.51 1.33 -1.28
N PRO A 102 -0.60 0.50 -0.75
CA PRO A 102 -1.01 -0.63 0.08
C PRO A 102 -1.53 -0.15 1.45
N LEU A 103 -1.24 1.10 1.83
CA LEU A 103 -1.78 1.74 3.03
C LEU A 103 -3.20 2.18 2.72
N GLU A 104 -3.37 3.00 1.68
CA GLU A 104 -4.65 3.58 1.30
C GLU A 104 -5.63 2.44 0.95
N TRP A 105 -5.16 1.34 0.34
CA TRP A 105 -5.97 0.17 0.04
C TRP A 105 -6.66 -0.35 1.29
N ARG A 106 -5.92 -0.60 2.39
CA ARG A 106 -6.53 -1.10 3.62
C ARG A 106 -7.69 -0.20 4.04
N GLN A 107 -7.50 1.12 3.98
CA GLN A 107 -8.54 2.07 4.30
C GLN A 107 -9.70 1.96 3.31
N ALA A 108 -9.43 1.84 2.00
CA ALA A 108 -10.46 1.74 0.97
C ALA A 108 -11.25 0.45 1.10
N ILE A 109 -10.64 -0.66 1.55
CA ILE A 109 -11.37 -1.90 1.81
C ILE A 109 -12.37 -1.65 2.93
N TYR A 110 -12.06 -0.83 3.93
CA TYR A 110 -13.02 -0.62 5.01
C TYR A 110 -14.27 0.02 4.44
N GLU A 111 -14.08 1.01 3.57
CA GLU A 111 -15.14 1.72 2.89
C GLU A 111 -15.89 0.78 1.94
N GLU A 112 -15.19 -0.05 1.16
CA GLU A 112 -15.78 -0.99 0.21
C GLU A 112 -16.61 -2.05 0.93
N LYS A 113 -16.14 -2.56 2.06
CA LYS A 113 -16.80 -3.57 2.87
C LYS A 113 -18.05 -2.99 3.52
N LEU A 114 -17.96 -1.76 4.02
CA LEU A 114 -19.07 -1.04 4.60
C LEU A 114 -20.10 -0.75 3.52
N ALA A 115 -19.63 -0.35 2.33
CA ALA A 115 -20.49 -0.17 1.18
C ALA A 115 -21.11 -1.52 0.81
N GLN A 116 -20.38 -2.64 0.94
CA GLN A 116 -20.86 -3.98 0.56
C GLN A 116 -22.03 -4.40 1.44
N ALA A 117 -22.19 -3.82 2.63
CA ALA A 117 -23.36 -4.11 3.44
C ALA A 117 -24.62 -3.60 2.73
N ARG A 118 -24.58 -2.38 2.19
CA ARG A 118 -25.66 -1.79 1.40
C ARG A 118 -25.71 -2.41 0.00
N GLU A 119 -24.56 -2.48 -0.65
CA GLU A 119 -24.40 -2.98 -2.01
C GLU A 119 -24.78 -4.46 -2.08
N SER A 120 -24.83 -5.20 -0.97
CA SER A 120 -25.32 -6.57 -1.00
C SER A 120 -26.74 -6.57 -1.57
N ILE A 121 -27.58 -5.60 -1.17
CA ILE A 121 -28.94 -5.45 -1.66
C ILE A 121 -28.92 -5.05 -3.15
N ILE A 122 -27.92 -4.27 -3.55
CA ILE A 122 -27.76 -3.76 -4.91
C ILE A 122 -27.40 -4.93 -5.83
N ALA A 123 -26.32 -5.64 -5.51
CA ALA A 123 -25.80 -6.77 -6.25
C ALA A 123 -26.82 -7.90 -6.30
N ASP A 124 -27.58 -8.12 -5.21
CA ASP A 124 -28.69 -9.07 -5.14
C ASP A 124 -29.71 -8.80 -6.23
N ASN A 125 -29.90 -7.51 -6.58
CA ASN A 125 -30.76 -6.98 -7.63
C ASN A 125 -32.20 -7.45 -7.48
N ASN A 126 -32.54 -8.64 -8.00
CA ASN A 126 -33.84 -9.27 -7.86
C ASN A 126 -33.64 -10.72 -7.41
N ILE A 127 -33.69 -10.95 -6.10
CA ILE A 127 -33.58 -12.29 -5.50
C ILE A 127 -34.85 -13.12 -5.75
N GLN A 128 -35.98 -12.46 -5.99
CA GLN A 128 -37.31 -13.04 -6.14
C GLN A 128 -37.56 -14.00 -4.98
N MET A 1 8.73 3.56 22.65
CA MET A 1 8.97 2.39 21.80
C MET A 1 7.98 2.44 20.65
N LYS A 2 6.79 1.86 20.77
CA LYS A 2 5.66 2.11 19.88
C LYS A 2 4.39 1.87 20.67
N ALA A 3 3.53 2.88 20.77
CA ALA A 3 2.28 2.80 21.52
C ALA A 3 1.36 3.98 21.18
N LEU A 4 0.48 3.83 20.19
CA LEU A 4 -0.53 4.82 19.86
C LEU A 4 -1.76 4.09 19.29
N GLU A 5 -2.23 3.16 20.10
CA GLU A 5 -3.34 2.29 19.81
C GLU A 5 -3.96 1.88 21.15
N HIS A 6 -5.08 2.53 21.50
CA HIS A 6 -5.90 2.20 22.66
C HIS A 6 -7.39 2.51 22.40
N GLU A 7 -7.72 3.06 21.23
CA GLU A 7 -9.08 3.30 20.78
C GLU A 7 -9.28 2.57 19.44
N LYS A 8 -8.35 2.74 18.48
CA LYS A 8 -8.39 1.99 17.23
C LYS A 8 -8.13 0.53 17.55
N THR A 9 -8.56 -0.31 16.63
CA THR A 9 -8.39 -1.75 16.68
C THR A 9 -7.21 -2.16 15.79
N PRO A 10 -5.99 -2.28 16.30
CA PRO A 10 -4.85 -2.66 15.46
C PRO A 10 -4.94 -4.12 15.00
N GLU A 11 -5.67 -4.98 15.71
CA GLU A 11 -5.76 -6.40 15.36
C GLU A 11 -6.64 -6.52 14.11
N LEU A 12 -7.81 -5.88 14.15
CA LEU A 12 -8.73 -5.84 13.04
C LEU A 12 -8.03 -5.15 11.87
N ALA A 13 -7.34 -4.03 12.11
CA ALA A 13 -6.67 -3.30 11.05
C ALA A 13 -5.61 -4.16 10.35
N ALA A 14 -5.04 -5.13 11.06
CA ALA A 14 -4.12 -6.08 10.47
C ALA A 14 -4.86 -7.26 9.82
N LYS A 15 -6.09 -7.59 10.20
CA LYS A 15 -6.86 -8.61 9.48
C LYS A 15 -7.33 -8.02 8.17
N LEU A 16 -7.75 -6.76 8.22
CA LEU A 16 -8.16 -5.92 7.11
C LEU A 16 -6.99 -5.80 6.12
N ALA A 17 -5.74 -5.85 6.61
CA ALA A 17 -4.55 -5.83 5.77
C ALA A 17 -4.51 -7.03 4.83
N ALA A 18 -4.89 -8.22 5.31
CA ALA A 18 -4.86 -9.44 4.52
C ALA A 18 -5.80 -9.32 3.32
N GLU A 19 -6.96 -8.68 3.48
CA GLU A 19 -7.92 -8.52 2.40
C GLU A 19 -7.46 -7.47 1.40
N ALA A 20 -6.82 -6.38 1.86
CA ALA A 20 -6.22 -5.40 0.97
C ALA A 20 -5.09 -6.03 0.16
N ILE A 21 -4.28 -6.87 0.81
CA ILE A 21 -3.22 -7.65 0.18
C ILE A 21 -3.82 -8.60 -0.85
N GLU A 22 -4.94 -9.26 -0.53
CA GLU A 22 -5.57 -10.20 -1.43
C GLU A 22 -6.07 -9.47 -2.69
N ARG A 23 -6.16 -8.13 -2.66
CA ARG A 23 -6.60 -7.29 -3.76
C ARG A 23 -5.45 -6.53 -4.42
N ASP A 24 -4.26 -6.47 -3.84
CA ASP A 24 -3.14 -5.67 -4.33
C ASP A 24 -1.85 -6.48 -4.32
N PRO A 25 -1.34 -6.93 -5.49
CA PRO A 25 -0.08 -7.65 -5.52
C PRO A 25 1.10 -6.82 -4.99
N TRP A 26 1.05 -5.48 -5.03
CA TRP A 26 2.11 -4.69 -4.41
C TRP A 26 2.01 -4.76 -2.88
N ALA A 27 0.81 -4.73 -2.31
CA ALA A 27 0.67 -4.92 -0.87
C ALA A 27 1.12 -6.35 -0.50
N ALA A 28 0.82 -7.34 -1.34
CA ALA A 28 1.28 -8.72 -1.13
C ALA A 28 2.81 -8.74 -1.13
N GLN A 29 3.42 -8.02 -2.07
CA GLN A 29 4.87 -7.84 -2.11
C GLN A 29 5.34 -7.20 -0.81
N VAL A 30 4.69 -6.14 -0.30
CA VAL A 30 5.10 -5.45 0.93
C VAL A 30 5.16 -6.45 2.09
N SER A 31 4.20 -7.37 2.15
CA SER A 31 4.13 -8.36 3.20
C SER A 31 5.31 -9.32 3.15
N GLN A 32 5.85 -9.58 1.96
CA GLN A 32 7.03 -10.40 1.78
C GLN A 32 8.28 -9.55 2.03
N LEU A 33 8.29 -8.28 1.62
CA LEU A 33 9.46 -7.40 1.70
C LEU A 33 9.87 -7.13 3.14
N SER A 34 8.96 -7.37 4.08
CA SER A 34 9.19 -7.30 5.51
C SER A 34 9.88 -6.00 5.93
N LEU A 35 9.42 -4.86 5.38
CA LEU A 35 10.07 -3.57 5.60
C LEU A 35 10.11 -3.26 7.11
N PRO A 36 11.23 -2.69 7.63
CA PRO A 36 11.38 -2.39 9.06
C PRO A 36 10.27 -1.49 9.58
N LYS A 37 10.27 -0.16 9.35
CA LYS A 37 9.11 0.66 9.75
C LYS A 37 9.01 1.95 8.96
N LEU A 38 10.04 2.79 8.95
CA LEU A 38 10.05 3.98 8.10
C LEU A 38 9.91 3.52 6.65
N VAL A 39 10.67 2.50 6.26
CA VAL A 39 10.60 1.95 4.90
C VAL A 39 9.23 1.30 4.67
N GLU A 40 8.58 0.81 5.73
CA GLU A 40 7.22 0.29 5.60
C GLU A 40 6.30 1.48 5.30
N GLN A 41 6.40 2.59 6.03
CA GLN A 41 5.61 3.79 5.78
C GLN A 41 5.83 4.31 4.35
N VAL A 42 7.04 4.18 3.79
CA VAL A 42 7.35 4.54 2.41
C VAL A 42 6.68 3.59 1.42
N ALA A 43 6.87 2.27 1.57
CA ALA A 43 6.26 1.30 0.69
C ALA A 43 4.74 1.31 0.79
N LEU A 44 4.22 1.69 1.97
CA LEU A 44 2.81 1.86 2.28
C LEU A 44 2.25 3.08 1.57
N ASN A 45 2.92 4.24 1.68
CA ASN A 45 2.40 5.50 1.15
C ASN A 45 2.64 5.66 -0.36
N ALA A 46 3.07 4.61 -1.05
CA ALA A 46 3.35 4.63 -2.47
C ALA A 46 2.75 3.41 -3.16
N TRP A 47 2.35 3.58 -4.42
CA TRP A 47 1.87 2.48 -5.25
C TRP A 47 2.95 2.16 -6.28
N LYS A 48 2.99 0.92 -6.72
CA LYS A 48 4.04 0.42 -7.59
C LYS A 48 3.65 0.42 -9.06
N GLU A 49 4.50 1.04 -9.87
CA GLU A 49 4.46 1.06 -11.32
C GLU A 49 5.61 0.11 -11.65
N GLU A 50 5.37 -0.93 -12.44
CA GLU A 50 6.43 -1.82 -12.89
C GLU A 50 6.53 -1.73 -14.40
N SER A 51 7.68 -1.24 -14.86
CA SER A 51 8.07 -1.18 -16.26
C SER A 51 8.63 -2.56 -16.61
N ASP A 52 9.03 -2.76 -17.86
CA ASP A 52 9.48 -4.06 -18.38
C ASP A 52 10.53 -4.71 -17.49
N ASN A 53 11.45 -3.94 -16.90
CA ASN A 53 12.45 -4.48 -15.97
C ASN A 53 12.80 -3.50 -14.83
N ALA A 54 11.93 -2.53 -14.51
CA ALA A 54 12.19 -1.55 -13.46
C ALA A 54 10.92 -1.30 -12.68
N VAL A 55 11.01 -0.60 -11.54
CA VAL A 55 9.89 -0.34 -10.66
C VAL A 55 10.02 1.09 -10.14
N CYS A 56 8.97 1.89 -10.32
CA CYS A 56 8.88 3.24 -9.78
C CYS A 56 7.77 3.24 -8.73
N LEU A 57 8.13 3.45 -7.47
CA LEU A 57 7.15 3.60 -6.39
C LEU A 57 6.64 5.04 -6.39
N HIS A 58 5.41 5.24 -6.85
CA HIS A 58 4.71 6.52 -6.85
C HIS A 58 4.26 6.82 -5.42
N LEU A 59 5.05 7.59 -4.67
CA LEU A 59 4.78 8.03 -3.30
C LEU A 59 3.98 9.32 -3.38
N ARG A 60 3.07 9.56 -2.43
CA ARG A 60 2.37 10.85 -2.40
C ARG A 60 3.38 11.97 -2.17
N SER A 61 3.29 13.07 -2.92
CA SER A 61 4.11 14.24 -2.68
C SER A 61 3.92 14.75 -1.24
N SER A 62 2.72 14.59 -0.68
CA SER A 62 2.40 14.94 0.70
C SER A 62 3.14 14.06 1.71
N GLN A 63 3.78 12.99 1.26
CA GLN A 63 4.52 12.02 2.07
C GLN A 63 6.01 12.03 1.74
N ARG A 64 6.50 13.03 0.98
CA ARG A 64 7.90 13.09 0.57
C ARG A 64 8.84 13.10 1.77
N HIS A 65 8.42 13.61 2.94
CA HIS A 65 9.29 13.62 4.11
C HIS A 65 9.75 12.22 4.52
N LEU A 66 9.04 11.15 4.13
CA LEU A 66 9.43 9.78 4.48
C LEU A 66 10.36 9.19 3.42
N ASN A 67 10.26 9.61 2.16
CA ASN A 67 11.07 9.06 1.07
C ASN A 67 12.50 9.56 1.18
N ASN A 68 13.41 8.66 1.52
CA ASN A 68 14.85 8.86 1.56
C ASN A 68 15.59 7.73 0.87
N ARG A 69 16.85 7.95 0.48
CA ARG A 69 17.65 6.93 -0.19
C ARG A 69 17.95 5.75 0.73
N GLY A 70 18.10 5.95 2.04
CA GLY A 70 18.25 4.84 2.97
C GLY A 70 17.04 3.92 2.87
N ALA A 71 15.83 4.49 2.83
CA ALA A 71 14.62 3.72 2.62
C ALA A 71 14.65 3.06 1.24
N GLN A 72 14.97 3.80 0.18
CA GLN A 72 15.06 3.29 -1.19
C GLN A 72 15.98 2.07 -1.25
N GLN A 73 17.13 2.10 -0.59
CA GLN A 73 18.10 1.02 -0.58
C GLN A 73 17.51 -0.22 0.06
N LYS A 74 16.89 -0.06 1.23
CA LYS A 74 16.24 -1.19 1.89
C LYS A 74 15.15 -1.75 0.97
N LEU A 75 14.33 -0.89 0.40
CA LEU A 75 13.27 -1.26 -0.52
C LEU A 75 13.85 -1.98 -1.74
N ALA A 76 15.00 -1.53 -2.25
CA ALA A 76 15.64 -2.00 -3.47
C ALA A 76 16.21 -3.39 -3.27
N GLU A 77 16.92 -3.61 -2.17
CA GLU A 77 17.44 -4.91 -1.77
C GLU A 77 16.27 -5.89 -1.62
N ALA A 78 15.16 -5.42 -1.07
CA ALA A 78 13.98 -6.23 -0.83
C ALA A 78 13.31 -6.60 -2.16
N LEU A 79 13.04 -5.63 -3.03
CA LEU A 79 12.44 -5.85 -4.34
C LEU A 79 13.35 -6.70 -5.22
N SER A 80 14.66 -6.48 -5.15
CA SER A 80 15.65 -7.25 -5.89
C SER A 80 15.59 -8.72 -5.47
N MET A 81 15.48 -8.99 -4.18
CA MET A 81 15.40 -10.36 -3.67
C MET A 81 14.04 -10.97 -4.03
N LEU A 82 12.97 -10.19 -3.93
CA LEU A 82 11.60 -10.60 -4.23
C LEU A 82 11.48 -10.99 -5.70
N LYS A 83 11.87 -10.11 -6.61
CA LYS A 83 11.89 -10.38 -8.04
C LYS A 83 12.92 -11.49 -8.34
N GLY A 84 13.96 -11.61 -7.53
CA GLY A 84 15.04 -12.56 -7.70
C GLY A 84 16.09 -12.10 -8.71
N SER A 85 15.96 -10.88 -9.24
CA SER A 85 16.93 -10.24 -10.12
C SER A 85 16.98 -8.76 -9.73
N THR A 86 18.06 -8.06 -10.07
CA THR A 86 18.28 -6.68 -9.67
C THR A 86 17.26 -5.76 -10.34
N VAL A 87 16.28 -5.31 -9.58
CA VAL A 87 15.26 -4.35 -10.00
C VAL A 87 15.90 -2.97 -10.01
N GLU A 88 15.42 -2.10 -10.89
CA GLU A 88 15.80 -0.70 -10.96
C GLU A 88 14.68 0.00 -10.21
N LEU A 89 14.85 0.19 -8.90
CA LEU A 89 13.80 0.72 -8.04
C LEU A 89 14.05 2.20 -7.79
N THR A 90 13.07 3.04 -8.12
CA THR A 90 13.07 4.46 -7.84
C THR A 90 11.79 4.74 -7.07
N ILE A 91 11.74 5.90 -6.43
CA ILE A 91 10.57 6.41 -5.75
C ILE A 91 10.36 7.75 -6.47
N VAL A 92 9.18 7.94 -7.05
CA VAL A 92 8.76 9.19 -7.66
C VAL A 92 7.71 9.78 -6.75
N GLU A 93 7.62 11.10 -6.66
CA GLU A 93 6.61 11.75 -5.85
C GLU A 93 5.51 12.14 -6.83
N ASP A 94 4.32 11.58 -6.64
CA ASP A 94 3.16 11.69 -7.49
C ASP A 94 2.00 12.08 -6.58
N ASP A 95 1.69 13.37 -6.58
CA ASP A 95 0.72 13.99 -5.69
C ASP A 95 -0.70 13.44 -5.88
N ASN A 96 -1.23 13.55 -7.10
CA ASN A 96 -2.56 13.11 -7.48
C ASN A 96 -2.79 11.65 -7.04
N PRO A 97 -3.90 11.32 -6.35
CA PRO A 97 -4.20 9.97 -5.89
C PRO A 97 -4.69 9.05 -7.03
N ALA A 98 -3.83 8.81 -8.01
CA ALA A 98 -4.12 8.08 -9.24
C ALA A 98 -4.56 6.64 -9.03
N VAL A 99 -3.92 6.02 -8.05
CA VAL A 99 -4.03 4.61 -7.71
C VAL A 99 -4.09 4.50 -6.19
N ARG A 100 -4.75 3.47 -5.70
CA ARG A 100 -4.82 3.16 -4.28
C ARG A 100 -3.44 2.67 -3.84
N THR A 101 -2.80 3.38 -2.92
CA THR A 101 -1.55 2.90 -2.35
C THR A 101 -1.89 1.66 -1.52
N PRO A 102 -0.95 0.78 -1.14
CA PRO A 102 -1.27 -0.35 -0.29
C PRO A 102 -1.77 0.11 1.10
N LEU A 103 -1.45 1.34 1.52
CA LEU A 103 -1.99 1.92 2.74
C LEU A 103 -3.46 2.22 2.47
N GLU A 104 -3.74 3.08 1.48
CA GLU A 104 -5.10 3.54 1.23
C GLU A 104 -5.99 2.42 0.66
N TRP A 105 -5.42 1.33 0.14
CA TRP A 105 -6.17 0.15 -0.29
C TRP A 105 -6.82 -0.44 0.95
N ARG A 106 -6.11 -0.50 2.08
CA ARG A 106 -6.67 -0.98 3.34
C ARG A 106 -7.78 -0.07 3.83
N GLN A 107 -7.73 1.21 3.49
CA GLN A 107 -8.80 2.13 3.80
C GLN A 107 -10.00 1.86 2.86
N ALA A 108 -9.75 1.59 1.58
CA ALA A 108 -10.79 1.22 0.63
C ALA A 108 -11.45 -0.09 1.04
N ILE A 109 -10.69 -1.13 1.36
CA ILE A 109 -11.21 -2.44 1.81
C ILE A 109 -12.06 -2.29 3.08
N TYR A 110 -11.85 -1.25 3.89
CA TYR A 110 -12.70 -0.97 5.04
C TYR A 110 -14.01 -0.35 4.59
N GLU A 111 -13.92 0.70 3.77
CA GLU A 111 -15.09 1.41 3.26
C GLU A 111 -15.88 0.54 2.29
N GLU A 112 -15.30 -0.49 1.68
CA GLU A 112 -16.01 -1.44 0.84
C GLU A 112 -17.14 -2.10 1.65
N LYS A 113 -16.94 -2.33 2.95
CA LYS A 113 -17.97 -2.88 3.82
C LYS A 113 -19.14 -1.91 4.05
N LEU A 114 -18.90 -0.60 3.90
CA LEU A 114 -19.89 0.45 3.95
C LEU A 114 -20.49 0.63 2.55
N ALA A 115 -19.66 0.54 1.51
CA ALA A 115 -20.03 0.78 0.14
C ALA A 115 -20.97 -0.30 -0.35
N GLN A 116 -20.75 -1.57 0.03
CA GLN A 116 -21.57 -2.70 -0.38
C GLN A 116 -23.03 -2.44 -0.04
N ALA A 117 -23.27 -1.75 1.08
CA ALA A 117 -24.59 -1.47 1.60
C ALA A 117 -25.36 -0.61 0.61
N ARG A 118 -24.77 0.49 0.15
CA ARG A 118 -25.40 1.36 -0.83
C ARG A 118 -25.38 0.69 -2.21
N GLU A 119 -24.27 0.06 -2.58
CA GLU A 119 -24.07 -0.60 -3.85
C GLU A 119 -25.09 -1.73 -4.04
N SER A 120 -25.62 -2.30 -2.96
CA SER A 120 -26.69 -3.31 -2.97
C SER A 120 -27.86 -2.84 -3.84
N ILE A 121 -28.22 -1.54 -3.74
CA ILE A 121 -29.36 -0.98 -4.47
C ILE A 121 -29.08 -0.96 -5.98
N ILE A 122 -27.81 -0.90 -6.38
CA ILE A 122 -27.36 -0.95 -7.77
C ILE A 122 -27.28 -2.43 -8.16
N ALA A 123 -26.56 -3.25 -7.40
CA ALA A 123 -26.36 -4.69 -7.63
C ALA A 123 -27.67 -5.42 -7.88
N ASP A 124 -28.70 -5.07 -7.11
CA ASP A 124 -30.00 -5.75 -7.16
C ASP A 124 -30.73 -5.52 -8.48
N ASN A 125 -30.35 -4.50 -9.28
CA ASN A 125 -30.85 -4.13 -10.61
C ASN A 125 -32.31 -4.58 -10.84
N ASN A 126 -33.27 -3.80 -10.35
CA ASN A 126 -34.70 -4.04 -10.55
C ASN A 126 -35.05 -4.14 -12.04
N ILE A 127 -34.39 -3.36 -12.89
CA ILE A 127 -34.49 -3.38 -14.34
C ILE A 127 -33.06 -3.54 -14.87
N GLN A 128 -32.18 -2.61 -14.49
CA GLN A 128 -30.74 -2.44 -14.69
C GLN A 128 -30.52 -0.96 -14.97
N MET A 1 1.78 -1.78 29.41
CA MET A 1 1.50 -0.91 30.55
C MET A 1 1.83 0.55 30.20
N LYS A 2 3.04 0.88 29.73
CA LYS A 2 3.26 2.12 28.98
C LYS A 2 2.37 2.02 27.74
N ALA A 3 2.72 1.11 26.82
CA ALA A 3 1.89 0.82 25.67
C ALA A 3 0.60 0.22 26.25
N LEU A 4 -0.54 0.84 25.99
CA LEU A 4 -1.83 0.49 26.55
C LEU A 4 -2.82 1.01 25.53
N GLU A 5 -3.42 0.12 24.74
CA GLU A 5 -4.46 0.42 23.77
C GLU A 5 -3.99 1.52 22.81
N HIS A 6 -2.91 1.17 22.13
CA HIS A 6 -2.19 2.01 21.18
C HIS A 6 -2.34 1.52 19.73
N GLU A 7 -3.07 0.43 19.51
CA GLU A 7 -3.18 -0.20 18.20
C GLU A 7 -4.59 -0.75 17.96
N LYS A 8 -5.61 -0.20 18.64
CA LYS A 8 -7.02 -0.60 18.70
C LYS A 8 -7.41 -1.71 17.71
N THR A 9 -7.66 -2.89 18.27
CA THR A 9 -7.93 -4.14 17.62
C THR A 9 -7.00 -4.38 16.42
N PRO A 10 -5.71 -4.67 16.65
CA PRO A 10 -4.80 -4.95 15.56
C PRO A 10 -5.18 -6.24 14.85
N GLU A 11 -6.03 -7.10 15.42
CA GLU A 11 -6.51 -8.28 14.72
C GLU A 11 -7.33 -7.83 13.53
N LEU A 12 -8.39 -7.01 13.75
CA LEU A 12 -9.22 -6.58 12.64
C LEU A 12 -8.46 -5.63 11.75
N ALA A 13 -7.59 -4.77 12.29
CA ALA A 13 -6.81 -3.86 11.48
C ALA A 13 -5.83 -4.61 10.57
N ALA A 14 -5.39 -5.80 10.98
CA ALA A 14 -4.56 -6.69 10.18
C ALA A 14 -5.43 -7.56 9.25
N LYS A 15 -6.67 -7.88 9.62
CA LYS A 15 -7.61 -8.59 8.74
C LYS A 15 -7.99 -7.63 7.61
N LEU A 16 -8.17 -6.36 7.92
CA LEU A 16 -8.41 -5.29 6.98
C LEU A 16 -7.19 -5.17 6.06
N ALA A 17 -5.98 -5.24 6.63
CA ALA A 17 -4.76 -5.29 5.85
C ALA A 17 -4.75 -6.51 4.92
N ALA A 18 -5.21 -7.67 5.40
CA ALA A 18 -5.28 -8.92 4.65
C ALA A 18 -6.28 -8.83 3.50
N GLU A 19 -7.37 -8.08 3.65
CA GLU A 19 -8.32 -7.82 2.56
C GLU A 19 -7.68 -6.93 1.51
N ALA A 20 -7.00 -5.87 1.95
CA ALA A 20 -6.25 -4.99 1.06
C ALA A 20 -5.14 -5.74 0.35
N ILE A 21 -4.54 -6.75 0.97
CA ILE A 21 -3.54 -7.62 0.38
C ILE A 21 -4.19 -8.59 -0.60
N GLU A 22 -5.38 -9.11 -0.27
CA GLU A 22 -6.06 -10.05 -1.13
C GLU A 22 -6.43 -9.34 -2.44
N ARG A 23 -6.77 -8.05 -2.37
CA ARG A 23 -7.01 -7.19 -3.50
C ARG A 23 -5.72 -6.74 -4.18
N ASP A 24 -4.79 -6.15 -3.43
CA ASP A 24 -3.57 -5.55 -3.95
C ASP A 24 -2.35 -6.47 -3.93
N PRO A 25 -1.88 -6.95 -5.10
CA PRO A 25 -0.65 -7.73 -5.14
C PRO A 25 0.57 -6.92 -4.68
N TRP A 26 0.61 -5.58 -4.78
CA TRP A 26 1.74 -4.86 -4.21
C TRP A 26 1.67 -4.91 -2.69
N ALA A 27 0.53 -4.68 -2.03
CA ALA A 27 0.41 -4.84 -0.58
C ALA A 27 0.85 -6.24 -0.15
N ALA A 28 0.50 -7.27 -0.92
CA ALA A 28 0.94 -8.63 -0.68
C ALA A 28 2.46 -8.74 -0.81
N GLN A 29 3.03 -8.11 -1.83
CA GLN A 29 4.48 -8.04 -2.02
C GLN A 29 5.12 -7.33 -0.82
N VAL A 30 4.60 -6.18 -0.36
CA VAL A 30 5.18 -5.44 0.78
C VAL A 30 5.15 -6.32 2.02
N SER A 31 4.04 -7.00 2.25
CA SER A 31 3.86 -7.85 3.40
C SER A 31 4.80 -9.06 3.32
N GLN A 32 5.21 -9.47 2.12
CA GLN A 32 6.20 -10.52 1.93
C GLN A 32 7.59 -9.92 2.18
N LEU A 33 7.85 -8.69 1.70
CA LEU A 33 9.14 -8.00 1.83
C LEU A 33 9.54 -7.82 3.29
N SER A 34 8.55 -7.78 4.17
CA SER A 34 8.73 -7.75 5.62
C SER A 34 9.70 -6.62 6.03
N LEU A 35 9.41 -5.38 5.64
CA LEU A 35 10.32 -4.26 5.87
C LEU A 35 10.42 -3.94 7.37
N PRO A 36 11.51 -3.28 7.83
CA PRO A 36 11.67 -2.87 9.21
C PRO A 36 10.57 -1.88 9.65
N LYS A 37 10.67 -0.56 9.41
CA LYS A 37 9.56 0.36 9.73
C LYS A 37 9.54 1.61 8.85
N LEU A 38 10.62 2.39 8.74
CA LEU A 38 10.67 3.51 7.81
C LEU A 38 10.45 2.98 6.39
N VAL A 39 11.16 1.91 6.05
CA VAL A 39 11.10 1.31 4.72
C VAL A 39 9.69 0.74 4.50
N GLU A 40 9.01 0.30 5.57
CA GLU A 40 7.62 -0.15 5.49
C GLU A 40 6.75 1.07 5.17
N GLN A 41 6.89 2.18 5.93
CA GLN A 41 6.14 3.42 5.75
C GLN A 41 6.22 3.92 4.29
N VAL A 42 7.39 3.79 3.68
CA VAL A 42 7.65 4.12 2.28
C VAL A 42 6.89 3.18 1.38
N ALA A 43 7.14 1.87 1.46
CA ALA A 43 6.50 0.88 0.61
C ALA A 43 4.97 0.92 0.77
N LEU A 44 4.49 1.33 1.94
CA LEU A 44 3.10 1.51 2.30
C LEU A 44 2.52 2.74 1.63
N ASN A 45 3.24 3.86 1.61
CA ASN A 45 2.70 5.12 1.10
C ASN A 45 2.98 5.33 -0.38
N ALA A 46 3.35 4.28 -1.11
CA ALA A 46 3.53 4.32 -2.53
C ALA A 46 2.71 3.25 -3.21
N TRP A 47 2.32 3.53 -4.45
CA TRP A 47 1.64 2.59 -5.31
C TRP A 47 2.68 2.18 -6.33
N LYS A 48 2.80 0.88 -6.53
CA LYS A 48 3.86 0.34 -7.37
C LYS A 48 3.46 0.41 -8.83
N GLU A 49 4.43 0.76 -9.66
CA GLU A 49 4.37 0.79 -11.11
C GLU A 49 5.61 0.01 -11.52
N GLU A 50 5.44 -1.07 -12.27
CA GLU A 50 6.52 -1.95 -12.70
C GLU A 50 6.63 -1.77 -14.19
N SER A 51 7.76 -1.20 -14.61
CA SER A 51 8.15 -0.93 -15.96
C SER A 51 9.00 -2.12 -16.46
N ASP A 52 9.43 -2.06 -17.72
CA ASP A 52 10.16 -3.10 -18.47
C ASP A 52 11.09 -3.92 -17.58
N ASN A 53 11.98 -3.26 -16.84
CA ASN A 53 12.85 -3.86 -15.83
C ASN A 53 13.10 -2.77 -14.78
N ALA A 54 12.06 -2.07 -14.35
CA ALA A 54 12.15 -1.07 -13.30
C ALA A 54 10.90 -1.17 -12.45
N VAL A 55 10.95 -0.60 -11.25
CA VAL A 55 9.81 -0.51 -10.38
C VAL A 55 9.84 0.91 -9.80
N CYS A 56 9.05 1.81 -10.37
CA CYS A 56 8.90 3.14 -9.82
C CYS A 56 7.79 3.08 -8.78
N LEU A 57 8.12 3.37 -7.53
CA LEU A 57 7.16 3.47 -6.45
C LEU A 57 6.67 4.91 -6.43
N HIS A 58 5.44 5.10 -6.92
CA HIS A 58 4.76 6.38 -6.96
C HIS A 58 4.31 6.68 -5.54
N LEU A 59 5.15 7.37 -4.77
CA LEU A 59 4.94 7.64 -3.35
C LEU A 59 4.14 8.91 -3.22
N ARG A 60 3.04 8.85 -2.45
CA ARG A 60 2.13 9.98 -2.29
C ARG A 60 2.92 11.22 -1.94
N SER A 61 2.66 12.29 -2.68
CA SER A 61 3.22 13.60 -2.39
C SER A 61 2.88 13.99 -0.94
N SER A 62 1.76 13.48 -0.41
CA SER A 62 1.26 13.67 0.95
C SER A 62 2.28 13.23 2.02
N GLN A 63 3.20 12.33 1.63
CA GLN A 63 4.20 11.72 2.48
C GLN A 63 5.58 11.74 1.81
N ARG A 64 5.85 12.70 0.89
CA ARG A 64 7.13 12.76 0.16
C ARG A 64 8.31 12.86 1.11
N HIS A 65 8.14 13.35 2.33
CA HIS A 65 9.22 13.42 3.30
C HIS A 65 9.86 12.06 3.63
N LEU A 66 9.21 10.92 3.37
CA LEU A 66 9.83 9.61 3.59
C LEU A 66 10.61 9.14 2.36
N ASN A 67 10.51 9.82 1.21
CA ASN A 67 11.33 9.50 0.03
C ASN A 67 12.76 9.97 0.30
N ASN A 68 13.59 9.10 0.85
CA ASN A 68 15.00 9.37 1.12
C ASN A 68 15.87 8.23 0.58
N ARG A 69 17.18 8.46 0.47
CA ARG A 69 18.12 7.49 -0.10
C ARG A 69 18.17 6.22 0.74
N GLY A 70 18.19 6.36 2.07
CA GLY A 70 18.31 5.24 2.99
C GLY A 70 17.14 4.28 2.85
N ALA A 71 15.90 4.80 2.77
CA ALA A 71 14.77 3.93 2.53
C ALA A 71 14.94 3.24 1.19
N GLN A 72 15.23 3.99 0.12
CA GLN A 72 15.34 3.44 -1.24
C GLN A 72 16.32 2.29 -1.26
N GLN A 73 17.49 2.41 -0.64
CA GLN A 73 18.52 1.40 -0.66
C GLN A 73 18.01 0.12 -0.02
N LYS A 74 17.48 0.23 1.20
CA LYS A 74 17.04 -0.95 1.93
C LYS A 74 15.80 -1.56 1.27
N LEU A 75 14.97 -0.75 0.61
CA LEU A 75 13.83 -1.23 -0.17
C LEU A 75 14.36 -1.92 -1.43
N ALA A 76 15.45 -1.42 -2.03
CA ALA A 76 16.00 -1.90 -3.29
C ALA A 76 16.53 -3.30 -3.10
N GLU A 77 17.27 -3.56 -2.03
CA GLU A 77 17.72 -4.91 -1.72
C GLU A 77 16.51 -5.84 -1.57
N ALA A 78 15.43 -5.36 -0.96
CA ALA A 78 14.21 -6.14 -0.72
C ALA A 78 13.53 -6.49 -2.05
N LEU A 79 13.32 -5.51 -2.93
CA LEU A 79 12.72 -5.70 -4.25
C LEU A 79 13.64 -6.53 -5.16
N SER A 80 14.96 -6.36 -5.05
CA SER A 80 15.94 -7.13 -5.82
C SER A 80 15.95 -8.60 -5.38
N MET A 81 15.68 -8.87 -4.09
CA MET A 81 15.52 -10.22 -3.56
C MET A 81 14.18 -10.80 -4.02
N LEU A 82 13.12 -9.99 -4.00
CA LEU A 82 11.77 -10.39 -4.42
C LEU A 82 11.77 -10.81 -5.88
N LYS A 83 12.28 -9.94 -6.76
CA LYS A 83 12.43 -10.20 -8.19
C LYS A 83 13.51 -11.26 -8.45
N GLY A 84 14.47 -11.41 -7.54
CA GLY A 84 15.62 -12.29 -7.68
C GLY A 84 16.71 -11.70 -8.59
N SER A 85 16.45 -10.55 -9.23
CA SER A 85 17.31 -9.92 -10.20
C SER A 85 17.37 -8.41 -9.92
N THR A 86 18.21 -7.71 -10.65
CA THR A 86 18.42 -6.28 -10.53
C THR A 86 17.11 -5.55 -10.88
N VAL A 87 16.70 -4.60 -10.04
CA VAL A 87 15.54 -3.75 -10.30
C VAL A 87 15.96 -2.29 -10.16
N GLU A 88 15.45 -1.45 -11.07
CA GLU A 88 15.61 0.00 -11.00
C GLU A 88 14.46 0.43 -10.09
N LEU A 89 14.69 0.39 -8.78
CA LEU A 89 13.71 0.81 -7.81
C LEU A 89 13.83 2.32 -7.68
N THR A 90 12.90 3.07 -8.24
CA THR A 90 12.86 4.51 -8.06
C THR A 90 11.71 4.80 -7.10
N ILE A 91 11.78 5.91 -6.38
CA ILE A 91 10.71 6.38 -5.53
C ILE A 91 10.45 7.76 -6.12
N VAL A 92 9.33 7.90 -6.80
CA VAL A 92 8.94 9.14 -7.44
C VAL A 92 7.85 9.76 -6.54
N GLU A 93 7.55 11.04 -6.67
CA GLU A 93 6.43 11.59 -5.93
C GLU A 93 5.22 11.46 -6.85
N ASP A 94 4.05 11.24 -6.28
CA ASP A 94 2.82 11.22 -7.03
C ASP A 94 1.76 11.88 -6.18
N ASP A 95 1.31 13.06 -6.55
CA ASP A 95 0.21 13.70 -5.85
C ASP A 95 -1.14 13.16 -6.31
N ASN A 96 -1.19 12.50 -7.46
CA ASN A 96 -2.42 12.06 -8.08
C ASN A 96 -2.88 10.70 -7.54
N PRO A 97 -4.07 10.60 -6.91
CA PRO A 97 -4.62 9.31 -6.49
C PRO A 97 -5.21 8.57 -7.69
N ALA A 98 -4.37 8.22 -8.67
CA ALA A 98 -4.77 7.39 -9.82
C ALA A 98 -4.92 5.93 -9.44
N VAL A 99 -4.26 5.56 -8.35
CA VAL A 99 -4.12 4.22 -7.81
C VAL A 99 -4.17 4.39 -6.29
N ARG A 100 -4.67 3.38 -5.58
CA ARG A 100 -4.64 3.35 -4.13
C ARG A 100 -3.28 2.80 -3.73
N THR A 101 -2.55 3.45 -2.83
CA THR A 101 -1.31 2.87 -2.30
C THR A 101 -1.77 1.68 -1.42
N PRO A 102 -0.94 0.75 -0.94
CA PRO A 102 -1.41 -0.33 -0.08
C PRO A 102 -1.90 0.21 1.27
N LEU A 103 -1.41 1.37 1.71
CA LEU A 103 -1.86 2.07 2.90
C LEU A 103 -3.26 2.65 2.67
N GLU A 104 -3.48 3.27 1.49
CA GLU A 104 -4.79 3.76 1.09
C GLU A 104 -5.74 2.64 0.72
N TRP A 105 -5.27 1.47 0.28
CA TRP A 105 -6.11 0.30 0.02
C TRP A 105 -6.69 -0.16 1.34
N ARG A 106 -5.90 -0.36 2.39
CA ARG A 106 -6.39 -0.75 3.70
C ARG A 106 -7.51 0.18 4.18
N GLN A 107 -7.33 1.48 3.99
CA GLN A 107 -8.34 2.48 4.26
C GLN A 107 -9.57 2.31 3.35
N ALA A 108 -9.36 2.22 2.03
CA ALA A 108 -10.42 2.15 1.04
C ALA A 108 -11.27 0.90 1.25
N ILE A 109 -10.66 -0.25 1.46
CA ILE A 109 -11.26 -1.56 1.66
C ILE A 109 -12.23 -1.54 2.84
N TYR A 110 -11.97 -0.70 3.85
CA TYR A 110 -12.89 -0.49 4.96
C TYR A 110 -14.16 0.16 4.41
N GLU A 111 -13.99 1.31 3.75
CA GLU A 111 -15.08 2.10 3.20
C GLU A 111 -15.83 1.31 2.13
N GLU A 112 -15.18 0.45 1.35
CA GLU A 112 -15.76 -0.42 0.36
C GLU A 112 -16.76 -1.37 1.00
N LYS A 113 -16.52 -1.82 2.25
CA LYS A 113 -17.47 -2.65 2.99
C LYS A 113 -18.63 -1.83 3.55
N LEU A 114 -18.50 -0.51 3.67
CA LEU A 114 -19.60 0.36 4.07
C LEU A 114 -20.38 0.76 2.81
N ALA A 115 -19.69 0.88 1.66
CA ALA A 115 -20.26 1.16 0.36
C ALA A 115 -21.02 -0.05 -0.15
N GLN A 116 -20.54 -1.28 0.06
CA GLN A 116 -21.17 -2.49 -0.47
C GLN A 116 -22.61 -2.62 0.03
N ALA A 117 -22.85 -2.12 1.25
CA ALA A 117 -24.16 -2.10 1.90
C ALA A 117 -25.15 -1.19 1.18
N ARG A 118 -24.69 -0.19 0.42
CA ARG A 118 -25.48 0.69 -0.44
C ARG A 118 -25.47 0.13 -1.85
N GLU A 119 -24.35 -0.45 -2.28
CA GLU A 119 -24.21 -1.03 -3.60
C GLU A 119 -25.21 -2.17 -3.79
N SER A 120 -25.79 -2.72 -2.71
CA SER A 120 -26.86 -3.72 -2.81
C SER A 120 -28.04 -3.20 -3.66
N ILE A 121 -28.26 -1.88 -3.70
CA ILE A 121 -29.28 -1.26 -4.54
C ILE A 121 -28.90 -1.48 -6.02
N ILE A 122 -27.63 -1.30 -6.38
CA ILE A 122 -27.15 -1.51 -7.74
C ILE A 122 -27.06 -3.02 -8.03
N ALA A 123 -26.70 -3.85 -7.05
CA ALA A 123 -26.67 -5.30 -7.18
C ALA A 123 -28.05 -5.86 -7.53
N ASP A 124 -29.11 -5.15 -7.16
CA ASP A 124 -30.50 -5.48 -7.48
C ASP A 124 -30.73 -5.41 -8.99
N ASN A 125 -30.30 -4.28 -9.59
CA ASN A 125 -30.48 -3.86 -10.98
C ASN A 125 -31.77 -4.38 -11.60
N ASN A 126 -32.90 -3.98 -11.00
CA ASN A 126 -34.26 -4.40 -11.32
C ASN A 126 -34.77 -4.03 -12.72
N ILE A 127 -33.87 -3.60 -13.60
CA ILE A 127 -34.11 -3.34 -15.01
C ILE A 127 -34.28 -4.71 -15.72
N GLN A 128 -33.89 -5.80 -15.06
CA GLN A 128 -34.05 -7.21 -15.42
C GLN A 128 -34.44 -7.93 -14.14
N MET A 1 -20.44 5.66 -2.06
CA MET A 1 -19.38 5.20 -2.96
C MET A 1 -17.99 5.37 -2.36
N LYS A 2 -17.38 6.56 -2.48
CA LYS A 2 -15.93 6.74 -2.39
C LYS A 2 -15.46 6.51 -0.96
N ALA A 3 -14.24 5.99 -0.82
CA ALA A 3 -13.60 5.82 0.47
C ALA A 3 -13.44 7.19 1.13
N LEU A 4 -13.83 7.30 2.40
CA LEU A 4 -13.68 8.47 3.25
C LEU A 4 -13.16 7.91 4.57
N GLU A 5 -11.84 7.88 4.72
CA GLU A 5 -11.14 7.25 5.84
C GLU A 5 -11.73 7.63 7.20
N HIS A 6 -11.60 8.91 7.59
CA HIS A 6 -12.04 9.45 8.88
C HIS A 6 -11.50 8.63 10.05
N GLU A 7 -10.33 8.02 9.88
CA GLU A 7 -9.66 7.17 10.87
C GLU A 7 -10.62 6.10 11.43
N LYS A 8 -11.49 5.50 10.58
CA LYS A 8 -12.47 4.51 10.97
C LYS A 8 -11.78 3.31 11.63
N THR A 9 -12.11 3.05 12.89
CA THR A 9 -11.70 1.92 13.72
C THR A 9 -10.34 1.35 13.31
N PRO A 10 -9.22 1.96 13.75
CA PRO A 10 -7.89 1.59 13.31
C PRO A 10 -7.47 0.14 13.60
N GLU A 11 -8.17 -0.60 14.46
CA GLU A 11 -7.86 -2.01 14.66
C GLU A 11 -8.46 -2.81 13.52
N LEU A 12 -9.76 -2.62 13.28
CA LEU A 12 -10.49 -3.34 12.25
C LEU A 12 -9.86 -3.00 10.91
N ALA A 13 -9.47 -1.74 10.71
CA ALA A 13 -8.76 -1.29 9.52
C ALA A 13 -7.41 -2.02 9.41
N ALA A 14 -6.63 -2.08 10.49
CA ALA A 14 -5.32 -2.73 10.46
C ALA A 14 -5.44 -4.24 10.20
N LYS A 15 -6.54 -4.88 10.61
CA LYS A 15 -6.77 -6.31 10.37
C LYS A 15 -7.37 -6.52 9.00
N LEU A 16 -8.20 -5.60 8.54
CA LEU A 16 -8.74 -5.61 7.19
C LEU A 16 -7.56 -5.54 6.22
N ALA A 17 -6.45 -4.88 6.58
CA ALA A 17 -5.22 -4.85 5.78
C ALA A 17 -4.77 -6.26 5.35
N ALA A 18 -5.01 -7.26 6.19
CA ALA A 18 -4.71 -8.66 5.92
C ALA A 18 -5.47 -9.14 4.67
N GLU A 19 -6.75 -8.80 4.57
CA GLU A 19 -7.60 -9.07 3.40
C GLU A 19 -7.21 -8.13 2.25
N ALA A 20 -6.78 -6.90 2.56
CA ALA A 20 -6.39 -5.93 1.56
C ALA A 20 -5.20 -6.43 0.76
N ILE A 21 -4.29 -7.14 1.43
CA ILE A 21 -3.15 -7.81 0.82
C ILE A 21 -3.64 -8.91 -0.12
N GLU A 22 -4.74 -9.59 0.19
CA GLU A 22 -5.31 -10.59 -0.69
C GLU A 22 -5.88 -9.92 -1.95
N ARG A 23 -6.17 -8.61 -1.92
CA ARG A 23 -6.58 -7.85 -3.10
C ARG A 23 -5.35 -7.30 -3.80
N ASP A 24 -4.57 -6.44 -3.13
CA ASP A 24 -3.41 -5.72 -3.68
C ASP A 24 -2.15 -6.58 -3.72
N PRO A 25 -1.64 -6.94 -4.91
CA PRO A 25 -0.40 -7.68 -5.02
C PRO A 25 0.82 -6.88 -4.56
N TRP A 26 0.82 -5.54 -4.61
CA TRP A 26 1.93 -4.79 -4.05
C TRP A 26 1.90 -4.90 -2.53
N ALA A 27 0.75 -4.73 -1.86
CA ALA A 27 0.67 -4.94 -0.43
C ALA A 27 1.18 -6.34 -0.05
N ALA A 28 0.80 -7.36 -0.84
CA ALA A 28 1.27 -8.71 -0.61
C ALA A 28 2.79 -8.79 -0.76
N GLN A 29 3.33 -8.14 -1.79
CA GLN A 29 4.76 -8.04 -1.98
C GLN A 29 5.41 -7.40 -0.76
N VAL A 30 4.87 -6.34 -0.16
CA VAL A 30 5.48 -5.72 1.02
C VAL A 30 5.61 -6.73 2.16
N SER A 31 4.61 -7.58 2.35
CA SER A 31 4.66 -8.64 3.34
C SER A 31 5.73 -9.69 3.00
N GLN A 32 6.02 -9.93 1.72
CA GLN A 32 7.03 -10.87 1.28
C GLN A 32 8.43 -10.24 1.34
N LEU A 33 8.52 -8.93 1.12
CA LEU A 33 9.75 -8.13 1.17
C LEU A 33 10.17 -7.90 2.62
N SER A 34 9.22 -8.04 3.55
CA SER A 34 9.38 -7.96 5.00
C SER A 34 10.20 -6.75 5.45
N LEU A 35 9.72 -5.55 5.11
CA LEU A 35 10.42 -4.30 5.37
C LEU A 35 10.53 -4.01 6.88
N PRO A 36 11.51 -3.18 7.31
CA PRO A 36 11.67 -2.75 8.69
C PRO A 36 10.53 -1.80 9.14
N LYS A 37 10.68 -0.47 9.16
CA LYS A 37 9.57 0.41 9.55
C LYS A 37 9.48 1.68 8.74
N LEU A 38 10.48 2.56 8.78
CA LEU A 38 10.53 3.75 7.93
C LEU A 38 10.29 3.30 6.48
N VAL A 39 10.99 2.25 6.08
CA VAL A 39 10.91 1.71 4.73
C VAL A 39 9.53 1.09 4.50
N GLU A 40 8.96 0.40 5.51
CA GLU A 40 7.61 -0.16 5.41
C GLU A 40 6.65 1.00 5.14
N GLN A 41 6.77 2.12 5.86
CA GLN A 41 5.92 3.28 5.70
C GLN A 41 6.01 3.87 4.28
N VAL A 42 7.21 3.84 3.69
CA VAL A 42 7.46 4.28 2.31
C VAL A 42 6.74 3.34 1.34
N ALA A 43 6.91 2.02 1.47
CA ALA A 43 6.22 1.07 0.62
C ALA A 43 4.71 1.12 0.83
N LEU A 44 4.27 1.45 2.05
CA LEU A 44 2.87 1.51 2.45
C LEU A 44 2.20 2.72 1.83
N ASN A 45 2.93 3.83 1.73
CA ASN A 45 2.34 5.10 1.27
C ASN A 45 2.65 5.32 -0.21
N ALA A 46 2.96 4.25 -0.95
CA ALA A 46 3.16 4.32 -2.38
C ALA A 46 2.54 3.13 -3.08
N TRP A 47 2.17 3.31 -4.35
CA TRP A 47 1.69 2.24 -5.21
C TRP A 47 2.82 1.96 -6.20
N LYS A 48 3.01 0.69 -6.56
CA LYS A 48 4.13 0.25 -7.36
C LYS A 48 3.79 0.18 -8.84
N GLU A 49 4.31 1.13 -9.61
CA GLU A 49 4.21 1.15 -11.06
C GLU A 49 5.49 0.42 -11.51
N GLU A 50 5.52 -0.12 -12.73
CA GLU A 50 6.64 -0.91 -13.22
C GLU A 50 6.85 -0.62 -14.70
N SER A 51 8.07 -0.82 -15.16
CA SER A 51 8.53 -0.72 -16.54
C SER A 51 9.07 -2.09 -16.94
N ASP A 52 9.49 -2.24 -18.20
CA ASP A 52 10.05 -3.48 -18.73
C ASP A 52 11.21 -4.00 -17.86
N ASN A 53 12.03 -3.09 -17.33
CA ASN A 53 13.26 -3.39 -16.60
C ASN A 53 13.38 -2.63 -15.28
N ALA A 54 12.38 -1.85 -14.85
CA ALA A 54 12.48 -0.99 -13.67
C ALA A 54 11.17 -0.98 -12.91
N VAL A 55 11.16 -0.38 -11.72
CA VAL A 55 10.00 -0.26 -10.86
C VAL A 55 10.03 1.17 -10.33
N CYS A 56 8.87 1.81 -10.23
CA CYS A 56 8.68 3.17 -9.74
C CYS A 56 7.58 3.16 -8.68
N LEU A 57 7.94 3.37 -7.41
CA LEU A 57 6.97 3.52 -6.35
C LEU A 57 6.45 4.95 -6.33
N HIS A 58 5.21 5.14 -6.76
CA HIS A 58 4.49 6.41 -6.74
C HIS A 58 4.02 6.67 -5.29
N LEU A 59 4.82 7.41 -4.53
CA LEU A 59 4.66 7.75 -3.12
C LEU A 59 3.83 9.02 -2.97
N ARG A 60 2.85 8.99 -2.07
CA ARG A 60 2.05 10.16 -1.70
C ARG A 60 3.03 11.23 -1.23
N SER A 61 2.99 12.44 -1.79
CA SER A 61 3.92 13.50 -1.39
C SER A 61 3.70 13.89 0.08
N SER A 62 2.55 13.54 0.68
CA SER A 62 2.25 13.71 2.10
C SER A 62 3.25 12.97 2.99
N GLN A 63 4.00 12.04 2.40
CA GLN A 63 4.95 11.15 3.04
C GLN A 63 6.33 11.27 2.39
N ARG A 64 6.59 12.30 1.56
CA ARG A 64 7.88 12.48 0.91
C ARG A 64 8.99 12.59 1.96
N HIS A 65 8.69 13.07 3.17
CA HIS A 65 9.64 13.10 4.29
C HIS A 65 10.32 11.75 4.49
N LEU A 66 9.58 10.65 4.37
CA LEU A 66 10.11 9.31 4.64
C LEU A 66 10.85 8.78 3.40
N ASN A 67 10.45 9.22 2.20
CA ASN A 67 11.11 8.91 0.94
C ASN A 67 12.46 9.61 0.90
N ASN A 68 13.45 8.83 1.30
CA ASN A 68 14.86 9.16 1.28
C ASN A 68 15.62 7.97 0.65
N ARG A 69 16.86 8.19 0.19
CA ARG A 69 17.62 7.12 -0.46
C ARG A 69 17.92 5.98 0.51
N GLY A 70 18.12 6.24 1.80
CA GLY A 70 18.37 5.20 2.78
C GLY A 70 17.21 4.20 2.80
N ALA A 71 15.97 4.69 2.76
CA ALA A 71 14.81 3.82 2.64
C ALA A 71 14.83 3.08 1.31
N GLN A 72 15.03 3.81 0.20
CA GLN A 72 15.10 3.23 -1.13
C GLN A 72 16.14 2.11 -1.21
N GLN A 73 17.26 2.23 -0.48
CA GLN A 73 18.37 1.28 -0.50
C GLN A 73 17.86 -0.08 0.00
N LYS A 74 17.24 -0.10 1.18
CA LYS A 74 16.75 -1.33 1.78
C LYS A 74 15.55 -1.86 1.00
N LEU A 75 14.74 -0.97 0.42
CA LEU A 75 13.63 -1.35 -0.45
C LEU A 75 14.19 -2.02 -1.71
N ALA A 76 15.28 -1.50 -2.27
CA ALA A 76 15.86 -1.96 -3.53
C ALA A 76 16.46 -3.33 -3.35
N GLU A 77 17.15 -3.57 -2.24
CA GLU A 77 17.68 -4.86 -1.85
C GLU A 77 16.55 -5.89 -1.81
N ALA A 78 15.41 -5.50 -1.23
CA ALA A 78 14.25 -6.37 -1.09
C ALA A 78 13.62 -6.65 -2.45
N LEU A 79 13.27 -5.64 -3.25
CA LEU A 79 12.71 -5.86 -4.59
C LEU A 79 13.68 -6.66 -5.47
N SER A 80 14.99 -6.45 -5.32
CA SER A 80 16.02 -7.22 -6.00
C SER A 80 16.04 -8.68 -5.54
N MET A 81 15.75 -8.95 -4.26
CA MET A 81 15.63 -10.31 -3.75
C MET A 81 14.36 -10.95 -4.32
N LEU A 82 13.24 -10.24 -4.28
CA LEU A 82 11.96 -10.70 -4.80
C LEU A 82 12.09 -11.04 -6.28
N LYS A 83 12.69 -10.14 -7.07
CA LYS A 83 12.89 -10.38 -8.50
C LYS A 83 13.91 -11.50 -8.70
N GLY A 84 14.99 -11.49 -7.92
CA GLY A 84 16.12 -12.37 -8.05
C GLY A 84 17.15 -11.79 -9.03
N SER A 85 16.92 -10.57 -9.53
CA SER A 85 17.73 -9.83 -10.49
C SER A 85 17.75 -8.36 -10.08
N THR A 86 18.63 -7.56 -10.70
CA THR A 86 18.75 -6.14 -10.44
C THR A 86 17.48 -5.44 -10.96
N VAL A 87 16.81 -4.72 -10.08
CA VAL A 87 15.64 -3.88 -10.38
C VAL A 87 16.08 -2.43 -10.17
N GLU A 88 15.61 -1.50 -11.00
CA GLU A 88 15.86 -0.10 -10.77
C GLU A 88 14.61 0.40 -10.08
N LEU A 89 14.61 0.23 -8.75
CA LEU A 89 13.52 0.65 -7.89
C LEU A 89 13.68 2.15 -7.65
N THR A 90 12.72 2.91 -8.16
CA THR A 90 12.69 4.34 -8.16
C THR A 90 11.57 4.75 -7.22
N ILE A 91 11.62 5.94 -6.64
CA ILE A 91 10.54 6.49 -5.82
C ILE A 91 10.18 7.80 -6.53
N VAL A 92 8.90 7.99 -6.82
CA VAL A 92 8.40 9.22 -7.42
C VAL A 92 7.27 9.76 -6.56
N GLU A 93 7.21 11.07 -6.44
CA GLU A 93 6.31 11.79 -5.57
C GLU A 93 5.06 12.13 -6.39
N ASP A 94 3.99 11.37 -6.16
CA ASP A 94 2.72 11.39 -6.88
C ASP A 94 1.64 11.20 -5.85
N ASP A 95 0.83 12.23 -5.63
CA ASP A 95 -0.18 12.24 -4.59
C ASP A 95 -1.29 11.28 -4.98
N ASN A 96 -2.06 11.58 -6.00
CA ASN A 96 -3.22 10.77 -6.37
C ASN A 96 -3.66 11.05 -7.81
N PRO A 97 -3.15 10.32 -8.80
CA PRO A 97 -3.61 10.49 -10.17
C PRO A 97 -4.94 9.77 -10.37
N ALA A 98 -5.00 8.48 -10.01
CA ALA A 98 -6.16 7.61 -10.11
C ALA A 98 -5.95 6.30 -9.34
N VAL A 99 -4.92 6.19 -8.48
CA VAL A 99 -4.55 4.94 -7.81
C VAL A 99 -4.53 5.13 -6.30
N ARG A 100 -4.70 4.01 -5.59
CA ARG A 100 -4.59 3.86 -4.14
C ARG A 100 -3.09 3.74 -3.84
N THR A 101 -2.78 3.19 -2.68
CA THR A 101 -1.51 2.79 -2.09
C THR A 101 -1.92 1.47 -1.37
N PRO A 102 -1.04 0.61 -0.87
CA PRO A 102 -1.47 -0.59 -0.15
C PRO A 102 -2.20 -0.20 1.15
N LEU A 103 -1.86 0.95 1.73
CA LEU A 103 -2.53 1.53 2.90
C LEU A 103 -3.92 2.01 2.48
N GLU A 104 -4.02 2.84 1.44
CA GLU A 104 -5.32 3.35 0.98
C GLU A 104 -6.17 2.24 0.38
N TRP A 105 -5.58 1.11 -0.04
CA TRP A 105 -6.31 -0.05 -0.51
C TRP A 105 -7.00 -0.68 0.68
N ARG A 106 -6.29 -0.87 1.79
CA ARG A 106 -6.91 -1.33 3.02
C ARG A 106 -8.05 -0.40 3.39
N GLN A 107 -7.77 0.89 3.39
CA GLN A 107 -8.75 1.87 3.85
C GLN A 107 -9.94 1.92 2.88
N ALA A 108 -9.73 1.65 1.58
CA ALA A 108 -10.78 1.56 0.59
C ALA A 108 -11.61 0.30 0.84
N ILE A 109 -10.97 -0.87 0.93
CA ILE A 109 -11.63 -2.17 1.09
C ILE A 109 -12.44 -2.15 2.39
N TYR A 110 -11.92 -1.50 3.43
CA TYR A 110 -12.63 -1.31 4.68
C TYR A 110 -13.91 -0.51 4.39
N GLU A 111 -13.75 0.63 3.73
CA GLU A 111 -14.84 1.55 3.50
C GLU A 111 -15.80 1.03 2.45
N GLU A 112 -15.44 0.05 1.63
CA GLU A 112 -16.33 -0.60 0.68
C GLU A 112 -17.36 -1.42 1.46
N LYS A 113 -16.94 -2.16 2.49
CA LYS A 113 -17.89 -2.92 3.31
C LYS A 113 -18.86 -1.98 4.03
N LEU A 114 -18.40 -0.79 4.39
CA LEU A 114 -19.19 0.24 5.07
C LEU A 114 -19.99 1.04 4.04
N ALA A 115 -19.54 1.14 2.80
CA ALA A 115 -20.25 1.76 1.71
C ALA A 115 -21.45 0.89 1.38
N GLN A 116 -21.36 -0.43 1.53
CA GLN A 116 -22.53 -1.30 1.34
C GLN A 116 -23.59 -0.97 2.39
N ALA A 117 -23.16 -0.64 3.61
CA ALA A 117 -24.06 -0.19 4.66
C ALA A 117 -24.58 1.23 4.35
N ARG A 118 -23.74 2.10 3.78
CA ARG A 118 -24.14 3.44 3.39
C ARG A 118 -25.09 3.40 2.19
N GLU A 119 -25.00 2.35 1.38
CA GLU A 119 -25.80 2.20 0.17
C GLU A 119 -27.29 2.10 0.52
N SER A 120 -27.64 1.78 1.76
CA SER A 120 -29.01 1.80 2.23
C SER A 120 -29.57 3.24 2.27
N ILE A 121 -28.71 4.25 2.22
CA ILE A 121 -29.04 5.67 2.13
C ILE A 121 -28.83 6.12 0.68
N ILE A 122 -27.77 5.65 0.02
CA ILE A 122 -27.51 5.97 -1.39
C ILE A 122 -28.67 5.48 -2.27
N ALA A 123 -29.41 4.45 -1.83
CA ALA A 123 -30.62 3.96 -2.51
C ALA A 123 -31.71 5.03 -2.59
N ASP A 124 -31.70 6.06 -1.73
CA ASP A 124 -32.63 7.19 -1.83
C ASP A 124 -32.15 8.19 -2.88
N ASN A 125 -30.88 8.07 -3.27
CA ASN A 125 -30.10 8.93 -4.15
C ASN A 125 -30.33 10.40 -3.79
N ASN A 126 -30.36 10.68 -2.47
CA ASN A 126 -30.71 12.01 -2.00
C ASN A 126 -29.71 13.06 -2.44
N ILE A 127 -28.41 12.80 -2.25
CA ILE A 127 -27.35 13.65 -2.75
C ILE A 127 -26.37 12.69 -3.42
N GLN A 128 -25.56 12.00 -2.61
CA GLN A 128 -24.46 11.13 -3.00
C GLN A 128 -24.40 9.98 -2.00
N MET A 1 12.55 -1.19 13.59
CA MET A 1 12.30 -2.61 13.89
C MET A 1 11.61 -2.69 15.24
N LYS A 2 10.34 -3.16 15.26
CA LYS A 2 9.36 -3.32 16.35
C LYS A 2 8.02 -2.69 15.94
N ALA A 3 6.90 -3.30 16.32
CA ALA A 3 5.58 -2.73 16.12
C ALA A 3 5.51 -1.44 16.95
N LEU A 4 4.71 -0.45 16.54
CA LEU A 4 4.63 0.83 17.22
C LEU A 4 3.66 0.68 18.40
N GLU A 5 2.36 0.61 18.11
CA GLU A 5 1.24 0.55 19.05
C GLU A 5 1.10 1.84 19.87
N HIS A 6 -0.13 2.22 20.19
CA HIS A 6 -0.50 3.32 21.07
C HIS A 6 -1.97 3.13 21.43
N GLU A 7 -2.86 3.31 20.47
CA GLU A 7 -4.30 3.15 20.65
C GLU A 7 -4.89 2.74 19.30
N LYS A 8 -4.40 1.64 18.72
CA LYS A 8 -4.85 1.09 17.44
C LYS A 8 -5.08 -0.41 17.63
N THR A 9 -5.75 -1.05 16.67
CA THR A 9 -5.93 -2.49 16.63
C THR A 9 -5.16 -3.03 15.44
N PRO A 10 -3.82 -3.17 15.52
CA PRO A 10 -3.05 -3.69 14.40
C PRO A 10 -3.49 -5.11 14.00
N GLU A 11 -4.21 -5.85 14.86
CA GLU A 11 -4.66 -7.21 14.53
C GLU A 11 -5.94 -7.15 13.70
N LEU A 12 -6.83 -6.20 13.97
CA LEU A 12 -8.03 -5.96 13.17
C LEU A 12 -7.52 -5.46 11.81
N ALA A 13 -6.64 -4.44 11.86
CA ALA A 13 -6.11 -3.79 10.69
C ALA A 13 -5.29 -4.74 9.84
N ALA A 14 -4.67 -5.77 10.43
CA ALA A 14 -3.96 -6.82 9.72
C ALA A 14 -4.93 -7.85 9.16
N LYS A 15 -6.04 -8.14 9.86
CA LYS A 15 -7.07 -9.03 9.31
C LYS A 15 -7.77 -8.36 8.13
N LEU A 16 -7.90 -7.05 8.17
CA LEU A 16 -8.44 -6.25 7.09
C LEU A 16 -7.36 -6.18 6.01
N ALA A 17 -6.09 -5.97 6.38
CA ALA A 17 -4.96 -5.96 5.47
C ALA A 17 -4.90 -7.24 4.65
N ALA A 18 -5.31 -8.38 5.20
CA ALA A 18 -5.24 -9.65 4.50
C ALA A 18 -6.01 -9.57 3.18
N GLU A 19 -7.21 -9.01 3.22
CA GLU A 19 -8.09 -8.92 2.07
C GLU A 19 -7.56 -7.82 1.14
N ALA A 20 -7.07 -6.72 1.73
CA ALA A 20 -6.42 -5.65 1.00
C ALA A 20 -5.23 -6.19 0.21
N ILE A 21 -4.50 -7.15 0.78
CA ILE A 21 -3.33 -7.80 0.20
C ILE A 21 -3.74 -8.74 -0.94
N GLU A 22 -4.92 -9.36 -0.91
CA GLU A 22 -5.33 -10.16 -2.05
C GLU A 22 -5.59 -9.17 -3.21
N ARG A 23 -6.30 -8.07 -2.94
CA ARG A 23 -6.71 -7.12 -3.96
C ARG A 23 -5.50 -6.34 -4.50
N ASP A 24 -4.62 -5.88 -3.62
CA ASP A 24 -3.43 -5.09 -3.95
C ASP A 24 -2.21 -6.00 -4.05
N PRO A 25 -1.73 -6.35 -5.26
CA PRO A 25 -0.56 -7.17 -5.40
C PRO A 25 0.71 -6.48 -4.91
N TRP A 26 0.74 -5.15 -4.75
CA TRP A 26 1.89 -4.48 -4.14
C TRP A 26 1.82 -4.64 -2.63
N ALA A 27 0.65 -4.52 -2.00
CA ALA A 27 0.55 -4.78 -0.56
C ALA A 27 0.99 -6.22 -0.25
N ALA A 28 0.67 -7.18 -1.13
CA ALA A 28 1.12 -8.55 -1.01
C ALA A 28 2.64 -8.60 -0.99
N GLN A 29 3.24 -7.96 -2.00
CA GLN A 29 4.68 -7.86 -2.12
C GLN A 29 5.27 -7.20 -0.89
N VAL A 30 4.67 -6.13 -0.35
CA VAL A 30 5.15 -5.40 0.81
C VAL A 30 5.26 -6.29 2.03
N SER A 31 4.25 -7.15 2.26
CA SER A 31 4.29 -8.06 3.39
C SER A 31 5.46 -9.05 3.24
N GLN A 32 5.83 -9.39 2.00
CA GLN A 32 6.89 -10.31 1.68
C GLN A 32 8.26 -9.62 1.67
N LEU A 33 8.31 -8.31 1.38
CA LEU A 33 9.51 -7.48 1.45
C LEU A 33 9.93 -7.23 2.89
N SER A 34 9.00 -7.44 3.82
CA SER A 34 9.16 -7.29 5.26
C SER A 34 9.86 -5.95 5.57
N LEU A 35 9.28 -4.84 5.08
CA LEU A 35 9.84 -3.52 5.38
C LEU A 35 9.68 -3.26 6.88
N PRO A 36 10.71 -2.77 7.61
CA PRO A 36 10.65 -2.63 9.06
C PRO A 36 9.58 -1.65 9.53
N LYS A 37 9.77 -0.32 9.40
CA LYS A 37 8.76 0.63 9.90
C LYS A 37 8.75 1.95 9.13
N LEU A 38 9.88 2.64 9.05
CA LEU A 38 10.00 3.84 8.23
C LEU A 38 9.80 3.42 6.77
N VAL A 39 10.47 2.34 6.36
CA VAL A 39 10.40 1.79 5.02
C VAL A 39 9.00 1.20 4.78
N GLU A 40 8.31 0.72 5.82
CA GLU A 40 6.93 0.26 5.71
C GLU A 40 6.10 1.47 5.30
N GLN A 41 6.23 2.61 6.01
CA GLN A 41 5.51 3.84 5.69
C GLN A 41 5.74 4.25 4.24
N VAL A 42 6.97 4.10 3.74
CA VAL A 42 7.35 4.41 2.36
C VAL A 42 6.64 3.50 1.38
N ALA A 43 6.75 2.19 1.57
CA ALA A 43 6.13 1.25 0.66
C ALA A 43 4.61 1.39 0.66
N LEU A 44 4.03 1.70 1.83
CA LEU A 44 2.60 1.90 2.03
C LEU A 44 2.14 3.21 1.38
N ASN A 45 2.95 4.27 1.42
CA ASN A 45 2.53 5.58 0.89
C ASN A 45 2.75 5.67 -0.62
N ALA A 46 3.09 4.58 -1.30
CA ALA A 46 3.33 4.56 -2.73
C ALA A 46 2.62 3.42 -3.41
N TRP A 47 2.33 3.62 -4.68
CA TRP A 47 1.77 2.60 -5.57
C TRP A 47 2.94 2.22 -6.46
N LYS A 48 3.06 0.94 -6.74
CA LYS A 48 4.19 0.39 -7.47
C LYS A 48 3.93 0.31 -8.95
N GLU A 49 4.46 1.26 -9.72
CA GLU A 49 4.39 1.17 -11.16
C GLU A 49 5.51 0.20 -11.53
N GLU A 50 5.32 -0.60 -12.56
CA GLU A 50 6.35 -1.51 -13.03
C GLU A 50 6.53 -1.23 -14.52
N SER A 51 7.74 -0.79 -14.87
CA SER A 51 8.18 -0.52 -16.21
C SER A 51 8.59 -1.84 -16.88
N ASP A 52 9.01 -1.77 -18.14
CA ASP A 52 9.57 -2.90 -18.88
C ASP A 52 10.45 -3.80 -18.00
N ASN A 53 11.44 -3.22 -17.32
CA ASN A 53 12.35 -3.96 -16.43
C ASN A 53 12.69 -3.21 -15.13
N ALA A 54 11.91 -2.19 -14.77
CA ALA A 54 12.15 -1.41 -13.57
C ALA A 54 10.87 -1.39 -12.75
N VAL A 55 10.96 -0.91 -11.52
CA VAL A 55 9.82 -0.82 -10.60
C VAL A 55 9.90 0.57 -9.95
N CYS A 56 9.02 1.48 -10.35
CA CYS A 56 9.03 2.87 -9.90
C CYS A 56 7.92 3.04 -8.86
N LEU A 57 8.27 3.28 -7.61
CA LEU A 57 7.30 3.51 -6.54
C LEU A 57 6.86 4.96 -6.55
N HIS A 58 5.61 5.21 -6.96
CA HIS A 58 5.00 6.52 -7.00
C HIS A 58 4.47 6.88 -5.61
N LEU A 59 5.29 7.54 -4.79
CA LEU A 59 4.97 7.88 -3.39
C LEU A 59 4.26 9.21 -3.34
N ARG A 60 3.20 9.33 -2.54
CA ARG A 60 2.43 10.56 -2.43
C ARG A 60 3.33 11.73 -2.07
N SER A 61 3.25 12.80 -2.85
CA SER A 61 3.99 14.04 -2.65
C SER A 61 3.73 14.61 -1.26
N SER A 62 2.53 14.39 -0.73
CA SER A 62 2.12 14.94 0.56
C SER A 62 2.89 14.28 1.71
N GLN A 63 3.54 13.14 1.45
CA GLN A 63 4.36 12.37 2.37
C GLN A 63 5.78 12.22 1.82
N ARG A 64 6.23 13.04 0.86
CA ARG A 64 7.54 12.89 0.23
C ARG A 64 8.68 12.95 1.24
N HIS A 65 8.45 13.51 2.44
CA HIS A 65 9.41 13.51 3.54
C HIS A 65 9.86 12.09 3.93
N LEU A 66 9.10 11.06 3.55
CA LEU A 66 9.45 9.67 3.80
C LEU A 66 10.28 9.07 2.66
N ASN A 67 10.21 9.60 1.42
CA ASN A 67 11.03 9.17 0.28
C ASN A 67 12.47 9.60 0.52
N ASN A 68 13.23 8.73 1.19
CA ASN A 68 14.61 8.97 1.60
C ASN A 68 15.51 7.80 1.22
N ARG A 69 16.80 8.06 1.04
CA ARG A 69 17.78 7.06 0.61
C ARG A 69 17.88 5.88 1.57
N GLY A 70 17.80 6.12 2.89
CA GLY A 70 17.83 5.06 3.88
C GLY A 70 16.70 4.05 3.64
N ALA A 71 15.48 4.55 3.36
CA ALA A 71 14.38 3.65 3.04
C ALA A 71 14.64 2.98 1.70
N GLN A 72 15.05 3.75 0.69
CA GLN A 72 15.27 3.25 -0.66
C GLN A 72 16.24 2.08 -0.67
N GLN A 73 17.33 2.13 0.12
CA GLN A 73 18.35 1.10 0.15
C GLN A 73 17.75 -0.22 0.61
N LYS A 74 17.05 -0.20 1.75
CA LYS A 74 16.37 -1.35 2.30
C LYS A 74 15.35 -1.90 1.30
N LEU A 75 14.57 -1.00 0.69
CA LEU A 75 13.53 -1.35 -0.26
C LEU A 75 14.14 -2.01 -1.49
N ALA A 76 15.30 -1.51 -1.96
CA ALA A 76 15.93 -1.95 -3.19
C ALA A 76 16.45 -3.36 -3.00
N GLU A 77 17.13 -3.62 -1.87
CA GLU A 77 17.59 -4.95 -1.51
C GLU A 77 16.39 -5.92 -1.45
N ALA A 78 15.24 -5.45 -0.95
CA ALA A 78 14.04 -6.27 -0.80
C ALA A 78 13.42 -6.59 -2.16
N LEU A 79 13.22 -5.61 -3.05
CA LEU A 79 12.66 -5.86 -4.39
C LEU A 79 13.62 -6.73 -5.21
N SER A 80 14.93 -6.52 -5.06
CA SER A 80 15.97 -7.34 -5.68
C SER A 80 15.88 -8.78 -5.17
N MET A 81 15.68 -8.98 -3.87
CA MET A 81 15.55 -10.28 -3.21
C MET A 81 14.27 -10.97 -3.69
N LEU A 82 13.18 -10.21 -3.77
CA LEU A 82 11.87 -10.68 -4.20
C LEU A 82 11.99 -11.28 -5.59
N LYS A 83 12.53 -10.52 -6.54
CA LYS A 83 12.68 -11.03 -7.90
C LYS A 83 13.85 -12.00 -8.02
N GLY A 84 14.79 -11.98 -7.08
CA GLY A 84 16.04 -12.74 -7.10
C GLY A 84 17.06 -12.11 -8.04
N SER A 85 16.61 -11.25 -8.96
CA SER A 85 17.37 -10.63 -10.03
C SER A 85 17.46 -9.13 -9.79
N THR A 86 18.18 -8.43 -10.67
CA THR A 86 18.26 -6.99 -10.66
C THR A 86 16.86 -6.44 -10.99
N VAL A 87 16.44 -5.39 -10.29
CA VAL A 87 15.23 -4.63 -10.51
C VAL A 87 15.65 -3.18 -10.32
N GLU A 88 15.29 -2.28 -11.24
CA GLU A 88 15.58 -0.87 -11.02
C GLU A 88 14.48 -0.35 -10.11
N LEU A 89 14.66 -0.52 -8.79
CA LEU A 89 13.73 0.06 -7.85
C LEU A 89 14.05 1.54 -7.82
N THR A 90 13.11 2.33 -8.28
CA THR A 90 13.19 3.77 -8.29
C THR A 90 12.01 4.25 -7.44
N ILE A 91 12.06 5.45 -6.88
CA ILE A 91 10.94 6.05 -6.17
C ILE A 91 10.76 7.40 -6.87
N VAL A 92 9.52 7.82 -7.07
CA VAL A 92 9.18 9.13 -7.62
C VAL A 92 8.10 9.73 -6.73
N GLU A 93 8.07 11.06 -6.59
CA GLU A 93 6.97 11.69 -5.87
C GLU A 93 5.80 11.72 -6.86
N ASP A 94 4.59 11.57 -6.36
CA ASP A 94 3.37 11.43 -7.14
C ASP A 94 2.23 12.16 -6.47
N ASP A 95 1.43 12.98 -7.18
CA ASP A 95 0.40 13.79 -6.52
C ASP A 95 -1.02 13.38 -6.90
N ASN A 96 -1.18 12.67 -8.02
CA ASN A 96 -2.47 12.28 -8.57
C ASN A 96 -3.12 11.16 -7.73
N PRO A 97 -4.26 11.40 -7.05
CA PRO A 97 -4.85 10.40 -6.17
C PRO A 97 -5.52 9.22 -6.89
N ALA A 98 -5.54 9.19 -8.22
CA ALA A 98 -6.27 8.18 -8.99
C ALA A 98 -5.78 6.75 -8.77
N VAL A 99 -4.57 6.58 -8.28
CA VAL A 99 -4.00 5.27 -7.99
C VAL A 99 -3.95 5.06 -6.49
N ARG A 100 -4.43 3.89 -6.08
CA ARG A 100 -4.63 3.47 -4.71
C ARG A 100 -3.30 2.95 -4.19
N THR A 101 -2.73 3.59 -3.17
CA THR A 101 -1.53 3.07 -2.52
C THR A 101 -1.98 2.00 -1.52
N PRO A 102 -1.11 1.10 -1.01
CA PRO A 102 -1.47 0.16 0.03
C PRO A 102 -2.05 0.84 1.27
N LEU A 103 -1.58 2.04 1.61
CA LEU A 103 -2.11 2.83 2.73
C LEU A 103 -3.58 3.14 2.46
N GLU A 104 -3.87 3.78 1.32
CA GLU A 104 -5.22 4.20 1.00
C GLU A 104 -6.11 2.96 0.81
N TRP A 105 -5.59 1.86 0.25
CA TRP A 105 -6.32 0.60 0.16
C TRP A 105 -6.70 0.15 1.56
N ARG A 106 -5.80 0.18 2.54
CA ARG A 106 -6.11 -0.24 3.91
C ARG A 106 -7.28 0.55 4.50
N GLN A 107 -7.47 1.80 4.09
CA GLN A 107 -8.63 2.60 4.49
C GLN A 107 -9.84 2.16 3.68
N ALA A 108 -9.72 2.12 2.35
CA ALA A 108 -10.81 1.85 1.44
C ALA A 108 -11.41 0.47 1.68
N ILE A 109 -10.59 -0.56 1.83
CA ILE A 109 -11.01 -1.94 2.05
C ILE A 109 -11.82 -2.05 3.35
N TYR A 110 -11.46 -1.26 4.36
CA TYR A 110 -12.22 -1.18 5.60
C TYR A 110 -13.60 -0.63 5.29
N GLU A 111 -13.66 0.46 4.53
CA GLU A 111 -14.93 1.06 4.19
C GLU A 111 -15.72 0.12 3.26
N GLU A 112 -15.07 -0.68 2.40
CA GLU A 112 -15.70 -1.67 1.54
C GLU A 112 -16.34 -2.77 2.40
N LYS A 113 -15.73 -3.16 3.53
CA LYS A 113 -16.32 -4.12 4.47
C LYS A 113 -17.60 -3.52 5.10
N LEU A 114 -17.69 -2.19 5.20
CA LEU A 114 -18.88 -1.49 5.67
C LEU A 114 -19.85 -1.22 4.51
N ALA A 115 -19.34 -1.12 3.28
CA ALA A 115 -20.13 -0.98 2.08
C ALA A 115 -20.91 -2.27 1.89
N GLN A 116 -20.27 -3.42 2.08
CA GLN A 116 -21.00 -4.69 1.99
C GLN A 116 -22.01 -4.85 3.14
N ALA A 117 -21.81 -4.16 4.27
CA ALA A 117 -22.81 -4.16 5.34
C ALA A 117 -24.03 -3.36 4.86
N ARG A 118 -23.81 -2.24 4.18
CA ARG A 118 -24.90 -1.46 3.57
C ARG A 118 -25.56 -2.28 2.45
N GLU A 119 -24.78 -2.97 1.62
CA GLU A 119 -25.33 -3.78 0.54
C GLU A 119 -26.04 -5.02 1.10
N SER A 120 -25.72 -5.45 2.32
CA SER A 120 -26.45 -6.52 2.97
C SER A 120 -27.89 -6.10 3.24
N ILE A 121 -28.18 -4.80 3.39
CA ILE A 121 -29.54 -4.30 3.51
C ILE A 121 -30.27 -4.54 2.19
N ILE A 122 -29.57 -4.39 1.05
CA ILE A 122 -30.10 -4.65 -0.28
C ILE A 122 -30.27 -6.16 -0.47
N ALA A 123 -29.33 -7.00 -0.02
CA ALA A 123 -29.48 -8.44 -0.07
C ALA A 123 -30.68 -8.91 0.77
N ASP A 124 -30.95 -8.26 1.90
CA ASP A 124 -32.13 -8.49 2.76
C ASP A 124 -33.39 -8.03 2.02
N ASN A 125 -33.30 -6.99 1.19
CA ASN A 125 -34.38 -6.48 0.34
C ASN A 125 -34.56 -7.34 -0.91
N ASN A 126 -33.71 -8.34 -1.16
CA ASN A 126 -33.68 -9.15 -2.37
C ASN A 126 -33.59 -10.63 -1.97
N ILE A 127 -32.79 -11.43 -2.67
CA ILE A 127 -32.47 -12.82 -2.36
C ILE A 127 -30.99 -12.96 -2.73
N GLN A 128 -30.17 -12.04 -2.19
CA GLN A 128 -28.75 -11.85 -2.47
C GLN A 128 -28.58 -11.31 -3.88
N MET A 1 11.16 -5.97 16.06
CA MET A 1 12.21 -5.02 15.61
C MET A 1 11.73 -3.57 15.61
N LYS A 2 10.46 -3.28 15.27
CA LYS A 2 9.91 -1.94 15.45
C LYS A 2 8.49 -2.05 15.99
N ALA A 3 7.99 -0.98 16.62
CA ALA A 3 6.67 -0.96 17.21
C ALA A 3 5.59 -1.05 16.13
N LEU A 4 4.44 -1.64 16.48
CA LEU A 4 3.28 -1.83 15.61
C LEU A 4 2.02 -1.58 16.44
N GLU A 5 1.89 -0.36 16.96
CA GLU A 5 0.75 0.14 17.73
C GLU A 5 0.93 1.65 17.87
N HIS A 6 -0.16 2.40 18.03
CA HIS A 6 -0.19 3.83 18.33
C HIS A 6 -1.61 4.19 18.78
N GLU A 7 -2.08 3.60 19.88
CA GLU A 7 -3.41 3.82 20.44
C GLU A 7 -4.51 3.48 19.42
N LYS A 8 -4.43 2.33 18.77
CA LYS A 8 -5.48 1.86 17.87
C LYS A 8 -5.71 0.36 18.05
N THR A 9 -6.53 -0.26 17.21
CA THR A 9 -6.73 -1.70 17.19
C THR A 9 -5.84 -2.25 16.06
N PRO A 10 -4.58 -2.65 16.34
CA PRO A 10 -3.71 -3.20 15.31
C PRO A 10 -4.19 -4.57 14.84
N GLU A 11 -5.06 -5.25 15.60
CA GLU A 11 -5.53 -6.58 15.29
C GLU A 11 -6.51 -6.49 14.13
N LEU A 12 -7.56 -5.68 14.26
CA LEU A 12 -8.52 -5.47 13.17
C LEU A 12 -7.81 -4.81 12.00
N ALA A 13 -6.86 -3.90 12.23
CA ALA A 13 -6.14 -3.29 11.11
C ALA A 13 -5.32 -4.32 10.34
N ALA A 14 -4.89 -5.41 11.00
CA ALA A 14 -4.22 -6.53 10.34
C ALA A 14 -5.21 -7.50 9.69
N LYS A 15 -6.47 -7.56 10.15
CA LYS A 15 -7.53 -8.35 9.49
C LYS A 15 -7.91 -7.62 8.22
N LEU A 16 -8.19 -6.33 8.33
CA LEU A 16 -8.46 -5.41 7.23
C LEU A 16 -7.29 -5.38 6.24
N ALA A 17 -6.05 -5.52 6.74
CA ALA A 17 -4.88 -5.64 5.88
C ALA A 17 -4.96 -6.88 5.00
N ALA A 18 -5.42 -8.02 5.52
CA ALA A 18 -5.47 -9.27 4.77
C ALA A 18 -6.39 -9.12 3.56
N GLU A 19 -7.54 -8.49 3.75
CA GLU A 19 -8.50 -8.21 2.68
C GLU A 19 -7.84 -7.34 1.61
N ALA A 20 -7.15 -6.28 2.03
CA ALA A 20 -6.43 -5.36 1.17
C ALA A 20 -5.23 -6.01 0.49
N ILE A 21 -4.61 -7.02 1.10
CA ILE A 21 -3.50 -7.80 0.58
C ILE A 21 -3.99 -8.81 -0.46
N GLU A 22 -5.20 -9.36 -0.28
CA GLU A 22 -5.80 -10.23 -1.28
C GLU A 22 -6.04 -9.38 -2.54
N ARG A 23 -6.47 -8.12 -2.40
CA ARG A 23 -6.69 -7.25 -3.56
C ARG A 23 -5.40 -6.71 -4.16
N ASP A 24 -4.49 -6.19 -3.35
CA ASP A 24 -3.29 -5.51 -3.83
C ASP A 24 -2.06 -6.42 -3.91
N PRO A 25 -1.51 -6.67 -5.12
CA PRO A 25 -0.35 -7.53 -5.27
C PRO A 25 0.89 -6.92 -4.62
N TRP A 26 1.03 -5.59 -4.57
CA TRP A 26 2.16 -4.96 -3.92
C TRP A 26 2.04 -5.05 -2.40
N ALA A 27 0.85 -4.88 -1.81
CA ALA A 27 0.69 -5.07 -0.37
C ALA A 27 1.08 -6.49 0.03
N ALA A 28 0.69 -7.48 -0.77
CA ALA A 28 1.07 -8.86 -0.58
C ALA A 28 2.58 -8.97 -0.57
N GLN A 29 3.23 -8.42 -1.60
CA GLN A 29 4.67 -8.44 -1.77
C GLN A 29 5.35 -7.80 -0.56
N VAL A 30 4.88 -6.65 -0.08
CA VAL A 30 5.55 -5.97 1.03
C VAL A 30 5.46 -6.80 2.31
N SER A 31 4.36 -7.51 2.54
CA SER A 31 4.26 -8.43 3.66
C SER A 31 5.18 -9.63 3.44
N GLN A 32 5.33 -10.08 2.19
CA GLN A 32 6.12 -11.24 1.83
C GLN A 32 7.59 -10.95 2.10
N LEU A 33 8.03 -9.71 1.87
CA LEU A 33 9.39 -9.23 2.16
C LEU A 33 9.55 -8.79 3.61
N SER A 34 8.43 -8.69 4.34
CA SER A 34 8.34 -8.17 5.69
C SER A 34 9.19 -6.92 5.89
N LEU A 35 8.88 -5.85 5.16
CA LEU A 35 9.58 -4.57 5.35
C LEU A 35 9.45 -4.11 6.81
N PRO A 36 10.45 -3.37 7.33
CA PRO A 36 10.55 -2.96 8.73
C PRO A 36 9.51 -1.92 9.15
N LYS A 37 9.81 -0.62 9.13
CA LYS A 37 8.84 0.41 9.51
C LYS A 37 8.99 1.69 8.70
N LEU A 38 10.16 2.32 8.65
CA LEU A 38 10.33 3.48 7.78
C LEU A 38 10.26 2.99 6.33
N VAL A 39 11.04 1.97 5.99
CA VAL A 39 11.09 1.42 4.64
C VAL A 39 9.70 0.85 4.30
N GLU A 40 9.05 0.19 5.26
CA GLU A 40 7.67 -0.28 5.12
C GLU A 40 6.79 0.90 4.76
N GLN A 41 6.83 1.98 5.53
CA GLN A 41 5.95 3.11 5.32
C GLN A 41 6.25 3.76 3.97
N VAL A 42 7.49 3.79 3.48
CA VAL A 42 7.77 4.29 2.13
C VAL A 42 7.06 3.41 1.12
N ALA A 43 7.33 2.10 1.17
CA ALA A 43 6.72 1.14 0.26
C ALA A 43 5.20 1.25 0.30
N LEU A 44 4.63 1.46 1.50
CA LEU A 44 3.20 1.51 1.68
C LEU A 44 2.61 2.87 1.32
N ASN A 45 3.36 3.98 1.45
CA ASN A 45 2.87 5.32 1.13
C ASN A 45 3.03 5.60 -0.37
N ALA A 46 3.36 4.57 -1.15
CA ALA A 46 3.52 4.64 -2.59
C ALA A 46 2.78 3.48 -3.24
N TRP A 47 2.46 3.64 -4.51
CA TRP A 47 1.87 2.58 -5.33
C TRP A 47 3.02 2.17 -6.25
N LYS A 48 3.21 0.86 -6.37
CA LYS A 48 4.33 0.29 -7.09
C LYS A 48 4.02 0.11 -8.56
N GLU A 49 4.53 0.98 -9.41
CA GLU A 49 4.39 0.78 -10.84
C GLU A 49 5.47 -0.24 -11.21
N GLU A 50 5.25 -0.99 -12.29
CA GLU A 50 6.17 -1.99 -12.79
C GLU A 50 6.29 -1.76 -14.28
N SER A 51 7.45 -1.28 -14.68
CA SER A 51 7.84 -0.97 -16.03
C SER A 51 8.39 -2.26 -16.62
N ASP A 52 8.78 -2.24 -17.88
CA ASP A 52 9.37 -3.37 -18.60
C ASP A 52 10.42 -4.08 -17.76
N ASN A 53 11.36 -3.31 -17.19
CA ASN A 53 12.48 -3.84 -16.43
C ASN A 53 12.70 -3.12 -15.09
N ALA A 54 11.84 -2.18 -14.69
CA ALA A 54 12.05 -1.36 -13.49
C ALA A 54 10.81 -1.40 -12.62
N VAL A 55 10.92 -1.00 -11.35
CA VAL A 55 9.79 -1.01 -10.44
C VAL A 55 9.85 0.31 -9.68
N CYS A 56 9.03 1.28 -10.09
CA CYS A 56 9.07 2.64 -9.56
C CYS A 56 7.96 2.83 -8.54
N LEU A 57 8.29 3.36 -7.37
CA LEU A 57 7.35 3.57 -6.28
C LEU A 57 6.85 5.01 -6.31
N HIS A 58 5.61 5.18 -6.76
CA HIS A 58 4.98 6.50 -6.85
C HIS A 58 4.40 6.84 -5.48
N LEU A 59 5.11 7.64 -4.69
CA LEU A 59 4.78 7.99 -3.31
C LEU A 59 3.86 9.21 -3.29
N ARG A 60 2.94 9.29 -2.34
CA ARG A 60 2.10 10.48 -2.17
C ARG A 60 3.06 11.64 -1.90
N SER A 61 3.04 12.71 -2.68
CA SER A 61 3.86 13.88 -2.38
C SER A 61 3.53 14.45 -1.00
N SER A 62 2.30 14.26 -0.51
CA SER A 62 1.86 14.75 0.79
C SER A 62 2.54 13.98 1.94
N GLN A 63 3.11 12.80 1.66
CA GLN A 63 3.82 11.93 2.60
C GLN A 63 5.32 11.83 2.22
N ARG A 64 5.83 12.81 1.48
CA ARG A 64 7.25 12.87 1.08
C ARG A 64 8.21 12.87 2.26
N HIS A 65 7.76 13.18 3.48
CA HIS A 65 8.64 13.12 4.65
C HIS A 65 9.19 11.69 4.87
N LEU A 66 8.54 10.64 4.38
CA LEU A 66 9.11 9.29 4.48
C LEU A 66 10.14 9.04 3.38
N ASN A 67 9.90 9.54 2.16
CA ASN A 67 10.77 9.24 1.01
C ASN A 67 12.13 9.89 1.16
N ASN A 68 13.12 9.11 1.55
CA ASN A 68 14.50 9.53 1.59
C ASN A 68 15.31 8.41 0.92
N ARG A 69 16.45 8.75 0.34
CA ARG A 69 17.29 7.79 -0.39
C ARG A 69 17.84 6.70 0.51
N GLY A 70 17.96 6.97 1.80
CA GLY A 70 18.36 6.02 2.82
C GLY A 70 17.40 4.83 2.84
N ALA A 71 16.09 5.09 3.00
CA ALA A 71 15.08 4.04 3.00
C ALA A 71 15.07 3.28 1.68
N GLN A 72 15.25 3.98 0.56
CA GLN A 72 15.30 3.36 -0.77
C GLN A 72 16.39 2.29 -0.85
N GLN A 73 17.50 2.42 -0.12
CA GLN A 73 18.61 1.49 -0.22
C GLN A 73 18.16 0.08 0.20
N LYS A 74 17.52 -0.02 1.36
CA LYS A 74 16.95 -1.29 1.82
C LYS A 74 15.82 -1.70 0.88
N LEU A 75 14.98 -0.75 0.45
CA LEU A 75 13.87 -1.04 -0.45
C LEU A 75 14.40 -1.69 -1.74
N ALA A 76 15.55 -1.24 -2.24
CA ALA A 76 16.16 -1.71 -3.49
C ALA A 76 16.65 -3.13 -3.32
N GLU A 77 17.32 -3.42 -2.20
CA GLU A 77 17.74 -4.78 -1.88
C GLU A 77 16.51 -5.69 -1.76
N ALA A 78 15.45 -5.21 -1.11
CA ALA A 78 14.22 -5.95 -0.90
C ALA A 78 13.58 -6.27 -2.25
N LEU A 79 13.36 -5.27 -3.11
CA LEU A 79 12.80 -5.46 -4.44
C LEU A 79 13.69 -6.34 -5.31
N SER A 80 15.01 -6.24 -5.15
CA SER A 80 15.95 -7.11 -5.84
C SER A 80 15.75 -8.56 -5.39
N MET A 81 15.54 -8.79 -4.09
CA MET A 81 15.29 -10.12 -3.56
C MET A 81 13.96 -10.66 -4.09
N LEU A 82 12.95 -9.78 -4.15
CA LEU A 82 11.61 -10.10 -4.62
C LEU A 82 11.64 -10.58 -6.05
N LYS A 83 12.25 -9.80 -6.94
CA LYS A 83 12.32 -10.11 -8.37
C LYS A 83 13.41 -11.15 -8.65
N GLY A 84 14.29 -11.41 -7.68
CA GLY A 84 15.46 -12.28 -7.82
C GLY A 84 16.54 -11.70 -8.73
N SER A 85 16.39 -10.46 -9.19
CA SER A 85 17.27 -9.83 -10.16
C SER A 85 17.52 -8.37 -9.83
N THR A 86 18.21 -7.66 -10.72
CA THR A 86 18.62 -6.28 -10.53
C THR A 86 17.46 -5.40 -10.99
N VAL A 87 16.67 -4.93 -10.03
CA VAL A 87 15.50 -4.10 -10.24
C VAL A 87 15.93 -2.64 -10.22
N GLU A 88 15.45 -1.88 -11.20
CA GLU A 88 15.65 -0.45 -11.25
C GLU A 88 14.57 0.16 -10.36
N LEU A 89 14.86 0.24 -9.07
CA LEU A 89 13.93 0.80 -8.10
C LEU A 89 14.15 2.29 -8.00
N THR A 90 13.13 3.06 -8.34
CA THR A 90 13.13 4.50 -8.18
C THR A 90 11.93 4.87 -7.29
N ILE A 91 11.98 6.03 -6.65
CA ILE A 91 10.88 6.58 -5.88
C ILE A 91 10.54 7.86 -6.66
N VAL A 92 9.25 8.08 -6.93
CA VAL A 92 8.75 9.30 -7.55
C VAL A 92 7.66 9.87 -6.62
N GLU A 93 7.17 11.09 -6.84
CA GLU A 93 6.24 11.74 -5.93
C GLU A 93 5.04 12.28 -6.72
N ASP A 94 3.88 11.66 -6.53
CA ASP A 94 2.60 12.05 -7.14
C ASP A 94 1.51 11.88 -6.10
N ASP A 95 0.77 12.95 -5.80
CA ASP A 95 -0.25 12.96 -4.76
C ASP A 95 -1.39 12.01 -5.10
N ASN A 96 -2.02 12.13 -6.27
CA ASN A 96 -3.16 11.26 -6.63
C ASN A 96 -3.29 11.16 -8.14
N PRO A 97 -2.48 10.32 -8.82
CA PRO A 97 -2.59 10.11 -10.25
C PRO A 97 -3.91 9.39 -10.55
N ALA A 98 -3.98 8.08 -10.30
CA ALA A 98 -5.18 7.26 -10.47
C ALA A 98 -5.08 5.91 -9.74
N VAL A 99 -4.08 5.73 -8.90
CA VAL A 99 -3.79 4.46 -8.24
C VAL A 99 -3.78 4.68 -6.73
N ARG A 100 -4.38 3.76 -6.00
CA ARG A 100 -4.36 3.75 -4.54
C ARG A 100 -3.06 3.09 -4.09
N THR A 101 -2.43 3.63 -3.06
CA THR A 101 -1.25 3.01 -2.45
C THR A 101 -1.79 1.86 -1.58
N PRO A 102 -1.00 0.91 -1.07
CA PRO A 102 -1.52 -0.09 -0.15
C PRO A 102 -1.91 0.56 1.19
N LEU A 103 -1.31 1.70 1.57
CA LEU A 103 -1.72 2.45 2.76
C LEU A 103 -3.17 2.90 2.56
N GLU A 104 -3.49 3.39 1.35
CA GLU A 104 -4.84 3.75 0.97
C GLU A 104 -5.70 2.50 0.90
N TRP A 105 -5.26 1.40 0.28
CA TRP A 105 -6.10 0.23 0.09
C TRP A 105 -6.63 -0.31 1.42
N ARG A 106 -5.84 -0.33 2.50
CA ARG A 106 -6.36 -0.73 3.82
C ARG A 106 -7.54 0.15 4.25
N GLN A 107 -7.49 1.44 3.93
CA GLN A 107 -8.59 2.37 4.19
C GLN A 107 -9.72 2.17 3.20
N ALA A 108 -9.42 2.01 1.91
CA ALA A 108 -10.39 1.84 0.84
C ALA A 108 -11.22 0.60 1.12
N ILE A 109 -10.61 -0.50 1.54
CA ILE A 109 -11.26 -1.78 1.81
C ILE A 109 -12.19 -1.70 3.04
N TYR A 110 -12.02 -0.69 3.90
CA TYR A 110 -12.93 -0.43 5.01
C TYR A 110 -14.09 0.41 4.48
N GLU A 111 -13.75 1.50 3.81
CA GLU A 111 -14.64 2.45 3.17
C GLU A 111 -15.56 1.72 2.19
N GLU A 112 -15.10 0.65 1.54
CA GLU A 112 -15.86 -0.16 0.61
C GLU A 112 -16.92 -1.00 1.32
N LYS A 113 -16.65 -1.47 2.54
CA LYS A 113 -17.64 -2.26 3.29
C LYS A 113 -18.80 -1.35 3.73
N LEU A 114 -18.55 -0.05 3.80
CA LEU A 114 -19.54 0.99 4.06
C LEU A 114 -20.17 1.45 2.74
N ALA A 115 -19.38 1.67 1.69
CA ALA A 115 -19.86 2.17 0.41
C ALA A 115 -20.71 1.11 -0.29
N GLN A 116 -20.46 -0.19 -0.03
CA GLN A 116 -21.27 -1.25 -0.61
C GLN A 116 -22.71 -1.16 -0.08
N ALA A 117 -22.91 -0.53 1.07
CA ALA A 117 -24.24 -0.27 1.62
C ALA A 117 -25.04 0.68 0.71
N ARG A 118 -24.38 1.53 -0.08
CA ARG A 118 -25.05 2.38 -1.06
C ARG A 118 -25.14 1.63 -2.39
N GLU A 119 -24.08 0.91 -2.76
CA GLU A 119 -24.02 0.07 -3.95
C GLU A 119 -25.15 -0.97 -3.93
N SER A 120 -25.58 -1.37 -2.73
CA SER A 120 -26.70 -2.24 -2.47
C SER A 120 -27.96 -1.75 -3.19
N ILE A 121 -28.29 -0.46 -3.13
CA ILE A 121 -29.54 0.03 -3.70
C ILE A 121 -29.57 -0.16 -5.22
N ILE A 122 -28.44 -0.04 -5.93
CA ILE A 122 -28.42 -0.20 -7.38
C ILE A 122 -28.22 -1.68 -7.73
N ALA A 123 -27.59 -2.46 -6.84
CA ALA A 123 -27.43 -3.89 -6.97
C ALA A 123 -28.81 -4.59 -6.82
N ASP A 124 -29.64 -4.09 -5.92
CA ASP A 124 -31.03 -4.50 -5.71
C ASP A 124 -31.77 -3.98 -6.94
N ASN A 125 -31.70 -2.65 -7.12
CA ASN A 125 -32.21 -1.77 -8.14
C ASN A 125 -33.68 -1.44 -7.90
N ASN A 126 -34.16 -0.39 -8.56
CA ASN A 126 -35.55 0.03 -8.57
C ASN A 126 -36.11 0.04 -9.99
N ILE A 127 -35.26 0.14 -11.03
CA ILE A 127 -35.67 0.03 -12.42
C ILE A 127 -34.44 -0.51 -13.18
N GLN A 128 -33.44 0.34 -13.38
CA GLN A 128 -32.13 0.07 -13.94
C GLN A 128 -31.30 1.23 -13.44
N MET A 1 16.41 0.73 22.29
CA MET A 1 14.99 0.67 21.94
C MET A 1 14.74 1.45 20.65
N LYS A 2 13.86 0.99 19.77
CA LYS A 2 13.37 1.77 18.63
C LYS A 2 12.01 1.21 18.22
N ALA A 3 10.92 1.83 18.68
CA ALA A 3 9.57 1.46 18.29
C ALA A 3 8.61 2.62 18.62
N LEU A 4 7.39 2.55 18.11
CA LEU A 4 6.27 3.45 18.41
C LEU A 4 5.03 2.78 17.82
N GLU A 5 4.39 1.90 18.56
CA GLU A 5 3.13 1.24 18.22
C GLU A 5 2.54 0.65 19.50
N HIS A 6 1.24 0.32 19.44
CA HIS A 6 0.31 -0.28 20.41
C HIS A 6 -0.96 0.56 20.52
N GLU A 7 -0.88 1.87 20.29
CA GLU A 7 -1.99 2.80 20.48
C GLU A 7 -3.02 2.75 19.32
N LYS A 8 -2.66 2.21 18.15
CA LYS A 8 -3.57 1.99 17.03
C LYS A 8 -4.12 0.57 17.12
N THR A 9 -4.83 0.10 16.09
CA THR A 9 -5.37 -1.25 16.02
C THR A 9 -4.54 -2.12 15.07
N PRO A 10 -3.40 -2.70 15.52
CA PRO A 10 -2.58 -3.49 14.63
C PRO A 10 -3.22 -4.85 14.29
N GLU A 11 -4.24 -5.31 15.01
CA GLU A 11 -4.87 -6.60 14.74
C GLU A 11 -5.91 -6.36 13.65
N LEU A 12 -6.77 -5.36 13.83
CA LEU A 12 -7.76 -4.95 12.84
C LEU A 12 -7.01 -4.64 11.55
N ALA A 13 -5.92 -3.88 11.63
CA ALA A 13 -5.19 -3.47 10.45
C ALA A 13 -4.55 -4.66 9.76
N ALA A 14 -4.12 -5.68 10.50
CA ALA A 14 -3.55 -6.89 9.92
C ALA A 14 -4.63 -7.81 9.36
N LYS A 15 -5.83 -7.80 9.94
CA LYS A 15 -6.97 -8.54 9.40
C LYS A 15 -7.40 -7.89 8.10
N LEU A 16 -7.56 -6.58 8.14
CA LEU A 16 -7.96 -5.75 7.03
C LEU A 16 -6.91 -5.81 5.92
N ALA A 17 -5.62 -5.96 6.29
CA ALA A 17 -4.53 -6.16 5.35
C ALA A 17 -4.75 -7.41 4.51
N ALA A 18 -5.21 -8.52 5.07
CA ALA A 18 -5.33 -9.78 4.34
C ALA A 18 -6.22 -9.63 3.10
N GLU A 19 -7.39 -9.02 3.30
CA GLU A 19 -8.32 -8.68 2.22
C GLU A 19 -7.65 -7.71 1.23
N ALA A 20 -6.95 -6.71 1.74
CA ALA A 20 -6.36 -5.66 0.92
C ALA A 20 -5.09 -6.09 0.19
N ILE A 21 -4.43 -7.17 0.63
CA ILE A 21 -3.30 -7.81 0.02
C ILE A 21 -3.80 -8.67 -1.13
N GLU A 22 -5.01 -9.23 -0.97
CA GLU A 22 -5.57 -10.04 -2.01
C GLU A 22 -5.93 -9.06 -3.14
N ARG A 23 -6.48 -7.90 -2.77
CA ARG A 23 -6.86 -6.82 -3.66
C ARG A 23 -5.63 -6.19 -4.33
N ASP A 24 -4.55 -5.98 -3.58
CA ASP A 24 -3.36 -5.27 -4.05
C ASP A 24 -2.10 -6.12 -4.09
N PRO A 25 -1.58 -6.47 -5.29
CA PRO A 25 -0.35 -7.24 -5.38
C PRO A 25 0.86 -6.46 -4.84
N TRP A 26 0.87 -5.12 -4.85
CA TRP A 26 1.95 -4.38 -4.22
C TRP A 26 1.87 -4.55 -2.70
N ALA A 27 0.69 -4.50 -2.08
CA ALA A 27 0.58 -4.78 -0.65
C ALA A 27 1.10 -6.18 -0.34
N ALA A 28 0.81 -7.16 -1.19
CA ALA A 28 1.29 -8.51 -1.02
C ALA A 28 2.81 -8.54 -1.08
N GLN A 29 3.41 -7.82 -2.03
CA GLN A 29 4.84 -7.67 -2.16
C GLN A 29 5.37 -7.07 -0.86
N VAL A 30 4.88 -5.92 -0.42
CA VAL A 30 5.33 -5.19 0.77
C VAL A 30 5.31 -6.09 2.00
N SER A 31 4.23 -6.86 2.13
CA SER A 31 4.02 -7.72 3.27
C SER A 31 5.01 -8.89 3.30
N GLN A 32 5.56 -9.26 2.13
CA GLN A 32 6.61 -10.24 1.99
C GLN A 32 7.96 -9.54 2.17
N LEU A 33 8.12 -8.30 1.69
CA LEU A 33 9.35 -7.50 1.81
C LEU A 33 9.67 -7.22 3.27
N SER A 34 8.67 -7.31 4.13
CA SER A 34 8.79 -7.21 5.58
C SER A 34 9.54 -5.94 5.99
N LEU A 35 9.19 -4.79 5.39
CA LEU A 35 9.87 -3.53 5.71
C LEU A 35 9.64 -3.20 7.19
N PRO A 36 10.62 -2.59 7.88
CA PRO A 36 10.53 -2.34 9.31
C PRO A 36 9.47 -1.30 9.66
N LYS A 37 9.74 -0.01 9.45
CA LYS A 37 8.83 1.04 9.89
C LYS A 37 8.86 2.28 9.01
N LEU A 38 10.01 2.91 8.84
CA LEU A 38 10.12 4.10 7.97
C LEU A 38 9.95 3.66 6.52
N VAL A 39 10.72 2.65 6.10
CA VAL A 39 10.64 2.14 4.72
C VAL A 39 9.26 1.52 4.47
N GLU A 40 8.63 0.97 5.51
CA GLU A 40 7.27 0.46 5.41
C GLU A 40 6.36 1.65 5.08
N GLN A 41 6.49 2.78 5.76
CA GLN A 41 5.65 3.95 5.54
C GLN A 41 5.79 4.48 4.11
N VAL A 42 7.00 4.41 3.55
CA VAL A 42 7.27 4.76 2.15
C VAL A 42 6.51 3.81 1.25
N ALA A 43 6.72 2.50 1.38
CA ALA A 43 6.06 1.51 0.54
C ALA A 43 4.53 1.60 0.67
N LEU A 44 4.03 1.91 1.86
CA LEU A 44 2.64 2.09 2.23
C LEU A 44 2.05 3.32 1.57
N ASN A 45 2.81 4.40 1.44
CA ASN A 45 2.31 5.64 0.90
C ASN A 45 2.75 5.80 -0.55
N ALA A 46 3.05 4.69 -1.24
CA ALA A 46 3.36 4.69 -2.65
C ALA A 46 2.59 3.58 -3.36
N TRP A 47 2.32 3.79 -4.64
CA TRP A 47 1.72 2.79 -5.52
C TRP A 47 2.86 2.36 -6.43
N LYS A 48 2.86 1.09 -6.86
CA LYS A 48 3.97 0.51 -7.61
C LYS A 48 3.76 0.39 -9.10
N GLU A 49 4.27 1.37 -9.84
CA GLU A 49 4.27 1.30 -11.28
C GLU A 49 5.39 0.28 -11.59
N GLU A 50 5.21 -0.52 -12.62
CA GLU A 50 6.20 -1.49 -13.05
C GLU A 50 6.33 -1.33 -14.56
N SER A 51 7.57 -1.18 -15.00
CA SER A 51 8.00 -1.12 -16.37
C SER A 51 8.54 -2.51 -16.72
N ASP A 52 8.84 -2.71 -18.01
CA ASP A 52 9.23 -4.01 -18.55
C ASP A 52 10.33 -4.72 -17.76
N ASN A 53 11.23 -3.95 -17.13
CA ASN A 53 12.30 -4.43 -16.29
C ASN A 53 12.48 -3.69 -14.97
N ALA A 54 11.78 -2.59 -14.67
CA ALA A 54 12.02 -1.77 -13.49
C ALA A 54 10.73 -1.49 -12.70
N VAL A 55 10.87 -0.87 -11.53
CA VAL A 55 9.75 -0.64 -10.60
C VAL A 55 9.87 0.79 -10.05
N CYS A 56 8.85 1.60 -10.27
CA CYS A 56 8.80 3.00 -9.86
C CYS A 56 7.71 3.15 -8.78
N LEU A 57 8.09 3.43 -7.53
CA LEU A 57 7.13 3.66 -6.46
C LEU A 57 6.68 5.11 -6.45
N HIS A 58 5.48 5.34 -6.94
CA HIS A 58 4.79 6.62 -6.97
C HIS A 58 4.33 6.98 -5.57
N LEU A 59 5.16 7.70 -4.84
CA LEU A 59 4.97 8.07 -3.44
C LEU A 59 4.17 9.35 -3.34
N ARG A 60 3.08 9.31 -2.59
CA ARG A 60 2.24 10.46 -2.28
C ARG A 60 3.11 11.58 -1.75
N SER A 61 2.98 12.78 -2.32
CA SER A 61 3.73 13.96 -1.92
C SER A 61 3.50 14.28 -0.44
N SER A 62 2.34 13.92 0.13
CA SER A 62 2.07 14.13 1.54
C SER A 62 3.07 13.38 2.42
N GLN A 63 3.67 12.29 1.91
CA GLN A 63 4.72 11.56 2.59
C GLN A 63 6.08 11.72 1.93
N ARG A 64 6.28 12.63 0.96
CA ARG A 64 7.61 12.86 0.40
C ARG A 64 8.59 13.31 1.48
N HIS A 65 8.13 13.86 2.60
CA HIS A 65 9.00 14.18 3.72
C HIS A 65 9.70 12.92 4.25
N LEU A 66 9.06 11.74 4.17
CA LEU A 66 9.67 10.46 4.58
C LEU A 66 10.72 10.03 3.57
N ASN A 67 10.48 10.23 2.27
CA ASN A 67 11.30 9.77 1.14
C ASN A 67 12.77 10.09 1.31
N ASN A 68 13.57 9.06 1.62
CA ASN A 68 15.03 9.17 1.69
C ASN A 68 15.65 8.03 0.91
N ARG A 69 16.82 8.26 0.30
CA ARG A 69 17.42 7.26 -0.58
C ARG A 69 17.88 6.03 0.20
N GLY A 70 18.22 6.17 1.48
CA GLY A 70 18.52 5.04 2.32
C GLY A 70 17.31 4.12 2.50
N ALA A 71 16.09 4.65 2.52
CA ALA A 71 14.90 3.81 2.56
C ALA A 71 14.76 3.06 1.24
N GLN A 72 14.96 3.75 0.11
CA GLN A 72 15.00 3.16 -1.22
C GLN A 72 15.98 1.99 -1.28
N GLN A 73 17.12 2.07 -0.61
CA GLN A 73 18.13 1.02 -0.62
C GLN A 73 17.54 -0.27 -0.05
N LYS A 74 16.96 -0.19 1.16
CA LYS A 74 16.42 -1.40 1.77
C LYS A 74 15.24 -1.92 0.96
N LEU A 75 14.41 -1.01 0.43
CA LEU A 75 13.32 -1.37 -0.47
C LEU A 75 13.90 -2.13 -1.66
N ALA A 76 15.01 -1.66 -2.24
CA ALA A 76 15.62 -2.20 -3.45
C ALA A 76 16.13 -3.59 -3.20
N GLU A 77 16.86 -3.79 -2.11
CA GLU A 77 17.34 -5.11 -1.69
C GLU A 77 16.17 -6.07 -1.51
N ALA A 78 15.10 -5.62 -0.86
CA ALA A 78 13.95 -6.45 -0.54
C ALA A 78 13.21 -6.84 -1.83
N LEU A 79 12.85 -5.87 -2.67
CA LEU A 79 12.17 -6.13 -3.93
C LEU A 79 13.05 -6.96 -4.85
N SER A 80 14.36 -6.72 -4.86
CA SER A 80 15.30 -7.53 -5.61
C SER A 80 15.29 -8.98 -5.12
N MET A 81 15.27 -9.19 -3.80
CA MET A 81 15.25 -10.51 -3.20
C MET A 81 13.92 -11.21 -3.50
N LEU A 82 12.81 -10.48 -3.50
CA LEU A 82 11.49 -10.97 -3.88
C LEU A 82 11.45 -11.34 -5.37
N LYS A 83 11.96 -10.47 -6.24
CA LYS A 83 11.87 -10.64 -7.70
C LYS A 83 12.94 -11.57 -8.24
N GLY A 84 13.96 -11.93 -7.48
CA GLY A 84 15.03 -12.82 -7.93
C GLY A 84 15.96 -12.17 -8.95
N SER A 85 15.78 -10.88 -9.23
CA SER A 85 16.64 -10.09 -10.10
C SER A 85 16.79 -8.71 -9.48
N THR A 86 17.87 -8.01 -9.80
CA THR A 86 18.13 -6.68 -9.26
C THR A 86 17.21 -5.70 -10.01
N VAL A 87 16.28 -5.07 -9.30
CA VAL A 87 15.25 -4.19 -9.85
C VAL A 87 15.75 -2.75 -9.80
N GLU A 88 15.43 -1.94 -10.82
CA GLU A 88 15.75 -0.51 -10.78
C GLU A 88 14.54 0.06 -10.06
N LEU A 89 14.63 0.04 -8.73
CA LEU A 89 13.56 0.46 -7.84
C LEU A 89 13.76 1.93 -7.55
N THR A 90 12.84 2.77 -8.02
CA THR A 90 12.86 4.20 -7.80
C THR A 90 11.68 4.58 -6.91
N ILE A 91 11.75 5.78 -6.36
CA ILE A 91 10.71 6.42 -5.58
C ILE A 91 10.52 7.72 -6.37
N VAL A 92 9.32 7.98 -6.87
CA VAL A 92 8.99 9.24 -7.54
C VAL A 92 7.96 9.95 -6.66
N GLU A 93 7.96 11.29 -6.64
CA GLU A 93 6.93 12.02 -5.93
C GLU A 93 5.72 12.11 -6.86
N ASP A 94 4.57 11.60 -6.42
CA ASP A 94 3.35 11.54 -7.19
C ASP A 94 2.19 11.85 -6.25
N ASP A 95 1.86 13.13 -6.16
CA ASP A 95 0.77 13.66 -5.31
C ASP A 95 -0.61 13.23 -5.79
N ASN A 96 -0.76 12.89 -7.06
CA ASN A 96 -2.02 12.48 -7.64
C ASN A 96 -2.41 11.10 -7.08
N PRO A 97 -3.53 10.94 -6.35
CA PRO A 97 -3.96 9.66 -5.82
C PRO A 97 -4.59 8.76 -6.89
N ALA A 98 -4.05 8.80 -8.11
CA ALA A 98 -4.54 8.13 -9.31
C ALA A 98 -4.62 6.62 -9.19
N VAL A 99 -3.92 6.05 -8.20
CA VAL A 99 -3.91 4.66 -7.83
C VAL A 99 -3.88 4.61 -6.30
N ARG A 100 -4.52 3.61 -5.71
CA ARG A 100 -4.53 3.38 -4.26
C ARG A 100 -3.20 2.73 -3.86
N THR A 101 -2.50 3.29 -2.88
CA THR A 101 -1.28 2.72 -2.31
C THR A 101 -1.67 1.54 -1.39
N PRO A 102 -0.76 0.70 -0.83
CA PRO A 102 -1.16 -0.42 0.01
C PRO A 102 -1.68 0.00 1.40
N LEU A 103 -1.63 1.30 1.72
CA LEU A 103 -2.23 1.85 2.93
C LEU A 103 -3.64 2.27 2.54
N GLU A 104 -3.75 3.06 1.47
CA GLU A 104 -5.01 3.54 0.93
C GLU A 104 -5.89 2.37 0.48
N TRP A 105 -5.31 1.24 0.06
CA TRP A 105 -6.01 0.02 -0.27
C TRP A 105 -6.53 -0.66 0.99
N ARG A 106 -5.71 -0.78 2.04
CA ARG A 106 -6.17 -1.30 3.33
C ARG A 106 -7.37 -0.47 3.80
N GLN A 107 -7.24 0.85 3.76
CA GLN A 107 -8.31 1.79 4.08
C GLN A 107 -9.52 1.55 3.17
N ALA A 108 -9.29 1.46 1.85
CA ALA A 108 -10.33 1.30 0.86
C ALA A 108 -11.10 0.01 1.10
N ILE A 109 -10.42 -1.07 1.45
CA ILE A 109 -11.01 -2.39 1.69
C ILE A 109 -11.92 -2.38 2.91
N TYR A 110 -11.69 -1.48 3.86
CA TYR A 110 -12.61 -1.32 4.98
C TYR A 110 -13.87 -0.68 4.46
N GLU A 111 -13.69 0.39 3.68
CA GLU A 111 -14.75 1.14 3.07
C GLU A 111 -15.46 0.33 1.98
N GLU A 112 -14.84 -0.67 1.35
CA GLU A 112 -15.46 -1.53 0.36
C GLU A 112 -16.59 -2.30 1.03
N LYS A 113 -16.49 -2.62 2.33
CA LYS A 113 -17.57 -3.24 3.07
C LYS A 113 -18.70 -2.25 3.37
N LEU A 114 -18.41 -0.95 3.41
CA LEU A 114 -19.42 0.09 3.56
C LEU A 114 -20.06 0.37 2.20
N ALA A 115 -19.25 0.46 1.15
CA ALA A 115 -19.66 0.77 -0.21
C ALA A 115 -20.45 -0.38 -0.78
N GLN A 116 -20.09 -1.63 -0.50
CA GLN A 116 -20.88 -2.78 -0.93
C GLN A 116 -22.23 -2.80 -0.22
N ALA A 117 -22.43 -2.05 0.87
CA ALA A 117 -23.76 -1.95 1.49
C ALA A 117 -24.68 -1.06 0.64
N ARG A 118 -24.15 -0.39 -0.39
CA ARG A 118 -24.85 0.39 -1.37
C ARG A 118 -24.79 -0.31 -2.72
N GLU A 119 -23.60 -0.83 -3.07
CA GLU A 119 -23.35 -1.64 -4.24
C GLU A 119 -24.04 -3.00 -4.15
N SER A 120 -24.67 -3.32 -3.03
CA SER A 120 -25.49 -4.51 -2.86
C SER A 120 -26.69 -4.37 -3.79
N ILE A 121 -27.29 -3.17 -3.90
CA ILE A 121 -28.36 -2.94 -4.86
C ILE A 121 -27.80 -3.10 -6.30
N ILE A 122 -26.51 -2.82 -6.52
CA ILE A 122 -25.83 -2.99 -7.80
C ILE A 122 -25.43 -4.47 -7.99
N ALA A 123 -25.56 -5.31 -6.96
CA ALA A 123 -25.36 -6.74 -7.00
C ALA A 123 -26.70 -7.37 -7.38
N ASP A 124 -27.79 -6.89 -6.77
CA ASP A 124 -29.19 -7.24 -7.05
C ASP A 124 -29.55 -6.84 -8.50
N ASN A 125 -28.93 -5.76 -8.97
CA ASN A 125 -28.94 -5.15 -10.30
C ASN A 125 -30.21 -5.40 -11.11
N ASN A 126 -31.28 -4.71 -10.74
CA ASN A 126 -32.65 -4.84 -11.24
C ASN A 126 -32.77 -4.98 -12.76
N ILE A 127 -31.93 -4.30 -13.56
CA ILE A 127 -31.91 -4.48 -15.01
C ILE A 127 -30.48 -4.32 -15.52
N GLN A 128 -29.89 -3.13 -15.42
CA GLN A 128 -28.49 -2.81 -15.73
C GLN A 128 -28.10 -1.75 -14.73
N MET A 1 -0.96 -0.80 13.08
CA MET A 1 -1.90 -0.23 14.05
C MET A 1 -1.12 0.44 15.17
N LYS A 2 -1.35 1.75 15.38
CA LYS A 2 -1.03 2.45 16.62
C LYS A 2 -2.05 3.56 16.79
N ALA A 3 -2.16 4.07 18.02
CA ALA A 3 -2.98 5.14 18.58
C ALA A 3 -3.63 4.61 19.86
N LEU A 4 -4.39 5.45 20.56
CA LEU A 4 -5.17 5.04 21.73
C LEU A 4 -6.45 4.28 21.34
N GLU A 5 -6.71 4.17 20.03
CA GLU A 5 -7.74 3.42 19.33
C GLU A 5 -9.02 3.24 20.15
N HIS A 6 -9.93 4.22 20.10
CA HIS A 6 -11.15 4.22 20.92
C HIS A 6 -12.01 3.03 20.50
N GLU A 7 -12.39 3.04 19.23
CA GLU A 7 -13.11 1.95 18.57
C GLU A 7 -12.44 1.72 17.21
N LYS A 8 -11.22 1.19 17.24
CA LYS A 8 -10.48 0.79 16.05
C LYS A 8 -9.86 -0.53 16.41
N THR A 9 -10.66 -1.59 16.27
CA THR A 9 -10.34 -2.94 16.67
C THR A 9 -9.07 -3.38 15.92
N PRO A 10 -7.91 -3.54 16.58
CA PRO A 10 -6.68 -3.82 15.87
C PRO A 10 -6.70 -5.21 15.24
N GLU A 11 -7.44 -6.16 15.83
CA GLU A 11 -7.62 -7.49 15.27
C GLU A 11 -8.32 -7.40 13.92
N LEU A 12 -9.41 -6.64 13.86
CA LEU A 12 -10.19 -6.46 12.64
C LEU A 12 -9.34 -5.70 11.64
N ALA A 13 -8.72 -4.59 12.04
CA ALA A 13 -7.99 -3.75 11.10
C ALA A 13 -6.84 -4.55 10.48
N ALA A 14 -6.21 -5.43 11.26
CA ALA A 14 -5.20 -6.32 10.72
C ALA A 14 -5.81 -7.46 9.90
N LYS A 15 -7.00 -7.96 10.26
CA LYS A 15 -7.71 -8.96 9.46
C LYS A 15 -8.03 -8.37 8.10
N LEU A 16 -8.48 -7.11 8.09
CA LEU A 16 -8.94 -6.38 6.94
C LEU A 16 -7.73 -6.18 6.01
N ALA A 17 -6.56 -5.87 6.58
CA ALA A 17 -5.32 -5.76 5.82
C ALA A 17 -5.05 -7.01 4.97
N ALA A 18 -5.40 -8.22 5.43
CA ALA A 18 -5.20 -9.45 4.68
C ALA A 18 -6.06 -9.50 3.41
N GLU A 19 -7.23 -8.86 3.40
CA GLU A 19 -8.12 -8.78 2.24
C GLU A 19 -7.57 -7.73 1.26
N ALA A 20 -7.13 -6.57 1.78
CA ALA A 20 -6.47 -5.56 0.97
C ALA A 20 -5.23 -6.14 0.29
N ILE A 21 -4.50 -7.00 1.00
CA ILE A 21 -3.37 -7.75 0.48
C ILE A 21 -3.81 -8.74 -0.59
N GLU A 22 -4.91 -9.45 -0.38
CA GLU A 22 -5.35 -10.45 -1.36
C GLU A 22 -5.76 -9.73 -2.65
N ARG A 23 -6.26 -8.49 -2.55
CA ARG A 23 -6.55 -7.68 -3.73
C ARG A 23 -5.26 -7.14 -4.32
N ASP A 24 -4.51 -6.33 -3.57
CA ASP A 24 -3.33 -5.61 -4.03
C ASP A 24 -2.08 -6.50 -4.10
N PRO A 25 -1.61 -6.89 -5.30
CA PRO A 25 -0.38 -7.67 -5.42
C PRO A 25 0.83 -6.90 -4.87
N TRP A 26 0.79 -5.56 -4.79
CA TRP A 26 1.86 -4.78 -4.18
C TRP A 26 1.82 -4.90 -2.66
N ALA A 27 0.66 -4.72 -2.00
CA ALA A 27 0.55 -4.91 -0.56
C ALA A 27 1.03 -6.32 -0.16
N ALA A 28 0.66 -7.34 -0.95
CA ALA A 28 1.10 -8.71 -0.73
C ALA A 28 2.62 -8.81 -0.87
N GLN A 29 3.19 -8.16 -1.89
CA GLN A 29 4.63 -8.06 -2.07
C GLN A 29 5.25 -7.42 -0.84
N VAL A 30 4.75 -6.28 -0.36
CA VAL A 30 5.32 -5.58 0.79
C VAL A 30 5.32 -6.45 2.03
N SER A 31 4.32 -7.30 2.20
CA SER A 31 4.29 -8.24 3.30
C SER A 31 5.42 -9.27 3.16
N GLN A 32 5.73 -9.71 1.93
CA GLN A 32 6.83 -10.62 1.68
C GLN A 32 8.15 -9.89 1.98
N LEU A 33 8.25 -8.64 1.51
CA LEU A 33 9.44 -7.80 1.59
C LEU A 33 9.86 -7.48 3.02
N SER A 34 8.96 -7.71 3.98
CA SER A 34 9.20 -7.59 5.41
C SER A 34 9.77 -6.23 5.82
N LEU A 35 9.29 -5.14 5.19
CA LEU A 35 9.81 -3.81 5.45
C LEU A 35 9.70 -3.46 6.94
N PRO A 36 10.66 -2.70 7.49
CA PRO A 36 10.74 -2.37 8.91
C PRO A 36 9.62 -1.41 9.35
N LYS A 37 9.90 -0.10 9.49
CA LYS A 37 8.93 0.89 9.99
C LYS A 37 9.02 2.15 9.16
N LEU A 38 10.20 2.78 9.08
CA LEU A 38 10.44 3.93 8.21
C LEU A 38 10.15 3.54 6.77
N VAL A 39 10.82 2.49 6.30
CA VAL A 39 10.71 2.05 4.92
C VAL A 39 9.31 1.46 4.69
N GLU A 40 8.71 0.83 5.71
CA GLU A 40 7.33 0.36 5.62
C GLU A 40 6.44 1.57 5.29
N GLN A 41 6.60 2.69 6.00
CA GLN A 41 5.81 3.89 5.78
C GLN A 41 6.02 4.46 4.38
N VAL A 42 7.20 4.27 3.78
CA VAL A 42 7.48 4.66 2.40
C VAL A 42 6.64 3.79 1.47
N ALA A 43 6.77 2.45 1.53
CA ALA A 43 6.02 1.56 0.66
C ALA A 43 4.51 1.72 0.85
N LEU A 44 4.07 1.96 2.09
CA LEU A 44 2.69 2.24 2.45
C LEU A 44 2.21 3.52 1.79
N ASN A 45 3.06 4.54 1.66
CA ASN A 45 2.70 5.80 1.03
C ASN A 45 3.06 5.81 -0.46
N ALA A 46 3.30 4.66 -1.10
CA ALA A 46 3.55 4.61 -2.53
C ALA A 46 2.78 3.49 -3.21
N TRP A 47 2.39 3.69 -4.46
CA TRP A 47 1.77 2.66 -5.28
C TRP A 47 2.83 2.23 -6.29
N LYS A 48 2.89 0.93 -6.55
CA LYS A 48 3.94 0.34 -7.36
C LYS A 48 3.56 0.25 -8.82
N GLU A 49 4.39 0.80 -9.69
CA GLU A 49 4.28 0.69 -11.13
C GLU A 49 5.49 -0.15 -11.53
N GLU A 50 5.31 -1.35 -12.05
CA GLU A 50 6.40 -2.15 -12.58
C GLU A 50 6.49 -1.79 -14.06
N SER A 51 7.70 -1.56 -14.53
CA SER A 51 8.04 -1.29 -15.91
C SER A 51 8.86 -2.48 -16.44
N ASP A 52 9.26 -2.45 -17.71
CA ASP A 52 9.93 -3.50 -18.48
C ASP A 52 10.85 -4.37 -17.65
N ASN A 53 11.80 -3.78 -16.91
CA ASN A 53 12.67 -4.46 -15.97
C ASN A 53 12.99 -3.44 -14.88
N ALA A 54 11.97 -2.79 -14.32
CA ALA A 54 12.11 -1.75 -13.32
C ALA A 54 10.85 -1.66 -12.45
N VAL A 55 10.92 -0.89 -11.37
CA VAL A 55 9.76 -0.60 -10.52
C VAL A 55 9.81 0.86 -10.09
N CYS A 56 8.86 1.69 -10.53
CA CYS A 56 8.70 3.07 -10.11
C CYS A 56 7.66 3.09 -8.99
N LEU A 57 8.10 3.28 -7.75
CA LEU A 57 7.19 3.44 -6.62
C LEU A 57 6.73 4.89 -6.58
N HIS A 58 5.48 5.12 -6.96
CA HIS A 58 4.83 6.43 -6.97
C HIS A 58 4.45 6.82 -5.56
N LEU A 59 5.31 7.57 -4.86
CA LEU A 59 5.14 7.97 -3.47
C LEU A 59 4.37 9.27 -3.37
N ARG A 60 3.45 9.37 -2.41
CA ARG A 60 2.73 10.61 -2.13
C ARG A 60 3.75 11.72 -1.92
N SER A 61 3.66 12.78 -2.73
CA SER A 61 4.48 13.98 -2.57
C SER A 61 4.35 14.50 -1.13
N SER A 62 3.16 14.35 -0.53
CA SER A 62 2.86 14.81 0.81
C SER A 62 3.69 14.07 1.86
N GLN A 63 4.12 12.84 1.57
CA GLN A 63 4.93 11.99 2.44
C GLN A 63 6.37 11.84 1.94
N ARG A 64 6.81 12.67 0.98
CA ARG A 64 8.21 12.64 0.53
C ARG A 64 9.19 12.92 1.68
N HIS A 65 8.76 13.47 2.82
CA HIS A 65 9.61 13.61 4.01
C HIS A 65 10.27 12.28 4.36
N LEU A 66 9.50 11.17 4.33
CA LEU A 66 9.98 9.85 4.72
C LEU A 66 10.86 9.22 3.64
N ASN A 67 10.55 9.49 2.37
CA ASN A 67 11.28 8.95 1.23
C ASN A 67 12.63 9.61 1.13
N ASN A 68 13.67 8.85 1.42
CA ASN A 68 15.04 9.25 1.26
C ASN A 68 15.78 8.12 0.53
N ARG A 69 16.98 8.37 0.02
CA ARG A 69 17.74 7.35 -0.71
C ARG A 69 18.15 6.17 0.18
N GLY A 70 18.40 6.37 1.48
CA GLY A 70 18.68 5.28 2.41
C GLY A 70 17.50 4.32 2.50
N ALA A 71 16.27 4.85 2.62
CA ALA A 71 15.06 4.05 2.60
C ALA A 71 14.92 3.36 1.24
N GLN A 72 15.14 4.07 0.13
CA GLN A 72 15.09 3.50 -1.22
C GLN A 72 16.04 2.32 -1.35
N GLN A 73 17.27 2.40 -0.82
CA GLN A 73 18.26 1.35 -0.91
C GLN A 73 17.78 0.09 -0.19
N LYS A 74 17.15 0.26 0.97
CA LYS A 74 16.57 -0.87 1.69
C LYS A 74 15.42 -1.46 0.89
N LEU A 75 14.54 -0.61 0.37
CA LEU A 75 13.43 -1.02 -0.48
C LEU A 75 13.99 -1.79 -1.70
N ALA A 76 15.14 -1.35 -2.24
CA ALA A 76 15.75 -1.88 -3.45
C ALA A 76 16.25 -3.30 -3.18
N GLU A 77 16.94 -3.53 -2.07
CA GLU A 77 17.37 -4.86 -1.64
C GLU A 77 16.14 -5.76 -1.57
N ALA A 78 15.09 -5.30 -0.91
CA ALA A 78 13.90 -6.08 -0.65
C ALA A 78 13.24 -6.49 -1.98
N LEU A 79 13.01 -5.52 -2.86
CA LEU A 79 12.44 -5.73 -4.18
C LEU A 79 13.34 -6.62 -5.02
N SER A 80 14.64 -6.46 -4.91
CA SER A 80 15.63 -7.26 -5.63
C SER A 80 15.56 -8.72 -5.17
N MET A 81 15.38 -8.96 -3.88
CA MET A 81 15.26 -10.31 -3.32
C MET A 81 13.90 -10.92 -3.70
N LEU A 82 12.87 -10.09 -3.90
CA LEU A 82 11.56 -10.53 -4.39
C LEU A 82 11.69 -10.94 -5.84
N LYS A 83 12.14 -10.02 -6.71
CA LYS A 83 12.22 -10.19 -8.15
C LYS A 83 13.27 -11.24 -8.53
N GLY A 84 14.30 -11.42 -7.71
CA GLY A 84 15.41 -12.32 -7.97
C GLY A 84 16.44 -11.75 -8.93
N SER A 85 16.34 -10.48 -9.31
CA SER A 85 17.33 -9.78 -10.12
C SER A 85 17.47 -8.34 -9.61
N THR A 86 18.42 -7.56 -10.14
CA THR A 86 18.53 -6.15 -9.80
C THR A 86 17.28 -5.42 -10.30
N VAL A 87 16.47 -4.90 -9.39
CA VAL A 87 15.33 -4.08 -9.76
C VAL A 87 15.83 -2.64 -9.90
N GLU A 88 15.38 -1.93 -10.94
CA GLU A 88 15.68 -0.53 -11.12
C GLU A 88 14.56 0.15 -10.33
N LEU A 89 14.76 0.31 -9.02
CA LEU A 89 13.73 0.81 -8.12
C LEU A 89 13.81 2.32 -8.08
N THR A 90 12.89 2.99 -8.76
CA THR A 90 12.77 4.43 -8.71
C THR A 90 11.69 4.76 -7.69
N ILE A 91 11.73 5.95 -7.11
CA ILE A 91 10.71 6.48 -6.23
C ILE A 91 10.31 7.75 -6.97
N VAL A 92 9.13 7.77 -7.56
CA VAL A 92 8.64 8.92 -8.31
C VAL A 92 7.63 9.61 -7.40
N GLU A 93 7.47 10.93 -7.52
CA GLU A 93 6.49 11.63 -6.72
C GLU A 93 5.12 11.47 -7.37
N ASP A 94 4.09 11.19 -6.57
CA ASP A 94 2.71 11.15 -7.03
C ASP A 94 1.78 11.75 -6.00
N ASP A 95 1.54 13.03 -6.12
CA ASP A 95 0.57 13.78 -5.33
C ASP A 95 -0.88 13.42 -5.67
N ASN A 96 -1.13 12.79 -6.83
CA ASN A 96 -2.46 12.51 -7.35
C ASN A 96 -3.10 11.24 -6.76
N PRO A 97 -4.34 11.27 -6.24
CA PRO A 97 -5.06 10.07 -5.77
C PRO A 97 -5.50 9.11 -6.92
N ALA A 98 -4.90 9.20 -8.10
CA ALA A 98 -5.29 8.45 -9.30
C ALA A 98 -5.13 6.93 -9.18
N VAL A 99 -4.40 6.47 -8.17
CA VAL A 99 -4.21 5.07 -7.81
C VAL A 99 -4.21 5.02 -6.27
N ARG A 100 -4.41 3.85 -5.66
CA ARG A 100 -4.31 3.66 -4.21
C ARG A 100 -2.96 3.03 -3.87
N THR A 101 -2.29 3.52 -2.84
CA THR A 101 -1.07 2.92 -2.30
C THR A 101 -1.53 1.70 -1.47
N PRO A 102 -0.67 0.81 -0.92
CA PRO A 102 -1.18 -0.32 -0.14
C PRO A 102 -1.83 0.17 1.17
N LEU A 103 -1.46 1.35 1.68
CA LEU A 103 -2.12 1.97 2.84
C LEU A 103 -3.52 2.40 2.41
N GLU A 104 -3.61 3.15 1.31
CA GLU A 104 -4.89 3.59 0.77
C GLU A 104 -5.76 2.41 0.37
N TRP A 105 -5.19 1.27 -0.02
CA TRP A 105 -5.91 0.03 -0.29
C TRP A 105 -6.44 -0.55 1.00
N ARG A 106 -5.62 -0.62 2.06
CA ARG A 106 -6.08 -1.04 3.38
C ARG A 106 -7.26 -0.19 3.84
N GLN A 107 -7.20 1.11 3.60
CA GLN A 107 -8.31 2.01 3.89
C GLN A 107 -9.47 1.74 2.93
N ALA A 108 -9.22 1.44 1.66
CA ALA A 108 -10.26 1.23 0.67
C ALA A 108 -11.06 -0.03 0.96
N ILE A 109 -10.42 -1.14 1.33
CA ILE A 109 -11.13 -2.38 1.62
C ILE A 109 -11.92 -2.22 2.94
N TYR A 110 -11.49 -1.34 3.85
CA TYR A 110 -12.23 -1.02 5.06
C TYR A 110 -13.46 -0.21 4.67
N GLU A 111 -13.23 0.88 3.93
CA GLU A 111 -14.27 1.78 3.47
C GLU A 111 -15.26 1.04 2.57
N GLU A 112 -14.85 -0.01 1.86
CA GLU A 112 -15.71 -0.86 1.05
C GLU A 112 -16.85 -1.46 1.88
N LYS A 113 -16.62 -1.76 3.16
CA LYS A 113 -17.60 -2.39 4.02
C LYS A 113 -18.54 -1.32 4.58
N LEU A 114 -18.04 -0.12 4.79
CA LEU A 114 -18.82 1.05 5.19
C LEU A 114 -19.68 1.49 4.00
N ALA A 115 -19.14 1.40 2.78
CA ALA A 115 -19.83 1.65 1.53
C ALA A 115 -20.91 0.61 1.34
N GLN A 116 -20.67 -0.66 1.69
CA GLN A 116 -21.71 -1.69 1.59
C GLN A 116 -22.90 -1.39 2.50
N ALA A 117 -22.70 -0.59 3.55
CA ALA A 117 -23.80 -0.12 4.39
C ALA A 117 -24.47 1.07 3.70
N ARG A 118 -23.68 1.95 3.05
CA ARG A 118 -24.17 3.06 2.26
C ARG A 118 -25.00 2.60 1.06
N GLU A 119 -24.78 1.39 0.53
CA GLU A 119 -25.53 0.90 -0.62
C GLU A 119 -27.03 0.88 -0.31
N SER A 120 -27.39 0.67 0.96
CA SER A 120 -28.77 0.75 1.41
C SER A 120 -29.30 2.18 1.36
N ILE A 121 -28.46 3.18 1.59
CA ILE A 121 -28.82 4.60 1.51
C ILE A 121 -29.02 4.96 0.03
N ILE A 122 -28.18 4.46 -0.88
CA ILE A 122 -28.39 4.67 -2.32
C ILE A 122 -29.74 4.05 -2.72
N ALA A 123 -30.00 2.84 -2.22
CA ALA A 123 -31.24 2.12 -2.42
C ALA A 123 -32.46 2.79 -1.76
N ASP A 124 -32.24 3.72 -0.83
CA ASP A 124 -33.29 4.51 -0.20
C ASP A 124 -33.79 5.61 -1.14
N ASN A 125 -32.91 6.04 -2.04
CA ASN A 125 -33.07 6.96 -3.14
C ASN A 125 -34.02 8.14 -2.89
N ASN A 126 -33.92 8.74 -1.69
CA ASN A 126 -34.71 9.92 -1.34
C ASN A 126 -34.09 11.15 -2.00
N ILE A 127 -34.36 11.35 -3.30
CA ILE A 127 -33.98 12.51 -4.10
C ILE A 127 -35.24 13.00 -4.84
N GLN A 128 -36.10 12.07 -5.25
CA GLN A 128 -37.41 12.28 -5.85
C GLN A 128 -38.33 11.26 -5.18
N MET A 1 5.39 0.22 33.12
CA MET A 1 4.12 0.47 32.40
C MET A 1 3.41 -0.86 32.19
N LYS A 2 2.14 -0.85 31.80
CA LYS A 2 1.59 -1.88 30.93
C LYS A 2 0.74 -1.18 29.87
N ALA A 3 0.84 -1.63 28.63
CA ALA A 3 -0.01 -1.14 27.57
C ALA A 3 -1.39 -1.77 27.78
N LEU A 4 -2.45 -1.03 27.49
CA LEU A 4 -3.82 -1.45 27.76
C LEU A 4 -4.30 -2.57 26.85
N GLU A 5 -4.06 -2.47 25.54
CA GLU A 5 -4.44 -3.39 24.47
C GLU A 5 -5.81 -4.04 24.67
N HIS A 6 -6.84 -3.25 24.39
CA HIS A 6 -8.23 -3.69 24.38
C HIS A 6 -8.83 -3.44 23.00
N GLU A 7 -9.03 -2.19 22.59
CA GLU A 7 -9.65 -1.94 21.28
C GLU A 7 -8.64 -2.10 20.13
N LYS A 8 -7.34 -1.90 20.40
CA LYS A 8 -6.28 -1.90 19.38
C LYS A 8 -6.38 -3.06 18.40
N THR A 9 -6.50 -4.27 18.92
CA THR A 9 -6.65 -5.54 18.21
C THR A 9 -6.01 -5.58 16.82
N PRO A 10 -4.69 -5.78 16.73
CA PRO A 10 -4.00 -5.95 15.46
C PRO A 10 -4.51 -7.17 14.68
N GLU A 11 -5.29 -8.07 15.29
CA GLU A 11 -5.92 -9.18 14.57
C GLU A 11 -6.84 -8.62 13.50
N LEU A 12 -7.67 -7.63 13.84
CA LEU A 12 -8.53 -6.99 12.84
C LEU A 12 -7.66 -6.19 11.89
N ALA A 13 -6.72 -5.40 12.41
CA ALA A 13 -5.95 -4.50 11.56
C ALA A 13 -5.15 -5.26 10.51
N ALA A 14 -4.70 -6.47 10.84
CA ALA A 14 -4.02 -7.35 9.91
C ALA A 14 -5.00 -8.19 9.08
N LYS A 15 -6.27 -8.37 9.49
CA LYS A 15 -7.26 -9.03 8.65
C LYS A 15 -7.70 -8.03 7.59
N LEU A 16 -7.82 -6.76 7.96
CA LEU A 16 -8.09 -5.67 7.05
C LEU A 16 -6.95 -5.60 6.03
N ALA A 17 -5.70 -5.83 6.48
CA ALA A 17 -4.56 -5.92 5.62
C ALA A 17 -4.70 -7.13 4.69
N ALA A 18 -5.08 -8.31 5.20
CA ALA A 18 -5.27 -9.52 4.41
C ALA A 18 -6.32 -9.32 3.31
N GLU A 19 -7.37 -8.53 3.57
CA GLU A 19 -8.40 -8.21 2.59
C GLU A 19 -7.86 -7.22 1.55
N ALA A 20 -7.00 -6.27 1.95
CA ALA A 20 -6.33 -5.38 1.02
C ALA A 20 -5.34 -6.12 0.13
N ILE A 21 -4.54 -7.02 0.72
CA ILE A 21 -3.61 -7.93 0.06
C ILE A 21 -4.36 -8.74 -1.01
N GLU A 22 -5.60 -9.14 -0.73
CA GLU A 22 -6.38 -9.95 -1.65
C GLU A 22 -6.80 -9.09 -2.88
N ARG A 23 -6.65 -7.75 -2.83
CA ARG A 23 -7.01 -6.82 -3.89
C ARG A 23 -5.81 -5.99 -4.35
N ASP A 24 -4.60 -6.26 -3.87
CA ASP A 24 -3.42 -5.44 -4.13
C ASP A 24 -2.17 -6.32 -4.24
N PRO A 25 -1.61 -6.51 -5.46
CA PRO A 25 -0.40 -7.30 -5.65
C PRO A 25 0.81 -6.70 -4.95
N TRP A 26 0.88 -5.38 -4.79
CA TRP A 26 1.97 -4.71 -4.08
C TRP A 26 1.79 -4.84 -2.58
N ALA A 27 0.57 -4.71 -2.02
CA ALA A 27 0.40 -4.98 -0.60
C ALA A 27 0.84 -6.42 -0.29
N ALA A 28 0.50 -7.36 -1.17
CA ALA A 28 0.86 -8.76 -1.06
C ALA A 28 2.38 -8.92 -1.06
N GLN A 29 3.06 -8.20 -1.94
CA GLN A 29 4.52 -8.19 -2.01
C GLN A 29 5.09 -7.62 -0.70
N VAL A 30 4.66 -6.44 -0.25
CA VAL A 30 5.25 -5.79 0.91
C VAL A 30 5.08 -6.67 2.15
N SER A 31 3.92 -7.31 2.31
CA SER A 31 3.70 -8.19 3.44
C SER A 31 4.51 -9.48 3.35
N GLN A 32 4.92 -9.90 2.14
CA GLN A 32 5.81 -11.03 2.01
C GLN A 32 7.18 -10.55 2.49
N LEU A 33 7.66 -9.41 1.96
CA LEU A 33 8.97 -8.83 2.23
C LEU A 33 9.19 -8.66 3.72
N SER A 34 8.18 -8.10 4.39
CA SER A 34 8.18 -7.77 5.81
C SER A 34 9.31 -6.77 6.09
N LEU A 35 9.08 -5.51 5.73
CA LEU A 35 10.01 -4.39 5.87
C LEU A 35 10.20 -4.03 7.35
N PRO A 36 11.14 -3.11 7.70
CA PRO A 36 11.31 -2.61 9.07
C PRO A 36 10.07 -1.75 9.39
N LYS A 37 10.17 -0.42 9.50
CA LYS A 37 8.95 0.39 9.66
C LYS A 37 9.02 1.75 9.01
N LEU A 38 10.17 2.41 9.10
CA LEU A 38 10.40 3.67 8.41
C LEU A 38 10.24 3.42 6.90
N VAL A 39 10.96 2.42 6.41
CA VAL A 39 10.94 2.04 5.00
C VAL A 39 9.61 1.38 4.65
N GLU A 40 8.95 0.70 5.60
CA GLU A 40 7.61 0.15 5.39
C GLU A 40 6.68 1.32 5.08
N GLN A 41 6.78 2.46 5.81
CA GLN A 41 5.96 3.63 5.54
C GLN A 41 6.15 4.09 4.11
N VAL A 42 7.38 4.12 3.57
CA VAL A 42 7.66 4.48 2.18
C VAL A 42 6.94 3.53 1.24
N ALA A 43 7.20 2.22 1.37
CA ALA A 43 6.60 1.21 0.52
C ALA A 43 5.07 1.29 0.55
N LEU A 44 4.52 1.63 1.71
CA LEU A 44 3.09 1.69 1.94
C LEU A 44 2.50 3.00 1.44
N ASN A 45 3.28 4.08 1.38
CA ASN A 45 2.79 5.40 1.00
C ASN A 45 3.00 5.70 -0.47
N ALA A 46 3.35 4.67 -1.26
CA ALA A 46 3.47 4.77 -2.68
C ALA A 46 2.67 3.67 -3.34
N TRP A 47 2.35 3.86 -4.63
CA TRP A 47 1.71 2.87 -5.47
C TRP A 47 2.81 2.39 -6.41
N LYS A 48 2.96 1.08 -6.49
CA LYS A 48 4.03 0.44 -7.23
C LYS A 48 3.70 0.28 -8.70
N GLU A 49 4.46 0.96 -9.54
CA GLU A 49 4.39 0.84 -10.97
C GLU A 49 5.59 -0.01 -11.38
N GLU A 50 5.35 -1.28 -11.69
CA GLU A 50 6.41 -2.13 -12.22
C GLU A 50 6.49 -1.76 -13.70
N SER A 51 7.55 -1.03 -14.02
CA SER A 51 7.83 -0.44 -15.31
C SER A 51 8.57 -1.52 -16.12
N ASP A 52 8.92 -1.22 -17.38
CA ASP A 52 9.51 -2.13 -18.36
C ASP A 52 10.50 -3.09 -17.68
N ASN A 53 11.49 -2.54 -16.98
CA ASN A 53 12.43 -3.28 -16.14
C ASN A 53 12.90 -2.38 -15.01
N ALA A 54 11.94 -1.74 -14.34
CA ALA A 54 12.18 -0.94 -13.15
C ALA A 54 10.94 -1.09 -12.27
N VAL A 55 10.98 -0.61 -11.04
CA VAL A 55 9.81 -0.59 -10.17
C VAL A 55 9.76 0.82 -9.58
N CYS A 56 8.90 1.66 -10.15
CA CYS A 56 8.76 3.06 -9.80
C CYS A 56 7.67 3.15 -8.73
N LEU A 57 8.04 3.38 -7.48
CA LEU A 57 7.08 3.61 -6.41
C LEU A 57 6.65 5.07 -6.53
N HIS A 58 5.45 5.29 -7.05
CA HIS A 58 4.85 6.61 -7.13
C HIS A 58 4.36 6.97 -5.71
N LEU A 59 5.17 7.71 -4.98
CA LEU A 59 4.97 8.13 -3.59
C LEU A 59 4.18 9.43 -3.58
N ARG A 60 3.18 9.54 -2.69
CA ARG A 60 2.44 10.78 -2.55
C ARG A 60 3.41 11.90 -2.18
N SER A 61 3.27 13.06 -2.82
CA SER A 61 4.03 14.24 -2.46
C SER A 61 3.75 14.64 -1.00
N SER A 62 2.56 14.32 -0.48
CA SER A 62 2.14 14.48 0.92
C SER A 62 3.11 13.78 1.86
N GLN A 63 3.80 12.76 1.34
CA GLN A 63 4.69 11.85 2.03
C GLN A 63 6.11 11.92 1.49
N ARG A 64 6.45 12.89 0.62
CA ARG A 64 7.84 13.06 0.14
C ARG A 64 8.79 13.31 1.32
N HIS A 65 8.29 13.73 2.48
CA HIS A 65 9.11 13.86 3.68
C HIS A 65 9.71 12.51 4.12
N LEU A 66 9.15 11.35 3.72
CA LEU A 66 9.71 10.02 3.99
C LEU A 66 10.66 9.57 2.86
N ASN A 67 10.68 10.25 1.71
CA ASN A 67 11.44 9.85 0.53
C ASN A 67 12.93 10.09 0.77
N ASN A 68 13.70 9.09 1.19
CA ASN A 68 15.15 9.24 1.32
C ASN A 68 15.90 8.12 0.60
N ARG A 69 17.11 8.40 0.10
CA ARG A 69 17.86 7.43 -0.73
C ARG A 69 18.24 6.19 0.08
N GLY A 70 18.52 6.34 1.37
CA GLY A 70 18.77 5.19 2.22
C GLY A 70 17.51 4.32 2.34
N ALA A 71 16.30 4.91 2.41
CA ALA A 71 15.06 4.13 2.41
C ALA A 71 14.94 3.38 1.10
N GLN A 72 15.21 4.03 -0.04
CA GLN A 72 15.17 3.40 -1.35
C GLN A 72 16.06 2.16 -1.34
N GLN A 73 17.33 2.28 -0.94
CA GLN A 73 18.25 1.16 -1.04
C GLN A 73 17.82 0.00 -0.13
N LYS A 74 17.31 0.31 1.06
CA LYS A 74 16.77 -0.72 1.96
C LYS A 74 15.55 -1.40 1.30
N LEU A 75 14.66 -0.62 0.70
CA LEU A 75 13.52 -1.15 -0.04
C LEU A 75 14.00 -2.01 -1.20
N ALA A 76 15.09 -1.58 -1.86
CA ALA A 76 15.63 -2.22 -3.04
C ALA A 76 16.21 -3.55 -2.67
N GLU A 77 16.95 -3.66 -1.57
CA GLU A 77 17.51 -4.90 -1.08
C GLU A 77 16.41 -5.94 -0.82
N ALA A 78 15.22 -5.48 -0.40
CA ALA A 78 14.04 -6.32 -0.23
C ALA A 78 13.50 -6.75 -1.59
N LEU A 79 13.17 -5.80 -2.48
CA LEU A 79 12.59 -6.10 -3.79
C LEU A 79 13.54 -6.93 -4.67
N SER A 80 14.84 -6.73 -4.54
CA SER A 80 15.91 -7.48 -5.21
C SER A 80 15.89 -8.94 -4.75
N MET A 81 15.57 -9.19 -3.48
CA MET A 81 15.46 -10.54 -2.92
C MET A 81 14.22 -11.24 -3.49
N LEU A 82 13.10 -10.52 -3.54
CA LEU A 82 11.82 -10.99 -4.02
C LEU A 82 11.86 -11.26 -5.53
N LYS A 83 12.33 -10.31 -6.33
CA LYS A 83 12.45 -10.46 -7.77
C LYS A 83 13.55 -11.47 -8.10
N GLY A 84 14.61 -11.58 -7.30
CA GLY A 84 15.75 -12.45 -7.58
C GLY A 84 16.61 -11.95 -8.75
N SER A 85 16.33 -10.74 -9.25
CA SER A 85 17.05 -10.07 -10.33
C SER A 85 17.14 -8.58 -10.00
N THR A 86 17.78 -7.80 -10.85
CA THR A 86 18.01 -6.39 -10.61
C THR A 86 16.69 -5.62 -10.75
N VAL A 87 16.31 -4.84 -9.74
CA VAL A 87 15.12 -4.00 -9.75
C VAL A 87 15.57 -2.55 -9.66
N GLU A 88 15.27 -1.72 -10.68
CA GLU A 88 15.57 -0.29 -10.57
C GLU A 88 14.41 0.29 -9.77
N LEU A 89 14.55 0.24 -8.45
CA LEU A 89 13.51 0.62 -7.54
C LEU A 89 13.58 2.13 -7.36
N THR A 90 12.77 2.86 -8.10
CA THR A 90 12.74 4.31 -8.05
C THR A 90 11.63 4.72 -7.09
N ILE A 91 11.71 5.92 -6.54
CA ILE A 91 10.66 6.50 -5.72
C ILE A 91 10.45 7.86 -6.38
N VAL A 92 9.32 8.00 -7.08
CA VAL A 92 8.97 9.22 -7.81
C VAL A 92 7.90 9.92 -6.99
N GLU A 93 7.88 11.25 -6.97
CA GLU A 93 6.79 11.98 -6.32
C GLU A 93 5.64 12.04 -7.31
N ASP A 94 4.44 11.71 -6.84
CA ASP A 94 3.23 11.70 -7.64
C ASP A 94 2.04 12.23 -6.85
N ASP A 95 1.32 13.21 -7.42
CA ASP A 95 0.24 13.92 -6.74
C ASP A 95 -1.13 13.32 -7.03
N ASN A 96 -1.50 13.14 -8.31
CA ASN A 96 -2.84 12.72 -8.70
C ASN A 96 -3.13 11.26 -8.31
N PRO A 97 -4.12 10.96 -7.46
CA PRO A 97 -4.42 9.60 -6.99
C PRO A 97 -5.18 8.78 -8.04
N ALA A 98 -4.52 8.48 -9.16
CA ALA A 98 -5.04 7.60 -10.21
C ALA A 98 -5.10 6.14 -9.77
N VAL A 99 -4.17 5.79 -8.90
CA VAL A 99 -3.94 4.44 -8.39
C VAL A 99 -3.91 4.57 -6.87
N ARG A 100 -4.43 3.57 -6.15
CA ARG A 100 -4.45 3.55 -4.69
C ARG A 100 -3.11 3.03 -4.17
N THR A 101 -2.66 3.54 -3.03
CA THR A 101 -1.48 3.02 -2.35
C THR A 101 -1.94 1.78 -1.58
N PRO A 102 -1.05 0.87 -1.11
CA PRO A 102 -1.49 -0.27 -0.31
C PRO A 102 -1.99 0.19 1.07
N LEU A 103 -1.56 1.35 1.55
CA LEU A 103 -2.05 1.96 2.78
C LEU A 103 -3.49 2.41 2.55
N GLU A 104 -3.74 3.22 1.51
CA GLU A 104 -5.09 3.66 1.22
C GLU A 104 -5.94 2.46 0.81
N TRP A 105 -5.40 1.37 0.27
CA TRP A 105 -6.18 0.17 0.02
C TRP A 105 -6.65 -0.38 1.36
N ARG A 106 -5.76 -0.55 2.33
CA ARG A 106 -6.12 -1.05 3.67
C ARG A 106 -7.19 -0.20 4.33
N GLN A 107 -7.18 1.12 4.11
CA GLN A 107 -8.21 2.01 4.64
C GLN A 107 -9.48 2.00 3.78
N ALA A 108 -9.36 1.84 2.46
CA ALA A 108 -10.49 1.80 1.54
C ALA A 108 -11.26 0.51 1.65
N ILE A 109 -10.61 -0.62 1.91
CA ILE A 109 -11.24 -1.94 2.07
C ILE A 109 -12.21 -1.89 3.25
N TYR A 110 -11.85 -1.19 4.33
CA TYR A 110 -12.78 -0.99 5.44
C TYR A 110 -14.00 -0.23 4.95
N GLU A 111 -13.71 0.81 4.18
CA GLU A 111 -14.67 1.71 3.61
C GLU A 111 -15.48 1.01 2.52
N GLU A 112 -15.06 -0.12 1.92
CA GLU A 112 -15.86 -0.84 0.94
C GLU A 112 -17.12 -1.35 1.61
N LYS A 113 -17.05 -1.76 2.89
CA LYS A 113 -18.23 -2.26 3.60
C LYS A 113 -19.28 -1.13 3.74
N LEU A 114 -18.80 0.11 3.79
CA LEU A 114 -19.58 1.33 3.91
C LEU A 114 -19.99 1.85 2.54
N ALA A 115 -19.08 1.80 1.56
CA ALA A 115 -19.21 2.34 0.23
C ALA A 115 -20.14 1.49 -0.62
N GLN A 116 -20.13 0.17 -0.40
CA GLN A 116 -21.02 -0.74 -1.10
C GLN A 116 -22.48 -0.39 -0.82
N ALA A 117 -22.75 0.31 0.29
CA ALA A 117 -24.08 0.71 0.73
C ALA A 117 -24.64 1.92 -0.04
N ARG A 118 -23.78 2.66 -0.76
CA ARG A 118 -24.19 3.76 -1.63
C ARG A 118 -24.04 3.30 -3.06
N GLU A 119 -22.96 2.56 -3.35
CA GLU A 119 -22.68 1.92 -4.64
C GLU A 119 -23.91 1.12 -5.05
N SER A 120 -24.60 0.46 -4.11
CA SER A 120 -25.74 -0.39 -4.39
C SER A 120 -26.82 0.31 -5.23
N ILE A 121 -26.96 1.63 -5.13
CA ILE A 121 -27.90 2.40 -5.94
C ILE A 121 -27.46 2.30 -7.40
N ILE A 122 -26.19 2.64 -7.68
CA ILE A 122 -25.62 2.56 -9.02
C ILE A 122 -25.58 1.10 -9.48
N ALA A 123 -25.31 0.15 -8.58
CA ALA A 123 -25.24 -1.28 -8.91
C ALA A 123 -26.56 -1.84 -9.41
N ASP A 124 -27.68 -1.12 -9.26
CA ASP A 124 -28.99 -1.54 -9.74
C ASP A 124 -29.44 -0.75 -10.98
N ASN A 125 -28.73 0.32 -11.32
CA ASN A 125 -28.94 1.16 -12.50
C ASN A 125 -27.56 1.49 -13.11
N ASN A 126 -26.75 0.44 -13.31
CA ASN A 126 -25.35 0.45 -13.73
C ASN A 126 -25.06 1.41 -14.88
N ILE A 127 -25.58 1.10 -16.06
CA ILE A 127 -25.32 1.80 -17.32
C ILE A 127 -26.64 2.00 -18.09
N GLN A 128 -27.71 1.30 -17.72
CA GLN A 128 -29.04 1.35 -18.28
C GLN A 128 -29.97 1.22 -17.08
N MET A 1 6.90 -2.48 15.35
CA MET A 1 8.33 -2.23 15.09
C MET A 1 8.67 -0.86 15.67
N LYS A 2 9.42 -0.85 16.79
CA LYS A 2 9.49 0.22 17.80
C LYS A 2 8.13 0.52 18.41
N ALA A 3 7.18 1.03 17.62
CA ALA A 3 5.79 1.24 17.99
C ALA A 3 4.98 0.21 17.21
N LEU A 4 3.92 -0.30 17.84
CA LEU A 4 3.04 -1.37 17.41
C LEU A 4 2.14 -1.57 18.64
N GLU A 5 0.84 -1.37 18.48
CA GLU A 5 -0.17 -1.39 19.54
C GLU A 5 -0.06 -0.11 20.39
N HIS A 6 -1.14 0.16 21.11
CA HIS A 6 -1.41 1.24 22.05
C HIS A 6 -1.64 2.58 21.34
N GLU A 7 -1.22 2.68 20.08
CA GLU A 7 -1.49 3.85 19.25
C GLU A 7 -2.88 3.72 18.66
N LYS A 8 -3.04 2.90 17.62
CA LYS A 8 -4.31 2.55 17.00
C LYS A 8 -4.28 1.06 16.79
N THR A 9 -5.44 0.40 16.84
CA THR A 9 -5.60 -1.04 16.78
C THR A 9 -4.75 -1.66 15.65
N PRO A 10 -3.63 -2.34 15.95
CA PRO A 10 -2.82 -2.98 14.92
C PRO A 10 -3.49 -4.26 14.44
N GLU A 11 -4.28 -4.89 15.31
CA GLU A 11 -4.97 -6.15 15.06
C GLU A 11 -5.87 -5.99 13.85
N LEU A 12 -6.76 -5.00 13.92
CA LEU A 12 -7.73 -4.75 12.89
C LEU A 12 -7.00 -4.32 11.62
N ALA A 13 -5.97 -3.46 11.73
CA ALA A 13 -5.25 -2.98 10.56
C ALA A 13 -4.49 -4.11 9.87
N ALA A 14 -4.02 -5.10 10.63
CA ALA A 14 -3.33 -6.25 10.07
C ALA A 14 -4.36 -7.21 9.45
N LYS A 15 -5.51 -7.41 10.10
CA LYS A 15 -6.60 -8.22 9.58
C LYS A 15 -7.12 -7.62 8.27
N LEU A 16 -7.28 -6.32 8.26
CA LEU A 16 -7.79 -5.54 7.13
C LEU A 16 -6.81 -5.59 5.97
N ALA A 17 -5.51 -5.66 6.27
CA ALA A 17 -4.48 -5.81 5.25
C ALA A 17 -4.69 -7.07 4.44
N ALA A 18 -5.14 -8.17 5.06
CA ALA A 18 -5.30 -9.45 4.39
C ALA A 18 -6.27 -9.31 3.21
N GLU A 19 -7.38 -8.62 3.43
CA GLU A 19 -8.37 -8.33 2.40
C GLU A 19 -7.75 -7.42 1.33
N ALA A 20 -7.05 -6.36 1.74
CA ALA A 20 -6.44 -5.40 0.83
C ALA A 20 -5.33 -6.02 -0.02
N ILE A 21 -4.65 -7.04 0.47
CA ILE A 21 -3.62 -7.79 -0.23
C ILE A 21 -4.25 -8.56 -1.41
N GLU A 22 -5.47 -9.08 -1.24
CA GLU A 22 -6.18 -9.75 -2.33
C GLU A 22 -6.60 -8.72 -3.39
N ARG A 23 -6.69 -7.44 -3.04
CA ARG A 23 -6.97 -6.33 -3.96
C ARG A 23 -5.69 -5.69 -4.50
N ASP A 24 -4.54 -5.88 -3.86
CA ASP A 24 -3.30 -5.21 -4.21
C ASP A 24 -2.09 -6.13 -4.13
N PRO A 25 -1.55 -6.61 -5.26
CA PRO A 25 -0.35 -7.41 -5.23
C PRO A 25 0.85 -6.61 -4.73
N TRP A 26 0.87 -5.28 -4.79
CA TRP A 26 1.96 -4.53 -4.16
C TRP A 26 1.84 -4.67 -2.64
N ALA A 27 0.66 -4.52 -2.04
CA ALA A 27 0.50 -4.78 -0.62
C ALA A 27 0.91 -6.23 -0.29
N ALA A 28 0.62 -7.18 -1.18
CA ALA A 28 1.04 -8.58 -1.05
C ALA A 28 2.56 -8.66 -1.02
N GLN A 29 3.23 -7.96 -1.95
CA GLN A 29 4.67 -7.89 -2.06
C GLN A 29 5.25 -7.30 -0.78
N VAL A 30 4.76 -6.17 -0.28
CA VAL A 30 5.31 -5.56 0.94
C VAL A 30 5.28 -6.56 2.09
N SER A 31 4.16 -7.27 2.21
CA SER A 31 3.94 -8.28 3.21
C SER A 31 4.91 -9.46 3.06
N GLN A 32 5.32 -9.76 1.82
CA GLN A 32 6.22 -10.83 1.44
C GLN A 32 7.68 -10.40 1.61
N LEU A 33 7.98 -9.11 1.47
CA LEU A 33 9.30 -8.52 1.66
C LEU A 33 9.63 -8.46 3.15
N SER A 34 8.67 -8.00 3.96
CA SER A 34 8.77 -7.73 5.38
C SER A 34 9.70 -6.53 5.60
N LEU A 35 9.13 -5.34 5.78
CA LEU A 35 9.89 -4.10 5.93
C LEU A 35 9.91 -3.69 7.41
N PRO A 36 10.88 -2.88 7.86
CA PRO A 36 11.02 -2.42 9.25
C PRO A 36 9.88 -1.47 9.63
N LYS A 37 10.06 -0.14 9.60
CA LYS A 37 8.94 0.76 9.83
C LYS A 37 9.01 2.02 9.00
N LEU A 38 10.16 2.70 8.97
CA LEU A 38 10.36 3.85 8.10
C LEU A 38 10.19 3.40 6.65
N VAL A 39 10.90 2.34 6.27
CA VAL A 39 10.86 1.80 4.92
C VAL A 39 9.45 1.26 4.63
N GLU A 40 8.80 0.66 5.65
CA GLU A 40 7.41 0.21 5.52
C GLU A 40 6.54 1.42 5.20
N GLN A 41 6.69 2.52 5.93
CA GLN A 41 5.92 3.75 5.73
C GLN A 41 6.11 4.32 4.34
N VAL A 42 7.29 4.16 3.73
CA VAL A 42 7.53 4.55 2.34
C VAL A 42 6.70 3.63 1.44
N ALA A 43 6.85 2.31 1.56
CA ALA A 43 6.13 1.35 0.75
C ALA A 43 4.61 1.46 0.91
N LEU A 44 4.13 1.89 2.08
CA LEU A 44 2.73 2.15 2.40
C LEU A 44 2.27 3.46 1.74
N ASN A 45 3.11 4.50 1.71
CA ASN A 45 2.74 5.81 1.17
C ASN A 45 2.92 5.89 -0.36
N ALA A 46 3.20 4.77 -1.02
CA ALA A 46 3.40 4.72 -2.46
C ALA A 46 2.72 3.51 -3.07
N TRP A 47 2.34 3.63 -4.33
CA TRP A 47 1.81 2.53 -5.12
C TRP A 47 2.92 2.17 -6.09
N LYS A 48 3.05 0.89 -6.40
CA LYS A 48 4.16 0.39 -7.19
C LYS A 48 3.85 0.31 -8.67
N GLU A 49 4.51 1.13 -9.48
CA GLU A 49 4.43 1.06 -10.92
C GLU A 49 5.49 -0.01 -11.25
N GLU A 50 5.23 -0.82 -12.26
CA GLU A 50 6.09 -1.91 -12.66
C GLU A 50 6.17 -1.83 -14.17
N SER A 51 7.39 -1.88 -14.69
CA SER A 51 7.73 -1.70 -16.08
C SER A 51 8.66 -2.85 -16.50
N ASP A 52 9.05 -2.85 -17.77
CA ASP A 52 9.82 -3.90 -18.45
C ASP A 52 10.85 -4.59 -17.55
N ASN A 53 11.71 -3.81 -16.89
CA ASN A 53 12.71 -4.29 -15.95
C ASN A 53 12.89 -3.31 -14.77
N ALA A 54 11.93 -2.42 -14.48
CA ALA A 54 12.09 -1.39 -13.46
C ALA A 54 10.80 -1.25 -12.66
N VAL A 55 10.89 -0.70 -11.46
CA VAL A 55 9.77 -0.61 -10.53
C VAL A 55 9.80 0.76 -9.83
N CYS A 56 8.90 1.67 -10.17
CA CYS A 56 8.87 3.02 -9.61
C CYS A 56 7.76 3.12 -8.57
N LEU A 57 8.10 3.34 -7.31
CA LEU A 57 7.11 3.59 -6.26
C LEU A 57 6.64 5.04 -6.35
N HIS A 58 5.41 5.24 -6.84
CA HIS A 58 4.75 6.54 -6.90
C HIS A 58 4.31 6.90 -5.50
N LEU A 59 5.14 7.66 -4.78
CA LEU A 59 4.85 8.09 -3.42
C LEU A 59 4.10 9.42 -3.50
N ARG A 60 3.11 9.59 -2.63
CA ARG A 60 2.33 10.82 -2.57
C ARG A 60 3.26 11.97 -2.17
N SER A 61 3.27 13.09 -2.91
CA SER A 61 4.03 14.27 -2.54
C SER A 61 3.66 14.76 -1.14
N SER A 62 2.39 14.61 -0.76
CA SER A 62 1.89 15.09 0.52
C SER A 62 2.50 14.35 1.72
N GLN A 63 3.13 13.19 1.47
CA GLN A 63 3.82 12.37 2.43
C GLN A 63 5.30 12.18 2.03
N ARG A 64 5.82 13.00 1.10
CA ARG A 64 7.21 12.94 0.64
C ARG A 64 8.21 13.12 1.77
N HIS A 65 7.78 13.72 2.88
CA HIS A 65 8.51 13.89 4.11
C HIS A 65 9.29 12.63 4.52
N LEU A 66 8.73 11.44 4.36
CA LEU A 66 9.37 10.20 4.82
C LEU A 66 10.39 9.67 3.82
N ASN A 67 10.30 10.06 2.54
CA ASN A 67 11.15 9.49 1.49
C ASN A 67 12.60 9.84 1.69
N ASN A 68 13.40 8.83 1.95
CA ASN A 68 14.85 8.96 2.03
C ASN A 68 15.51 7.87 1.21
N ARG A 69 16.70 8.12 0.66
CA ARG A 69 17.38 7.11 -0.16
C ARG A 69 17.82 5.92 0.69
N GLY A 70 18.12 6.11 1.96
CA GLY A 70 18.42 5.00 2.86
C GLY A 70 17.27 4.00 2.89
N ALA A 71 16.01 4.45 2.84
CA ALA A 71 14.88 3.54 2.77
C ALA A 71 14.85 2.85 1.41
N GLN A 72 15.05 3.60 0.32
CA GLN A 72 15.04 3.08 -1.05
C GLN A 72 16.05 1.93 -1.19
N GLN A 73 17.26 2.07 -0.67
CA GLN A 73 18.32 1.07 -0.80
C GLN A 73 17.88 -0.24 -0.14
N LYS A 74 17.33 -0.18 1.08
CA LYS A 74 16.85 -1.37 1.78
C LYS A 74 15.67 -1.98 1.02
N LEU A 75 14.74 -1.14 0.57
CA LEU A 75 13.60 -1.57 -0.22
C LEU A 75 14.10 -2.28 -1.50
N ALA A 76 15.18 -1.77 -2.11
CA ALA A 76 15.69 -2.26 -3.38
C ALA A 76 16.35 -3.60 -3.20
N GLU A 77 17.12 -3.81 -2.13
CA GLU A 77 17.70 -5.12 -1.86
C GLU A 77 16.59 -6.14 -1.57
N ALA A 78 15.45 -5.71 -1.02
CA ALA A 78 14.29 -6.57 -0.80
C ALA A 78 13.64 -6.92 -2.14
N LEU A 79 13.27 -5.93 -2.95
CA LEU A 79 12.61 -6.12 -4.24
C LEU A 79 13.51 -6.90 -5.20
N SER A 80 14.82 -6.63 -5.18
CA SER A 80 15.81 -7.38 -5.96
C SER A 80 15.74 -8.86 -5.58
N MET A 81 15.68 -9.16 -4.28
CA MET A 81 15.65 -10.54 -3.81
C MET A 81 14.35 -11.21 -4.22
N LEU A 82 13.24 -10.49 -4.11
CA LEU A 82 11.93 -10.96 -4.54
C LEU A 82 11.95 -11.31 -6.03
N LYS A 83 12.41 -10.38 -6.87
CA LYS A 83 12.49 -10.59 -8.32
C LYS A 83 13.56 -11.63 -8.70
N GLY A 84 14.50 -11.93 -7.80
CA GLY A 84 15.62 -12.82 -8.03
C GLY A 84 16.73 -12.16 -8.85
N SER A 85 16.53 -10.95 -9.34
CA SER A 85 17.52 -10.14 -10.02
C SER A 85 17.33 -8.70 -9.60
N THR A 86 18.32 -7.87 -9.94
CA THR A 86 18.27 -6.43 -9.75
C THR A 86 17.04 -5.84 -10.43
N VAL A 87 16.53 -4.76 -9.87
CA VAL A 87 15.42 -3.98 -10.39
C VAL A 87 15.77 -2.52 -10.12
N GLU A 88 15.45 -1.60 -11.04
CA GLU A 88 15.62 -0.18 -10.77
C GLU A 88 14.41 0.18 -9.93
N LEU A 89 14.53 -0.03 -8.62
CA LEU A 89 13.52 0.37 -7.67
C LEU A 89 13.76 1.84 -7.41
N THR A 90 12.87 2.69 -7.88
CA THR A 90 12.97 4.14 -7.72
C THR A 90 11.77 4.58 -6.88
N ILE A 91 11.82 5.78 -6.32
CA ILE A 91 10.70 6.36 -5.58
C ILE A 91 10.44 7.69 -6.26
N VAL A 92 9.33 7.79 -6.98
CA VAL A 92 8.95 8.97 -7.75
C VAL A 92 7.89 9.68 -6.91
N GLU A 93 7.53 10.91 -7.27
CA GLU A 93 6.63 11.74 -6.48
C GLU A 93 5.40 12.06 -7.34
N ASP A 94 4.28 11.42 -7.03
CA ASP A 94 3.05 11.53 -7.78
C ASP A 94 1.91 11.56 -6.76
N ASP A 95 1.40 12.76 -6.49
CA ASP A 95 0.38 12.96 -5.45
C ASP A 95 -1.03 12.63 -5.93
N ASN A 96 -1.21 12.41 -7.23
CA ASN A 96 -2.53 12.23 -7.82
C ASN A 96 -3.23 10.98 -7.23
N PRO A 97 -4.50 11.08 -6.79
CA PRO A 97 -5.21 9.99 -6.14
C PRO A 97 -5.71 8.88 -7.09
N ALA A 98 -5.28 8.85 -8.35
CA ALA A 98 -5.79 7.92 -9.36
C ALA A 98 -5.50 6.45 -9.05
N VAL A 99 -4.57 6.18 -8.14
CA VAL A 99 -4.19 4.84 -7.71
C VAL A 99 -4.16 4.81 -6.19
N ARG A 100 -4.39 3.63 -5.61
CA ARG A 100 -4.40 3.40 -4.17
C ARG A 100 -3.07 2.78 -3.74
N THR A 101 -2.40 3.40 -2.79
CA THR A 101 -1.18 2.84 -2.19
C THR A 101 -1.64 1.70 -1.25
N PRO A 102 -0.77 0.87 -0.66
CA PRO A 102 -1.21 -0.12 0.32
C PRO A 102 -1.90 0.53 1.53
N LEU A 103 -1.52 1.77 1.88
CA LEU A 103 -2.18 2.55 2.93
C LEU A 103 -3.60 2.88 2.48
N GLU A 104 -3.76 3.48 1.31
CA GLU A 104 -5.06 3.94 0.84
C GLU A 104 -5.96 2.77 0.45
N TRP A 105 -5.39 1.64 -0.01
CA TRP A 105 -6.15 0.41 -0.29
C TRP A 105 -6.68 -0.15 1.02
N ARG A 106 -5.84 -0.28 2.05
CA ARG A 106 -6.26 -0.84 3.33
C ARG A 106 -7.48 -0.07 3.85
N GLN A 107 -7.43 1.27 3.77
CA GLN A 107 -8.56 2.09 4.18
C GLN A 107 -9.75 1.91 3.23
N ALA A 108 -9.54 1.91 1.91
CA ALA A 108 -10.61 1.78 0.93
C ALA A 108 -11.36 0.47 1.14
N ILE A 109 -10.62 -0.60 1.39
CA ILE A 109 -11.09 -1.95 1.64
C ILE A 109 -11.98 -1.98 2.89
N TYR A 110 -11.77 -1.09 3.86
CA TYR A 110 -12.68 -1.02 4.98
C TYR A 110 -14.06 -0.62 4.48
N GLU A 111 -14.11 0.40 3.62
CA GLU A 111 -15.37 0.83 3.05
C GLU A 111 -15.91 -0.23 2.08
N GLU A 112 -15.06 -1.00 1.38
CA GLU A 112 -15.51 -2.09 0.56
C GLU A 112 -16.27 -3.10 1.41
N LYS A 113 -15.89 -3.29 2.68
CA LYS A 113 -16.56 -4.22 3.58
C LYS A 113 -17.85 -3.64 4.13
N LEU A 114 -18.00 -2.31 4.13
CA LEU A 114 -19.23 -1.63 4.51
C LEU A 114 -20.19 -1.67 3.31
N ALA A 115 -19.67 -1.53 2.09
CA ALA A 115 -20.43 -1.63 0.85
C ALA A 115 -20.85 -3.07 0.59
N GLN A 116 -19.96 -4.05 0.81
CA GLN A 116 -20.28 -5.46 0.59
C GLN A 116 -21.42 -5.89 1.52
N ALA A 117 -21.66 -5.20 2.63
CA ALA A 117 -22.81 -5.51 3.47
C ALA A 117 -24.13 -5.24 2.74
N ARG A 118 -24.15 -4.39 1.68
CA ARG A 118 -25.33 -4.19 0.84
C ARG A 118 -25.33 -5.33 -0.17
N GLU A 119 -24.20 -5.48 -0.88
CA GLU A 119 -24.04 -6.43 -1.98
C GLU A 119 -24.34 -7.85 -1.52
N SER A 120 -24.07 -8.17 -0.25
CA SER A 120 -24.35 -9.43 0.40
C SER A 120 -25.84 -9.80 0.29
N ILE A 121 -26.74 -8.82 0.41
CA ILE A 121 -28.18 -9.05 0.34
C ILE A 121 -28.53 -9.44 -1.10
N ILE A 122 -27.99 -8.73 -2.10
CA ILE A 122 -28.25 -9.00 -3.51
C ILE A 122 -27.53 -10.30 -3.93
N ALA A 123 -26.42 -10.67 -3.29
CA ALA A 123 -25.71 -11.92 -3.51
C ALA A 123 -26.59 -13.09 -3.08
N ASP A 124 -27.14 -13.04 -1.86
CA ASP A 124 -28.10 -14.03 -1.36
C ASP A 124 -29.35 -14.01 -2.24
N ASN A 125 -29.74 -12.83 -2.72
CA ASN A 125 -30.80 -12.43 -3.65
C ASN A 125 -32.21 -12.78 -3.22
N ASN A 126 -32.45 -14.03 -2.82
CA ASN A 126 -33.70 -14.55 -2.29
C ASN A 126 -33.46 -15.61 -1.21
N ILE A 127 -32.20 -15.93 -0.91
CA ILE A 127 -31.74 -17.01 -0.01
C ILE A 127 -32.36 -18.36 -0.40
N GLN A 128 -32.69 -18.46 -1.68
CA GLN A 128 -33.18 -19.63 -2.38
C GLN A 128 -32.18 -19.77 -3.52
N MET A 1 9.65 -0.25 18.94
CA MET A 1 10.42 0.97 18.66
C MET A 1 9.65 2.21 19.07
N LYS A 2 8.50 2.52 18.46
CA LYS A 2 7.68 3.66 18.87
C LYS A 2 6.22 3.34 18.59
N ALA A 3 5.56 2.60 19.49
CA ALA A 3 4.13 2.35 19.40
C ALA A 3 3.59 1.93 20.77
N LEU A 4 2.29 2.13 20.94
CA LEU A 4 1.49 1.70 22.09
C LEU A 4 0.05 1.63 21.58
N GLU A 5 -0.65 2.77 21.48
CA GLU A 5 -1.99 2.85 20.91
C GLU A 5 -2.05 3.95 19.88
N HIS A 6 -2.11 3.56 18.61
CA HIS A 6 -2.31 4.47 17.48
C HIS A 6 -2.91 3.69 16.33
N GLU A 7 -2.53 2.43 16.14
CA GLU A 7 -2.99 1.61 15.00
C GLU A 7 -4.51 1.51 14.96
N LYS A 8 -5.19 1.68 16.11
CA LYS A 8 -6.62 1.59 16.34
C LYS A 8 -7.12 0.23 15.86
N THR A 9 -7.28 -0.67 16.83
CA THR A 9 -7.59 -2.07 16.64
C THR A 9 -6.61 -2.67 15.65
N PRO A 10 -5.36 -2.94 16.06
CA PRO A 10 -4.32 -3.40 15.17
C PRO A 10 -4.69 -4.71 14.47
N GLU A 11 -5.60 -5.50 15.06
CA GLU A 11 -5.93 -6.76 14.43
C GLU A 11 -7.01 -6.57 13.38
N LEU A 12 -7.88 -5.55 13.52
CA LEU A 12 -8.84 -5.23 12.47
C LEU A 12 -7.99 -4.76 11.30
N ALA A 13 -7.01 -3.88 11.55
CA ALA A 13 -6.20 -3.26 10.51
C ALA A 13 -5.33 -4.30 9.80
N ALA A 14 -4.85 -5.32 10.53
CA ALA A 14 -4.12 -6.43 9.94
C ALA A 14 -5.08 -7.33 9.15
N LYS A 15 -6.27 -7.63 9.68
CA LYS A 15 -7.26 -8.46 8.98
C LYS A 15 -7.69 -7.76 7.68
N LEU A 16 -7.89 -6.46 7.77
CA LEU A 16 -8.24 -5.60 6.67
C LEU A 16 -7.11 -5.58 5.64
N ALA A 17 -5.85 -5.56 6.10
CA ALA A 17 -4.70 -5.66 5.23
C ALA A 17 -4.72 -6.97 4.44
N ALA A 18 -5.18 -8.09 5.02
CA ALA A 18 -5.18 -9.38 4.35
C ALA A 18 -6.11 -9.35 3.13
N GLU A 19 -7.31 -8.80 3.27
CA GLU A 19 -8.25 -8.67 2.15
C GLU A 19 -7.72 -7.69 1.10
N ALA A 20 -6.99 -6.66 1.53
CA ALA A 20 -6.31 -5.74 0.63
C ALA A 20 -5.19 -6.44 -0.13
N ILE A 21 -4.39 -7.27 0.54
CA ILE A 21 -3.26 -8.00 -0.02
C ILE A 21 -3.73 -8.95 -1.12
N GLU A 22 -4.89 -9.58 -0.94
CA GLU A 22 -5.44 -10.48 -1.94
C GLU A 22 -5.82 -9.70 -3.21
N ARG A 23 -6.01 -8.38 -3.13
CA ARG A 23 -6.35 -7.52 -4.25
C ARG A 23 -5.11 -6.80 -4.81
N ASP A 24 -4.28 -6.25 -3.94
CA ASP A 24 -3.12 -5.43 -4.25
C ASP A 24 -1.86 -6.27 -4.20
N PRO A 25 -1.29 -6.69 -5.34
CA PRO A 25 -0.07 -7.46 -5.30
C PRO A 25 1.08 -6.64 -4.69
N TRP A 26 1.05 -5.31 -4.70
CA TRP A 26 2.06 -4.53 -4.02
C TRP A 26 1.94 -4.74 -2.51
N ALA A 27 0.74 -4.68 -1.92
CA ALA A 27 0.56 -4.93 -0.50
C ALA A 27 1.08 -6.32 -0.13
N ALA A 28 0.83 -7.31 -1.00
CA ALA A 28 1.35 -8.67 -0.83
C ALA A 28 2.87 -8.65 -0.86
N GLN A 29 3.44 -8.04 -1.89
CA GLN A 29 4.89 -7.94 -2.09
C GLN A 29 5.53 -7.27 -0.87
N VAL A 30 4.99 -6.16 -0.40
CA VAL A 30 5.44 -5.42 0.79
C VAL A 30 5.45 -6.32 2.01
N SER A 31 4.40 -7.10 2.18
CA SER A 31 4.28 -8.02 3.27
C SER A 31 5.34 -9.14 3.14
N GLN A 32 5.74 -9.51 1.92
CA GLN A 32 6.81 -10.46 1.70
C GLN A 32 8.17 -9.79 1.96
N LEU A 33 8.33 -8.50 1.64
CA LEU A 33 9.54 -7.75 1.95
C LEU A 33 9.68 -7.59 3.47
N SER A 34 8.56 -7.55 4.18
CA SER A 34 8.47 -7.34 5.63
C SER A 34 9.35 -6.15 6.06
N LEU A 35 9.15 -4.98 5.42
CA LEU A 35 9.93 -3.78 5.73
C LEU A 35 9.82 -3.45 7.22
N PRO A 36 10.88 -2.88 7.83
CA PRO A 36 10.94 -2.63 9.27
C PRO A 36 9.93 -1.58 9.70
N LYS A 37 10.20 -0.28 9.51
CA LYS A 37 9.28 0.78 9.92
C LYS A 37 9.45 2.02 9.08
N LEU A 38 10.64 2.60 9.07
CA LEU A 38 11.00 3.74 8.24
C LEU A 38 10.69 3.40 6.78
N VAL A 39 11.23 2.28 6.31
CA VAL A 39 11.05 1.80 4.94
C VAL A 39 9.61 1.29 4.73
N GLU A 40 8.94 0.82 5.78
CA GLU A 40 7.53 0.42 5.71
C GLU A 40 6.69 1.65 5.39
N GLN A 41 6.92 2.77 6.09
CA GLN A 41 6.19 4.00 5.92
C GLN A 41 6.27 4.49 4.48
N VAL A 42 7.43 4.33 3.83
CA VAL A 42 7.61 4.62 2.43
C VAL A 42 6.74 3.69 1.58
N ALA A 43 6.90 2.38 1.73
CA ALA A 43 6.16 1.40 0.93
C ALA A 43 4.64 1.57 1.09
N LEU A 44 4.18 1.98 2.27
CA LEU A 44 2.78 2.24 2.59
C LEU A 44 2.30 3.54 1.97
N ASN A 45 3.15 4.56 1.80
CA ASN A 45 2.72 5.84 1.27
C ASN A 45 2.99 5.96 -0.23
N ALA A 46 3.33 4.86 -0.91
CA ALA A 46 3.50 4.84 -2.35
C ALA A 46 2.68 3.73 -2.97
N TRP A 47 2.31 3.92 -4.23
CA TRP A 47 1.64 2.93 -5.05
C TRP A 47 2.72 2.50 -6.03
N LYS A 48 2.74 1.21 -6.34
CA LYS A 48 3.80 0.63 -7.14
C LYS A 48 3.41 0.46 -8.58
N GLU A 49 4.14 1.14 -9.46
CA GLU A 49 4.04 1.02 -10.90
C GLU A 49 5.13 0.00 -11.25
N GLU A 50 4.96 -0.80 -12.30
CA GLU A 50 5.94 -1.80 -12.69
C GLU A 50 5.94 -1.88 -14.22
N SER A 51 7.12 -1.76 -14.81
CA SER A 51 7.37 -1.92 -16.23
C SER A 51 8.24 -3.17 -16.42
N ASP A 52 8.53 -3.49 -17.68
CA ASP A 52 9.24 -4.67 -18.16
C ASP A 52 10.45 -5.04 -17.32
N ASN A 53 11.22 -4.03 -16.88
CA ASN A 53 12.48 -4.15 -16.18
C ASN A 53 12.58 -3.32 -14.89
N ALA A 54 11.59 -2.50 -14.55
CA ALA A 54 11.69 -1.58 -13.41
C ALA A 54 10.41 -1.53 -12.59
N VAL A 55 10.54 -0.99 -11.38
CA VAL A 55 9.44 -0.80 -10.45
C VAL A 55 9.57 0.62 -9.90
N CYS A 56 8.55 1.46 -10.09
CA CYS A 56 8.59 2.87 -9.74
C CYS A 56 7.51 3.15 -8.71
N LEU A 57 7.93 3.45 -7.47
CA LEU A 57 7.04 3.73 -6.36
C LEU A 57 6.63 5.19 -6.42
N HIS A 58 5.42 5.44 -6.88
CA HIS A 58 4.80 6.76 -6.89
C HIS A 58 4.40 7.08 -5.45
N LEU A 59 5.23 7.80 -4.70
CA LEU A 59 5.03 8.14 -3.29
C LEU A 59 4.22 9.40 -3.18
N ARG A 60 3.15 9.35 -2.39
CA ARG A 60 2.31 10.47 -2.07
C ARG A 60 3.17 11.58 -1.46
N SER A 61 3.20 12.74 -2.11
CA SER A 61 3.86 13.93 -1.61
C SER A 61 3.32 14.35 -0.24
N SER A 62 2.16 13.84 0.12
CA SER A 62 1.51 13.99 1.42
C SER A 62 2.41 13.47 2.55
N GLN A 63 3.38 12.61 2.22
CA GLN A 63 4.41 12.10 3.12
C GLN A 63 5.81 12.16 2.47
N ARG A 64 6.07 13.08 1.52
CA ARG A 64 7.38 13.15 0.85
C ARG A 64 8.54 13.37 1.79
N HIS A 65 8.30 13.90 2.99
CA HIS A 65 9.33 14.04 4.01
C HIS A 65 10.00 12.68 4.30
N LEU A 66 9.30 11.55 4.12
CA LEU A 66 9.84 10.22 4.36
C LEU A 66 10.65 9.72 3.18
N ASN A 67 10.61 10.38 2.02
CA ASN A 67 11.39 9.95 0.86
C ASN A 67 12.86 10.23 1.10
N ASN A 68 13.63 9.19 1.39
CA ASN A 68 15.07 9.24 1.52
C ASN A 68 15.72 8.12 0.72
N ARG A 69 16.96 8.32 0.28
CA ARG A 69 17.69 7.29 -0.47
C ARG A 69 17.98 6.06 0.38
N GLY A 70 18.19 6.24 1.68
CA GLY A 70 18.38 5.13 2.61
C GLY A 70 17.19 4.18 2.58
N ALA A 71 15.95 4.69 2.53
CA ALA A 71 14.79 3.83 2.37
C ALA A 71 14.87 3.14 1.02
N GLN A 72 15.15 3.89 -0.05
CA GLN A 72 15.21 3.35 -1.40
C GLN A 72 16.18 2.18 -1.48
N GLN A 73 17.35 2.26 -0.84
CA GLN A 73 18.36 1.20 -0.95
C GLN A 73 17.79 -0.09 -0.39
N LYS A 74 17.29 -0.05 0.86
CA LYS A 74 16.74 -1.26 1.46
C LYS A 74 15.53 -1.74 0.68
N LEU A 75 14.67 -0.83 0.24
CA LEU A 75 13.52 -1.20 -0.56
C LEU A 75 13.98 -1.92 -1.84
N ALA A 76 15.07 -1.46 -2.47
CA ALA A 76 15.57 -1.96 -3.75
C ALA A 76 16.20 -3.32 -3.56
N GLU A 77 17.02 -3.48 -2.53
CA GLU A 77 17.64 -4.74 -2.15
C GLU A 77 16.57 -5.77 -1.79
N ALA A 78 15.49 -5.34 -1.12
CA ALA A 78 14.38 -6.19 -0.75
C ALA A 78 13.59 -6.59 -2.00
N LEU A 79 13.26 -5.65 -2.89
CA LEU A 79 12.58 -5.93 -4.14
C LEU A 79 13.42 -6.86 -5.03
N SER A 80 14.74 -6.66 -5.04
CA SER A 80 15.68 -7.50 -5.78
C SER A 80 15.70 -8.92 -5.20
N MET A 81 15.68 -9.05 -3.86
CA MET A 81 15.64 -10.33 -3.17
C MET A 81 14.31 -11.03 -3.42
N LEU A 82 13.20 -10.27 -3.45
CA LEU A 82 11.87 -10.76 -3.79
C LEU A 82 11.90 -11.30 -5.22
N LYS A 83 12.19 -10.43 -6.18
CA LYS A 83 12.14 -10.75 -7.60
C LYS A 83 13.05 -11.93 -7.91
N GLY A 84 14.29 -11.86 -7.44
CA GLY A 84 15.34 -12.85 -7.59
C GLY A 84 16.56 -12.27 -8.28
N SER A 85 16.38 -11.18 -9.04
CA SER A 85 17.43 -10.41 -9.70
C SER A 85 17.10 -8.93 -9.54
N THR A 86 18.03 -8.07 -9.94
CA THR A 86 17.93 -6.62 -9.77
C THR A 86 16.69 -6.06 -10.48
N VAL A 87 16.04 -5.10 -9.83
CA VAL A 87 14.92 -4.33 -10.34
C VAL A 87 15.37 -2.87 -10.26
N GLU A 88 14.99 -2.04 -11.23
CA GLU A 88 15.29 -0.62 -11.12
C GLU A 88 14.18 -0.06 -10.25
N LEU A 89 14.37 -0.16 -8.94
CA LEU A 89 13.41 0.39 -8.00
C LEU A 89 13.67 1.88 -7.92
N THR A 90 12.72 2.68 -8.39
CA THR A 90 12.79 4.12 -8.35
C THR A 90 11.65 4.61 -7.45
N ILE A 91 11.75 5.81 -6.90
CA ILE A 91 10.70 6.45 -6.14
C ILE A 91 10.46 7.76 -6.88
N VAL A 92 9.21 8.07 -7.21
CA VAL A 92 8.80 9.33 -7.83
C VAL A 92 7.75 9.96 -6.91
N GLU A 93 7.58 11.29 -6.93
CA GLU A 93 6.54 11.92 -6.13
C GLU A 93 5.24 11.88 -6.93
N ASP A 94 4.14 11.46 -6.32
CA ASP A 94 2.83 11.52 -6.96
C ASP A 94 1.79 11.90 -5.93
N ASP A 95 1.53 13.20 -5.79
CA ASP A 95 0.65 13.78 -4.78
C ASP A 95 -0.70 13.05 -4.68
N ASN A 96 -1.48 12.99 -5.75
CA ASN A 96 -2.71 12.23 -5.89
C ASN A 96 -3.02 12.07 -7.36
N PRO A 97 -2.76 10.90 -7.96
CA PRO A 97 -3.15 10.62 -9.33
C PRO A 97 -4.57 10.06 -9.27
N ALA A 98 -4.70 8.73 -9.27
CA ALA A 98 -5.94 7.97 -9.24
C ALA A 98 -5.67 6.52 -8.82
N VAL A 99 -4.57 6.26 -8.09
CA VAL A 99 -4.16 4.93 -7.67
C VAL A 99 -4.06 4.94 -6.14
N ARG A 100 -4.29 3.79 -5.51
CA ARG A 100 -4.22 3.63 -4.07
C ARG A 100 -2.88 2.97 -3.70
N THR A 101 -2.29 3.41 -2.60
CA THR A 101 -1.09 2.82 -2.02
C THR A 101 -1.56 1.55 -1.27
N PRO A 102 -0.70 0.68 -0.70
CA PRO A 102 -1.19 -0.49 0.03
C PRO A 102 -1.89 -0.08 1.33
N LEU A 103 -1.56 1.10 1.87
CA LEU A 103 -2.23 1.70 3.03
C LEU A 103 -3.62 2.13 2.59
N GLU A 104 -3.70 2.92 1.50
CA GLU A 104 -4.97 3.40 0.98
C GLU A 104 -5.83 2.24 0.47
N TRP A 105 -5.25 1.11 0.07
CA TRP A 105 -5.98 -0.10 -0.31
C TRP A 105 -6.60 -0.71 0.94
N ARG A 106 -5.83 -0.92 2.02
CA ARG A 106 -6.36 -1.38 3.31
C ARG A 106 -7.55 -0.50 3.68
N GLN A 107 -7.35 0.81 3.69
CA GLN A 107 -8.37 1.76 4.09
C GLN A 107 -9.58 1.70 3.14
N ALA A 108 -9.36 1.52 1.84
CA ALA A 108 -10.43 1.42 0.85
C ALA A 108 -11.23 0.14 0.99
N ILE A 109 -10.60 -0.99 1.30
CA ILE A 109 -11.28 -2.28 1.47
C ILE A 109 -12.28 -2.18 2.63
N TYR A 110 -12.00 -1.32 3.64
CA TYR A 110 -12.92 -1.09 4.72
C TYR A 110 -14.13 -0.35 4.16
N GLU A 111 -13.87 0.81 3.58
CA GLU A 111 -14.90 1.69 3.07
C GLU A 111 -15.62 1.06 1.89
N GLU A 112 -15.07 0.05 1.23
CA GLU A 112 -15.75 -0.69 0.18
C GLU A 112 -16.99 -1.34 0.74
N LYS A 113 -16.98 -1.83 1.99
CA LYS A 113 -18.18 -2.40 2.58
C LYS A 113 -19.22 -1.33 2.91
N LEU A 114 -18.83 -0.07 2.99
CA LEU A 114 -19.71 1.09 3.17
C LEU A 114 -20.17 1.56 1.78
N ALA A 115 -19.28 1.55 0.81
CA ALA A 115 -19.49 2.00 -0.55
C ALA A 115 -20.48 1.06 -1.22
N GLN A 116 -20.31 -0.25 -1.09
CA GLN A 116 -21.16 -1.26 -1.72
C GLN A 116 -22.57 -1.24 -1.15
N ALA A 117 -22.78 -0.63 0.03
CA ALA A 117 -24.11 -0.44 0.59
C ALA A 117 -24.82 0.71 -0.14
N ARG A 118 -24.13 1.82 -0.37
CA ARG A 118 -24.63 2.96 -1.15
C ARG A 118 -24.77 2.57 -2.62
N GLU A 119 -23.75 1.91 -3.18
CA GLU A 119 -23.70 1.38 -4.53
C GLU A 119 -24.74 0.29 -4.72
N SER A 120 -25.29 -0.29 -3.64
CA SER A 120 -26.38 -1.24 -3.75
C SER A 120 -27.52 -0.58 -4.54
N ILE A 121 -27.83 0.70 -4.27
CA ILE A 121 -28.89 1.40 -4.97
C ILE A 121 -28.48 1.63 -6.45
N ILE A 122 -27.20 1.92 -6.70
CA ILE A 122 -26.67 2.11 -8.05
C ILE A 122 -26.84 0.81 -8.84
N ALA A 123 -26.47 -0.32 -8.25
CA ALA A 123 -26.58 -1.65 -8.82
C ALA A 123 -28.04 -2.12 -8.95
N ASP A 124 -28.99 -1.50 -8.24
CA ASP A 124 -30.42 -1.76 -8.39
C ASP A 124 -30.78 -0.98 -9.66
N ASN A 125 -30.73 0.35 -9.57
CA ASN A 125 -30.89 1.31 -10.64
C ASN A 125 -30.62 2.70 -10.07
N ASN A 126 -29.52 3.32 -10.49
CA ASN A 126 -29.17 4.70 -10.16
C ASN A 126 -30.26 5.67 -10.64
N ILE A 127 -30.54 5.68 -11.94
CA ILE A 127 -31.46 6.56 -12.66
C ILE A 127 -31.79 5.78 -13.94
N GLN A 128 -30.77 5.59 -14.76
CA GLN A 128 -30.69 4.80 -15.98
C GLN A 128 -29.19 4.62 -16.21
N MET A 1 -11.11 0.90 12.47
CA MET A 1 -9.83 1.55 12.78
C MET A 1 -9.88 3.09 12.66
N LYS A 2 -11.06 3.71 12.76
CA LYS A 2 -11.19 5.16 12.66
C LYS A 2 -10.55 5.85 13.88
N ALA A 3 -10.54 7.19 13.83
CA ALA A 3 -9.91 8.14 14.73
C ALA A 3 -8.39 8.08 14.54
N LEU A 4 -7.69 9.07 15.10
CA LEU A 4 -6.25 9.21 14.91
C LEU A 4 -5.57 8.17 15.80
N GLU A 5 -5.44 8.51 17.08
CA GLU A 5 -4.78 7.74 18.11
C GLU A 5 -5.40 8.15 19.45
N HIS A 6 -4.97 7.46 20.50
CA HIS A 6 -5.40 7.46 21.91
C HIS A 6 -5.25 6.02 22.39
N GLU A 7 -5.66 5.07 21.57
CA GLU A 7 -5.51 3.64 21.82
C GLU A 7 -5.06 2.90 20.55
N LYS A 8 -5.70 3.22 19.42
CA LYS A 8 -5.53 2.72 18.06
C LYS A 8 -5.75 1.21 17.94
N THR A 9 -5.96 0.70 16.72
CA THR A 9 -6.30 -0.70 16.47
C THR A 9 -5.42 -1.36 15.40
N PRO A 10 -4.15 -1.66 15.67
CA PRO A 10 -3.31 -2.34 14.69
C PRO A 10 -3.77 -3.78 14.40
N GLU A 11 -4.68 -4.38 15.18
CA GLU A 11 -5.15 -5.73 14.87
C GLU A 11 -6.16 -5.68 13.75
N LEU A 12 -7.22 -4.89 13.88
CA LEU A 12 -8.21 -4.81 12.80
C LEU A 12 -7.56 -4.20 11.57
N ALA A 13 -6.63 -3.27 11.74
CA ALA A 13 -5.95 -2.69 10.60
C ALA A 13 -5.12 -3.74 9.87
N ALA A 14 -4.61 -4.76 10.59
CA ALA A 14 -3.92 -5.87 9.96
C ALA A 14 -4.89 -6.91 9.38
N LYS A 15 -6.04 -7.16 10.03
CA LYS A 15 -7.09 -8.03 9.47
C LYS A 15 -7.64 -7.44 8.18
N LEU A 16 -7.83 -6.13 8.17
CA LEU A 16 -8.27 -5.35 7.03
C LEU A 16 -7.18 -5.36 5.96
N ALA A 17 -5.91 -5.21 6.36
CA ALA A 17 -4.79 -5.28 5.46
C ALA A 17 -4.70 -6.64 4.76
N ALA A 18 -5.10 -7.73 5.42
CA ALA A 18 -5.13 -9.05 4.83
C ALA A 18 -6.17 -9.12 3.71
N GLU A 19 -7.32 -8.44 3.85
CA GLU A 19 -8.31 -8.35 2.78
C GLU A 19 -7.69 -7.56 1.62
N ALA A 20 -7.02 -6.45 1.91
CA ALA A 20 -6.43 -5.58 0.91
C ALA A 20 -5.29 -6.28 0.16
N ILE A 21 -4.56 -7.18 0.83
CA ILE A 21 -3.52 -8.01 0.23
C ILE A 21 -4.06 -8.87 -0.90
N GLU A 22 -5.31 -9.34 -0.79
CA GLU A 22 -5.91 -10.12 -1.87
C GLU A 22 -6.18 -9.22 -3.09
N ARG A 23 -6.33 -7.90 -2.90
CA ARG A 23 -6.67 -6.97 -3.97
C ARG A 23 -5.44 -6.25 -4.53
N ASP A 24 -4.41 -6.04 -3.72
CA ASP A 24 -3.19 -5.32 -4.11
C ASP A 24 -2.01 -6.31 -4.18
N PRO A 25 -1.41 -6.55 -5.35
CA PRO A 25 -0.24 -7.39 -5.46
C PRO A 25 0.92 -6.87 -4.62
N TRP A 26 1.13 -5.55 -4.62
CA TRP A 26 2.22 -4.95 -3.89
C TRP A 26 2.02 -5.13 -2.39
N ALA A 27 0.79 -5.02 -1.87
CA ALA A 27 0.56 -5.25 -0.44
C ALA A 27 1.01 -6.66 -0.06
N ALA A 28 0.62 -7.67 -0.83
CA ALA A 28 0.99 -9.06 -0.58
C ALA A 28 2.52 -9.22 -0.58
N GLN A 29 3.15 -8.62 -1.59
CA GLN A 29 4.60 -8.64 -1.76
C GLN A 29 5.27 -7.98 -0.55
N VAL A 30 4.83 -6.81 -0.11
CA VAL A 30 5.48 -6.11 1.01
C VAL A 30 5.38 -6.93 2.29
N SER A 31 4.25 -7.59 2.52
CA SER A 31 4.12 -8.48 3.65
C SER A 31 5.06 -9.68 3.51
N GLN A 32 5.32 -10.16 2.30
CA GLN A 32 6.26 -11.26 2.08
C GLN A 32 7.68 -10.78 2.37
N LEU A 33 8.02 -9.54 2.01
CA LEU A 33 9.32 -8.94 2.28
C LEU A 33 9.51 -8.62 3.76
N SER A 34 8.40 -8.31 4.43
CA SER A 34 8.32 -7.85 5.82
C SER A 34 9.36 -6.75 6.08
N LEU A 35 9.11 -5.57 5.50
CA LEU A 35 9.95 -4.39 5.72
C LEU A 35 9.88 -3.98 7.21
N PRO A 36 10.88 -3.25 7.74
CA PRO A 36 10.97 -2.93 9.17
C PRO A 36 9.82 -2.01 9.63
N LYS A 37 9.94 -0.68 9.52
CA LYS A 37 8.84 0.24 9.82
C LYS A 37 8.93 1.50 8.98
N LEU A 38 10.03 2.23 9.07
CA LEU A 38 10.25 3.44 8.26
C LEU A 38 10.21 3.08 6.79
N VAL A 39 11.02 2.09 6.39
CA VAL A 39 11.07 1.64 5.00
C VAL A 39 9.72 1.02 4.61
N GLU A 40 9.04 0.34 5.55
CA GLU A 40 7.73 -0.21 5.30
C GLU A 40 6.76 0.93 4.98
N GLN A 41 6.81 2.03 5.73
CA GLN A 41 5.96 3.18 5.53
C GLN A 41 6.13 3.75 4.13
N VAL A 42 7.34 3.74 3.57
CA VAL A 42 7.61 4.14 2.20
C VAL A 42 6.88 3.21 1.24
N ALA A 43 7.13 1.91 1.34
CA ALA A 43 6.47 0.94 0.48
C ALA A 43 4.94 1.05 0.60
N LEU A 44 4.43 1.33 1.80
CA LEU A 44 3.01 1.42 2.08
C LEU A 44 2.41 2.70 1.55
N ASN A 45 3.14 3.82 1.58
CA ASN A 45 2.62 5.11 1.13
C ASN A 45 2.91 5.32 -0.36
N ALA A 46 3.19 4.25 -1.09
CA ALA A 46 3.42 4.28 -2.52
C ALA A 46 2.68 3.15 -3.22
N TRP A 47 2.37 3.35 -4.50
CA TRP A 47 1.79 2.34 -5.36
C TRP A 47 2.94 1.93 -6.28
N LYS A 48 3.09 0.63 -6.49
CA LYS A 48 4.21 0.08 -7.21
C LYS A 48 3.96 -0.05 -8.70
N GLU A 49 4.56 0.83 -9.50
CA GLU A 49 4.50 0.71 -10.94
C GLU A 49 5.64 -0.24 -11.30
N GLU A 50 5.31 -1.47 -11.65
CA GLU A 50 6.32 -2.38 -12.15
C GLU A 50 6.39 -2.01 -13.63
N SER A 51 7.59 -1.67 -14.10
CA SER A 51 7.87 -1.16 -15.41
C SER A 51 8.67 -2.22 -16.17
N ASP A 52 8.99 -1.93 -17.43
CA ASP A 52 9.62 -2.85 -18.37
C ASP A 52 10.77 -3.66 -17.76
N ASN A 53 11.68 -2.95 -17.08
CA ASN A 53 12.81 -3.54 -16.37
C ASN A 53 13.10 -2.74 -15.09
N ALA A 54 12.06 -2.17 -14.46
CA ALA A 54 12.23 -1.30 -13.32
C ALA A 54 11.01 -1.42 -12.42
N VAL A 55 11.06 -0.82 -11.24
CA VAL A 55 9.91 -0.76 -10.35
C VAL A 55 9.96 0.63 -9.71
N CYS A 56 9.09 1.54 -10.17
CA CYS A 56 9.03 2.90 -9.66
C CYS A 56 7.90 2.97 -8.64
N LEU A 57 8.24 3.20 -7.38
CA LEU A 57 7.26 3.36 -6.31
C LEU A 57 6.75 4.78 -6.33
N HIS A 58 5.52 4.97 -6.81
CA HIS A 58 4.87 6.28 -6.83
C HIS A 58 4.34 6.55 -5.42
N LEU A 59 5.09 7.32 -4.65
CA LEU A 59 4.77 7.65 -3.26
C LEU A 59 3.88 8.88 -3.25
N ARG A 60 3.04 9.03 -2.23
CA ARG A 60 2.26 10.26 -2.10
C ARG A 60 3.22 11.41 -1.89
N SER A 61 3.15 12.44 -2.73
CA SER A 61 3.93 13.66 -2.54
C SER A 61 3.64 14.27 -1.17
N SER A 62 2.43 14.07 -0.63
CA SER A 62 2.00 14.49 0.69
C SER A 62 2.91 13.92 1.78
N GLN A 63 3.52 12.76 1.50
CA GLN A 63 4.33 12.00 2.42
C GLN A 63 5.78 11.89 1.91
N ARG A 64 6.23 12.75 0.98
CA ARG A 64 7.60 12.66 0.44
C ARG A 64 8.65 12.79 1.52
N HIS A 65 8.32 13.27 2.72
CA HIS A 65 9.25 13.29 3.85
C HIS A 65 9.78 11.90 4.20
N LEU A 66 9.03 10.81 3.94
CA LEU A 66 9.55 9.46 4.13
C LEU A 66 10.42 9.00 2.96
N ASN A 67 10.34 9.65 1.79
CA ASN A 67 11.22 9.36 0.66
C ASN A 67 12.61 9.80 1.08
N ASN A 68 13.42 8.85 1.53
CA ASN A 68 14.80 9.11 1.93
C ASN A 68 15.70 8.08 1.26
N ARG A 69 16.94 8.45 0.97
CA ARG A 69 17.90 7.60 0.26
C ARG A 69 18.19 6.32 1.04
N GLY A 70 18.17 6.37 2.38
CA GLY A 70 18.34 5.20 3.21
C GLY A 70 17.19 4.20 3.04
N ALA A 71 15.93 4.66 2.97
CA ALA A 71 14.81 3.77 2.73
C ALA A 71 15.02 3.15 1.36
N GLN A 72 15.23 3.97 0.34
CA GLN A 72 15.49 3.56 -1.03
C GLN A 72 16.58 2.49 -1.11
N GLN A 73 17.66 2.62 -0.35
CA GLN A 73 18.75 1.67 -0.32
C GLN A 73 18.25 0.31 0.19
N LYS A 74 17.61 0.31 1.36
CA LYS A 74 17.15 -0.93 1.97
C LYS A 74 15.99 -1.54 1.17
N LEU A 75 15.16 -0.71 0.53
CA LEU A 75 14.07 -1.14 -0.32
C LEU A 75 14.64 -1.79 -1.58
N ALA A 76 15.79 -1.31 -2.09
CA ALA A 76 16.40 -1.83 -3.31
C ALA A 76 16.76 -3.31 -3.13
N GLU A 77 17.33 -3.70 -1.99
CA GLU A 77 17.63 -5.09 -1.67
C GLU A 77 16.37 -5.94 -1.75
N ALA A 78 15.31 -5.47 -1.09
CA ALA A 78 14.06 -6.19 -0.94
C ALA A 78 13.41 -6.41 -2.31
N LEU A 79 13.30 -5.35 -3.11
CA LEU A 79 12.75 -5.45 -4.46
C LEU A 79 13.65 -6.30 -5.36
N SER A 80 14.97 -6.18 -5.21
CA SER A 80 15.92 -6.96 -5.97
C SER A 80 15.81 -8.45 -5.65
N MET A 81 15.42 -8.82 -4.43
CA MET A 81 15.16 -10.21 -4.09
C MET A 81 13.78 -10.61 -4.61
N LEU A 82 12.79 -9.73 -4.47
CA LEU A 82 11.41 -9.95 -4.91
C LEU A 82 11.38 -10.30 -6.39
N LYS A 83 12.15 -9.57 -7.20
CA LYS A 83 12.23 -9.83 -8.63
C LYS A 83 13.27 -10.91 -8.96
N GLY A 84 14.35 -11.00 -8.17
CA GLY A 84 15.47 -11.91 -8.38
C GLY A 84 16.59 -11.22 -9.15
N SER A 85 16.26 -10.20 -9.95
CA SER A 85 17.19 -9.35 -10.67
C SER A 85 17.31 -8.00 -9.96
N THR A 86 18.42 -7.30 -10.19
CA THR A 86 18.64 -5.94 -9.72
C THR A 86 17.52 -5.09 -10.32
N VAL A 87 16.68 -4.54 -9.47
CA VAL A 87 15.55 -3.72 -9.89
C VAL A 87 16.00 -2.26 -10.02
N GLU A 88 15.48 -1.58 -11.04
CA GLU A 88 15.68 -0.17 -11.21
C GLU A 88 14.62 0.47 -10.33
N LEU A 89 14.97 0.64 -9.06
CA LEU A 89 14.06 1.12 -8.03
C LEU A 89 14.24 2.62 -7.88
N THR A 90 13.19 3.34 -8.23
CA THR A 90 13.09 4.78 -8.02
C THR A 90 11.85 4.97 -7.14
N ILE A 91 11.81 6.06 -6.41
CA ILE A 91 10.69 6.47 -5.60
C ILE A 91 10.30 7.81 -6.22
N VAL A 92 9.20 7.81 -6.98
CA VAL A 92 8.68 8.98 -7.66
C VAL A 92 7.49 9.47 -6.82
N GLU A 93 6.89 10.62 -7.16
CA GLU A 93 5.86 11.21 -6.33
C GLU A 93 4.61 11.60 -7.12
N ASP A 94 3.44 11.23 -6.62
CA ASP A 94 2.17 11.67 -7.18
C ASP A 94 1.18 11.94 -6.07
N ASP A 95 0.49 13.08 -6.13
CA ASP A 95 -0.52 13.47 -5.15
C ASP A 95 -1.65 12.45 -5.16
N ASN A 96 -2.34 12.30 -6.29
CA ASN A 96 -3.43 11.35 -6.48
C ASN A 96 -3.63 11.15 -7.97
N PRO A 97 -3.05 10.12 -8.60
CA PRO A 97 -3.30 9.83 -10.00
C PRO A 97 -4.65 9.12 -10.05
N ALA A 98 -4.64 7.79 -9.90
CA ALA A 98 -5.83 6.96 -9.79
C ALA A 98 -5.54 5.76 -8.90
N VAL A 99 -4.41 5.15 -9.20
CA VAL A 99 -3.84 4.02 -8.47
C VAL A 99 -3.71 4.38 -7.00
N ARG A 100 -4.30 3.54 -6.16
CA ARG A 100 -4.25 3.66 -4.71
C ARG A 100 -3.01 2.95 -4.17
N THR A 101 -2.43 3.51 -3.11
CA THR A 101 -1.32 2.88 -2.40
C THR A 101 -1.94 1.70 -1.61
N PRO A 102 -1.16 0.74 -1.10
CA PRO A 102 -1.72 -0.31 -0.27
C PRO A 102 -2.23 0.27 1.06
N LEU A 103 -1.70 1.42 1.52
CA LEU A 103 -2.22 2.10 2.70
C LEU A 103 -3.66 2.56 2.41
N GLU A 104 -3.89 3.21 1.27
CA GLU A 104 -5.23 3.63 0.90
C GLU A 104 -6.11 2.45 0.54
N TRP A 105 -5.63 1.38 -0.10
CA TRP A 105 -6.46 0.20 -0.37
C TRP A 105 -7.00 -0.41 0.92
N ARG A 106 -6.16 -0.54 1.96
CA ARG A 106 -6.59 -0.97 3.29
C ARG A 106 -7.75 -0.10 3.74
N GLN A 107 -7.55 1.21 3.74
CA GLN A 107 -8.58 2.14 4.17
C GLN A 107 -9.83 2.05 3.30
N ALA A 108 -9.69 1.89 1.99
CA ALA A 108 -10.79 1.83 1.05
C ALA A 108 -11.66 0.61 1.33
N ILE A 109 -11.04 -0.53 1.62
CA ILE A 109 -11.74 -1.79 1.86
C ILE A 109 -12.51 -1.73 3.20
N TYR A 110 -12.17 -0.80 4.09
CA TYR A 110 -12.90 -0.54 5.32
C TYR A 110 -14.02 0.44 5.00
N GLU A 111 -13.65 1.54 4.35
CA GLU A 111 -14.51 2.63 3.98
C GLU A 111 -15.61 2.14 3.05
N GLU A 112 -15.41 1.12 2.25
CA GLU A 112 -16.41 0.48 1.40
C GLU A 112 -17.65 0.14 2.23
N LYS A 113 -17.46 -0.37 3.46
CA LYS A 113 -18.62 -0.75 4.28
C LYS A 113 -19.33 0.46 4.87
N LEU A 114 -18.69 1.62 4.93
CA LEU A 114 -19.27 2.89 5.34
C LEU A 114 -19.91 3.55 4.11
N ALA A 115 -19.25 3.42 2.96
CA ALA A 115 -19.55 4.02 1.70
C ALA A 115 -20.83 3.42 1.15
N GLN A 116 -21.02 2.11 1.26
CA GLN A 116 -22.26 1.48 0.78
C GLN A 116 -23.48 2.01 1.53
N ALA A 117 -23.29 2.50 2.76
CA ALA A 117 -24.36 3.15 3.51
C ALA A 117 -24.71 4.50 2.86
N ARG A 118 -23.74 5.33 2.46
CA ARG A 118 -23.98 6.58 1.74
C ARG A 118 -24.50 6.30 0.34
N GLU A 119 -23.87 5.38 -0.38
CA GLU A 119 -24.19 5.03 -1.76
C GLU A 119 -25.62 4.50 -1.87
N SER A 120 -26.24 4.10 -0.76
CA SER A 120 -27.64 3.70 -0.72
C SER A 120 -28.51 4.89 -1.19
N ILE A 121 -28.16 6.10 -0.76
CA ILE A 121 -28.86 7.35 -1.11
C ILE A 121 -28.38 7.84 -2.48
N ILE A 122 -27.22 7.38 -2.98
CA ILE A 122 -26.79 7.71 -4.34
C ILE A 122 -27.66 6.87 -5.28
N ALA A 123 -27.82 5.57 -4.98
CA ALA A 123 -28.62 4.59 -5.71
C ALA A 123 -30.13 4.85 -5.58
N ASP A 124 -30.55 5.56 -4.54
CA ASP A 124 -31.94 5.99 -4.35
C ASP A 124 -32.42 6.75 -5.59
N ASN A 125 -31.55 7.61 -6.12
CA ASN A 125 -31.71 8.36 -7.35
C ASN A 125 -30.58 7.93 -8.29
N ASN A 126 -30.18 8.77 -9.23
CA ASN A 126 -29.03 8.56 -10.10
C ASN A 126 -28.73 9.90 -10.74
N ILE A 127 -27.49 10.37 -10.64
CA ILE A 127 -27.02 11.56 -11.31
C ILE A 127 -25.79 11.08 -12.06
N GLN A 128 -24.66 10.94 -11.36
CA GLN A 128 -23.39 10.38 -11.78
C GLN A 128 -22.55 10.30 -10.51
N MET A 1 -2.58 12.80 7.66
CA MET A 1 -3.91 12.82 8.31
C MET A 1 -3.72 13.16 9.79
N LYS A 2 -4.01 12.23 10.71
CA LYS A 2 -3.85 12.43 12.14
C LYS A 2 -3.56 11.07 12.75
N ALA A 3 -2.57 10.98 13.65
CA ALA A 3 -2.12 9.71 14.22
C ALA A 3 -1.82 8.73 13.08
N LEU A 4 -1.86 7.43 13.37
CA LEU A 4 -1.74 6.33 12.42
C LEU A 4 -2.77 5.30 12.90
N GLU A 5 -4.04 5.69 12.87
CA GLU A 5 -5.17 4.95 13.39
C GLU A 5 -6.39 5.35 12.56
N HIS A 6 -7.29 4.40 12.35
CA HIS A 6 -8.59 4.59 11.69
C HIS A 6 -9.56 3.53 12.20
N GLU A 7 -9.15 2.27 12.14
CA GLU A 7 -9.95 1.10 12.46
C GLU A 7 -10.20 0.98 13.96
N LYS A 8 -9.50 1.76 14.80
CA LYS A 8 -9.55 1.75 16.26
C LYS A 8 -9.15 0.41 16.90
N THR A 9 -9.08 -0.66 16.13
CA THR A 9 -8.85 -2.01 16.56
C THR A 9 -7.76 -2.59 15.66
N PRO A 10 -6.50 -2.67 16.10
CA PRO A 10 -5.40 -3.08 15.25
C PRO A 10 -5.46 -4.56 14.86
N GLU A 11 -6.28 -5.38 15.53
CA GLU A 11 -6.44 -6.76 15.08
C GLU A 11 -7.32 -6.76 13.83
N LEU A 12 -8.35 -5.92 13.83
CA LEU A 12 -9.19 -5.73 12.66
C LEU A 12 -8.35 -5.08 11.58
N ALA A 13 -7.51 -4.10 11.89
CA ALA A 13 -6.72 -3.40 10.90
C ALA A 13 -5.77 -4.34 10.17
N ALA A 14 -5.29 -5.38 10.85
CA ALA A 14 -4.48 -6.41 10.21
C ALA A 14 -5.35 -7.37 9.41
N LYS A 15 -6.58 -7.66 9.85
CA LYS A 15 -7.50 -8.51 9.08
C LYS A 15 -7.96 -7.79 7.82
N LEU A 16 -8.28 -6.52 7.94
CA LEU A 16 -8.64 -5.57 6.90
C LEU A 16 -7.50 -5.48 5.90
N ALA A 17 -6.25 -5.42 6.39
CA ALA A 17 -5.08 -5.45 5.54
C ALA A 17 -5.06 -6.74 4.72
N ALA A 18 -5.32 -7.89 5.35
CA ALA A 18 -5.25 -9.20 4.71
C ALA A 18 -6.30 -9.33 3.59
N GLU A 19 -7.48 -8.74 3.77
CA GLU A 19 -8.52 -8.67 2.74
C GLU A 19 -8.00 -7.86 1.54
N ALA A 20 -7.44 -6.68 1.79
CA ALA A 20 -6.90 -5.82 0.76
C ALA A 20 -5.69 -6.46 0.05
N ILE A 21 -4.83 -7.15 0.80
CA ILE A 21 -3.65 -7.87 0.34
C ILE A 21 -4.05 -8.97 -0.64
N GLU A 22 -5.20 -9.62 -0.47
CA GLU A 22 -5.64 -10.64 -1.41
C GLU A 22 -5.86 -10.01 -2.80
N ARG A 23 -6.25 -8.73 -2.85
CA ARG A 23 -6.49 -8.01 -4.09
C ARG A 23 -5.23 -7.29 -4.61
N ASP A 24 -4.47 -6.61 -3.75
CA ASP A 24 -3.31 -5.81 -4.13
C ASP A 24 -2.04 -6.66 -4.09
N PRO A 25 -1.44 -7.01 -5.24
CA PRO A 25 -0.17 -7.73 -5.22
C PRO A 25 0.91 -6.91 -4.53
N TRP A 26 0.95 -5.58 -4.67
CA TRP A 26 2.00 -4.80 -4.04
C TRP A 26 1.86 -4.87 -2.52
N ALA A 27 0.65 -4.74 -1.96
CA ALA A 27 0.45 -4.89 -0.53
C ALA A 27 0.93 -6.26 -0.05
N ALA A 28 0.59 -7.32 -0.80
CA ALA A 28 0.97 -8.69 -0.49
C ALA A 28 2.49 -8.85 -0.52
N GLN A 29 3.11 -8.31 -1.56
CA GLN A 29 4.54 -8.33 -1.80
C GLN A 29 5.25 -7.65 -0.64
N VAL A 30 4.84 -6.44 -0.24
CA VAL A 30 5.49 -5.74 0.88
C VAL A 30 5.42 -6.60 2.13
N SER A 31 4.29 -7.27 2.37
CA SER A 31 4.11 -8.14 3.50
C SER A 31 4.95 -9.42 3.39
N GLN A 32 5.36 -9.81 2.19
CA GLN A 32 6.27 -10.93 1.96
C GLN A 32 7.71 -10.49 2.25
N LEU A 33 8.01 -9.19 2.16
CA LEU A 33 9.33 -8.63 2.42
C LEU A 33 9.49 -8.15 3.85
N SER A 34 8.37 -7.89 4.53
CA SER A 34 8.25 -7.30 5.86
C SER A 34 9.32 -6.22 6.08
N LEU A 35 9.14 -5.09 5.40
CA LEU A 35 9.98 -3.90 5.57
C LEU A 35 9.91 -3.43 7.04
N PRO A 36 10.90 -2.71 7.56
CA PRO A 36 10.96 -2.31 8.97
C PRO A 36 9.89 -1.27 9.32
N LYS A 37 10.19 0.04 9.33
CA LYS A 37 9.19 1.06 9.64
C LYS A 37 9.33 2.27 8.73
N LEU A 38 10.51 2.87 8.63
CA LEU A 38 10.77 3.96 7.70
C LEU A 38 10.53 3.47 6.27
N VAL A 39 11.23 2.40 5.89
CA VAL A 39 11.15 1.83 4.55
C VAL A 39 9.74 1.30 4.31
N GLU A 40 9.11 0.73 5.34
CA GLU A 40 7.72 0.27 5.28
C GLU A 40 6.86 1.48 4.91
N GLN A 41 7.00 2.61 5.59
CA GLN A 41 6.17 3.78 5.37
C GLN A 41 6.32 4.34 3.95
N VAL A 42 7.51 4.19 3.35
CA VAL A 42 7.75 4.56 1.96
C VAL A 42 6.94 3.64 1.05
N ALA A 43 7.12 2.32 1.17
CA ALA A 43 6.37 1.35 0.37
C ALA A 43 4.86 1.50 0.58
N LEU A 44 4.45 1.93 1.77
CA LEU A 44 3.08 2.15 2.20
C LEU A 44 2.48 3.41 1.60
N ASN A 45 3.25 4.51 1.50
CA ASN A 45 2.68 5.77 1.03
C ASN A 45 2.99 6.00 -0.44
N ALA A 46 3.32 4.93 -1.16
CA ALA A 46 3.52 4.93 -2.59
C ALA A 46 2.71 3.83 -3.24
N TRP A 47 2.47 3.98 -4.54
CA TRP A 47 1.85 2.97 -5.37
C TRP A 47 2.93 2.54 -6.33
N LYS A 48 3.07 1.24 -6.52
CA LYS A 48 4.14 0.66 -7.30
C LYS A 48 3.73 0.66 -8.76
N GLU A 49 4.63 1.11 -9.61
CA GLU A 49 4.51 1.08 -11.05
C GLU A 49 5.70 0.24 -11.48
N GLU A 50 5.54 -0.60 -12.50
CA GLU A 50 6.57 -1.54 -12.91
C GLU A 50 6.81 -1.44 -14.40
N SER A 51 8.05 -1.18 -14.76
CA SER A 51 8.56 -1.18 -16.11
C SER A 51 9.12 -2.58 -16.35
N ASP A 52 9.56 -2.84 -17.58
CA ASP A 52 10.16 -4.10 -18.02
C ASP A 52 11.15 -4.68 -17.01
N ASN A 53 12.05 -3.85 -16.49
CA ASN A 53 13.11 -4.17 -15.55
C ASN A 53 13.31 -3.09 -14.48
N ALA A 54 12.38 -2.14 -14.33
CA ALA A 54 12.48 -1.10 -13.32
C ALA A 54 11.18 -1.11 -12.52
N VAL A 55 11.21 -0.52 -11.33
CA VAL A 55 10.01 -0.38 -10.51
C VAL A 55 10.05 1.03 -9.91
N CYS A 56 9.11 1.89 -10.29
CA CYS A 56 9.01 3.24 -9.77
C CYS A 56 7.90 3.27 -8.74
N LEU A 57 8.22 3.54 -7.48
CA LEU A 57 7.24 3.73 -6.42
C LEU A 57 6.81 5.19 -6.47
N HIS A 58 5.60 5.44 -6.99
CA HIS A 58 4.98 6.76 -7.05
C HIS A 58 4.52 7.10 -5.64
N LEU A 59 5.35 7.82 -4.90
CA LEU A 59 5.17 8.18 -3.51
C LEU A 59 4.38 9.47 -3.42
N ARG A 60 3.37 9.48 -2.54
CA ARG A 60 2.52 10.63 -2.33
C ARG A 60 3.34 11.79 -1.81
N SER A 61 3.14 12.97 -2.40
CA SER A 61 3.79 14.19 -1.99
C SER A 61 3.49 14.52 -0.54
N SER A 62 2.31 14.14 -0.04
CA SER A 62 1.87 14.40 1.34
C SER A 62 2.71 13.64 2.36
N GLN A 63 3.50 12.65 1.93
CA GLN A 63 4.40 11.87 2.77
C GLN A 63 5.81 11.87 2.20
N ARG A 64 6.15 12.76 1.26
CA ARG A 64 7.49 12.77 0.68
C ARG A 64 8.59 12.99 1.72
N HIS A 65 8.29 13.56 2.88
CA HIS A 65 9.27 13.68 3.98
C HIS A 65 9.77 12.31 4.45
N LEU A 66 9.06 11.21 4.18
CA LEU A 66 9.53 9.86 4.51
C LEU A 66 10.55 9.38 3.49
N ASN A 67 10.49 9.81 2.22
CA ASN A 67 11.38 9.31 1.18
C ASN A 67 12.79 9.85 1.39
N ASN A 68 13.69 8.95 1.73
CA ASN A 68 15.12 9.18 1.86
C ASN A 68 15.83 8.08 1.08
N ARG A 69 16.96 8.41 0.45
CA ARG A 69 17.68 7.45 -0.38
C ARG A 69 18.21 6.27 0.44
N GLY A 70 18.44 6.43 1.74
CA GLY A 70 18.81 5.32 2.62
C GLY A 70 17.70 4.28 2.73
N ALA A 71 16.43 4.71 2.73
CA ALA A 71 15.29 3.80 2.70
C ALA A 71 15.21 3.15 1.33
N GLN A 72 15.28 3.93 0.25
CA GLN A 72 15.28 3.44 -1.12
C GLN A 72 16.31 2.33 -1.29
N GLN A 73 17.49 2.46 -0.66
CA GLN A 73 18.58 1.52 -0.80
C GLN A 73 18.19 0.15 -0.28
N LYS A 74 17.59 0.10 0.92
CA LYS A 74 17.15 -1.15 1.51
C LYS A 74 15.91 -1.67 0.79
N LEU A 75 15.01 -0.78 0.36
CA LEU A 75 13.85 -1.14 -0.45
C LEU A 75 14.32 -1.79 -1.75
N ALA A 76 15.42 -1.32 -2.35
CA ALA A 76 15.91 -1.79 -3.65
C ALA A 76 16.40 -3.22 -3.52
N GLU A 77 17.14 -3.51 -2.45
CA GLU A 77 17.56 -4.86 -2.14
C GLU A 77 16.35 -5.76 -1.90
N ALA A 78 15.36 -5.26 -1.16
CA ALA A 78 14.14 -6.00 -0.88
C ALA A 78 13.41 -6.32 -2.18
N LEU A 79 13.26 -5.36 -3.09
CA LEU A 79 12.66 -5.57 -4.40
C LEU A 79 13.50 -6.51 -5.27
N SER A 80 14.83 -6.47 -5.14
CA SER A 80 15.72 -7.38 -5.85
C SER A 80 15.51 -8.82 -5.35
N MET A 81 15.31 -8.99 -4.03
CA MET A 81 14.98 -10.28 -3.43
C MET A 81 13.61 -10.72 -3.93
N LEU A 82 12.64 -9.81 -3.97
CA LEU A 82 11.27 -10.05 -4.34
C LEU A 82 11.21 -10.58 -5.76
N LYS A 83 11.72 -9.79 -6.70
CA LYS A 83 11.62 -10.09 -8.12
C LYS A 83 12.44 -11.32 -8.51
N GLY A 84 13.50 -11.62 -7.77
CA GLY A 84 14.44 -12.70 -8.08
C GLY A 84 15.55 -12.27 -9.03
N SER A 85 15.49 -11.04 -9.54
CA SER A 85 16.44 -10.43 -10.46
C SER A 85 16.70 -8.98 -10.01
N THR A 86 17.57 -8.26 -10.71
CA THR A 86 17.85 -6.85 -10.48
C THR A 86 16.57 -6.04 -10.72
N VAL A 87 16.36 -4.98 -9.95
CA VAL A 87 15.26 -4.04 -10.13
C VAL A 87 15.81 -2.63 -10.02
N GLU A 88 15.51 -1.75 -10.97
CA GLU A 88 15.87 -0.33 -10.88
C GLU A 88 14.74 0.29 -10.06
N LEU A 89 14.87 0.22 -8.74
CA LEU A 89 13.88 0.79 -7.85
C LEU A 89 14.08 2.30 -7.79
N THR A 90 13.08 3.06 -8.20
CA THR A 90 13.07 4.51 -8.10
C THR A 90 11.92 4.91 -7.17
N ILE A 91 12.00 6.06 -6.53
CA ILE A 91 10.92 6.62 -5.73
C ILE A 91 10.59 7.94 -6.43
N VAL A 92 9.49 8.00 -7.16
CA VAL A 92 9.09 9.19 -7.91
C VAL A 92 7.98 9.87 -7.10
N GLU A 93 7.80 11.18 -7.24
CA GLU A 93 6.77 11.89 -6.49
C GLU A 93 5.52 11.99 -7.35
N ASP A 94 4.37 11.67 -6.79
CA ASP A 94 3.05 11.82 -7.38
C ASP A 94 2.12 12.26 -6.26
N ASP A 95 0.91 12.70 -6.56
CA ASP A 95 -0.11 13.04 -5.59
C ASP A 95 -1.51 12.62 -6.00
N ASN A 96 -1.74 12.25 -7.27
CA ASN A 96 -3.11 11.99 -7.70
C ASN A 96 -3.63 10.69 -7.07
N PRO A 97 -4.87 10.62 -6.56
CA PRO A 97 -5.44 9.39 -6.00
C PRO A 97 -5.74 8.31 -7.07
N ALA A 98 -5.14 8.40 -8.26
CA ALA A 98 -5.32 7.51 -9.39
C ALA A 98 -5.08 6.04 -9.07
N VAL A 99 -4.19 5.80 -8.14
CA VAL A 99 -3.85 4.48 -7.64
C VAL A 99 -3.80 4.55 -6.12
N ARG A 100 -4.33 3.50 -5.52
CA ARG A 100 -4.43 3.31 -4.08
C ARG A 100 -3.10 2.70 -3.66
N THR A 101 -2.41 3.32 -2.71
CA THR A 101 -1.18 2.79 -2.13
C THR A 101 -1.56 1.53 -1.32
N PRO A 102 -0.62 0.67 -0.86
CA PRO A 102 -1.02 -0.51 -0.10
C PRO A 102 -1.57 -0.09 1.28
N LEU A 103 -1.20 1.10 1.77
CA LEU A 103 -1.76 1.68 2.98
C LEU A 103 -3.20 1.99 2.70
N GLU A 104 -3.48 2.69 1.60
CA GLU A 104 -4.83 3.09 1.24
C GLU A 104 -5.68 1.92 0.80
N TRP A 105 -5.12 0.84 0.24
CA TRP A 105 -5.92 -0.33 -0.11
C TRP A 105 -6.63 -0.90 1.13
N ARG A 106 -5.97 -0.91 2.30
CA ARG A 106 -6.60 -1.31 3.57
C ARG A 106 -7.82 -0.42 3.82
N GLN A 107 -7.61 0.90 3.76
CA GLN A 107 -8.63 1.92 3.98
C GLN A 107 -9.76 1.80 2.95
N ALA A 108 -9.43 1.46 1.70
CA ALA A 108 -10.37 1.35 0.60
C ALA A 108 -11.31 0.18 0.83
N ILE A 109 -10.77 -0.99 1.20
CA ILE A 109 -11.59 -2.14 1.57
C ILE A 109 -12.44 -1.74 2.78
N TYR A 110 -11.94 -0.91 3.70
CA TYR A 110 -12.72 -0.50 4.85
C TYR A 110 -13.95 0.27 4.41
N GLU A 111 -13.76 1.29 3.56
CA GLU A 111 -14.87 2.13 3.16
C GLU A 111 -15.82 1.34 2.25
N GLU A 112 -15.34 0.29 1.58
CA GLU A 112 -16.18 -0.62 0.79
C GLU A 112 -17.06 -1.38 1.79
N LYS A 113 -16.48 -1.98 2.83
CA LYS A 113 -17.25 -2.81 3.76
C LYS A 113 -18.18 -1.94 4.62
N LEU A 114 -17.82 -0.68 4.86
CA LEU A 114 -18.65 0.29 5.57
C LEU A 114 -19.78 0.72 4.64
N ALA A 115 -19.50 0.87 3.33
CA ALA A 115 -20.55 1.14 2.37
C ALA A 115 -21.48 -0.06 2.29
N GLN A 116 -20.94 -1.28 2.31
CA GLN A 116 -21.74 -2.49 2.30
C GLN A 116 -22.59 -2.61 3.56
N ALA A 117 -22.10 -2.11 4.70
CA ALA A 117 -22.87 -2.06 5.92
C ALA A 117 -24.07 -1.11 5.75
N ARG A 118 -23.89 0.02 5.07
CA ARG A 118 -25.00 0.91 4.74
C ARG A 118 -25.98 0.21 3.81
N GLU A 119 -25.50 -0.50 2.78
CA GLU A 119 -26.40 -1.25 1.90
C GLU A 119 -27.16 -2.30 2.72
N SER A 120 -26.49 -2.93 3.69
CA SER A 120 -27.08 -3.86 4.63
C SER A 120 -28.22 -3.18 5.35
N ILE A 121 -27.97 -2.09 6.09
CA ILE A 121 -28.96 -1.35 6.85
C ILE A 121 -30.20 -1.10 6.00
N ILE A 122 -30.03 -0.67 4.76
CA ILE A 122 -31.14 -0.28 3.90
C ILE A 122 -32.04 -1.45 3.48
N ALA A 123 -31.60 -2.70 3.66
CA ALA A 123 -32.36 -3.91 3.44
C ALA A 123 -32.63 -4.71 4.72
N ASP A 124 -31.82 -4.50 5.76
CA ASP A 124 -31.93 -5.06 7.10
C ASP A 124 -33.13 -4.37 7.77
N ASN A 125 -33.16 -3.02 7.75
CA ASN A 125 -34.28 -2.22 8.22
C ASN A 125 -35.26 -2.22 7.05
N ASN A 126 -35.79 -3.41 6.77
CA ASN A 126 -36.64 -3.72 5.62
C ASN A 126 -37.90 -2.86 5.53
N ILE A 127 -38.51 -2.55 6.67
CA ILE A 127 -39.75 -1.76 6.76
C ILE A 127 -39.70 -0.78 7.93
N GLN A 128 -38.77 -0.92 8.87
CA GLN A 128 -38.56 -0.07 10.03
C GLN A 128 -37.14 -0.38 10.49
N MET A 1 -10.61 -10.55 19.01
CA MET A 1 -9.41 -11.18 19.59
C MET A 1 -8.31 -10.13 19.64
N LYS A 2 -7.88 -9.74 20.84
CA LYS A 2 -7.01 -8.60 21.21
C LYS A 2 -7.92 -7.41 21.57
N ALA A 3 -7.34 -6.25 21.85
CA ALA A 3 -8.03 -5.00 22.16
C ALA A 3 -7.15 -3.81 21.77
N LEU A 4 -7.72 -2.59 21.83
CA LEU A 4 -7.23 -1.21 21.66
C LEU A 4 -8.06 -0.45 20.61
N GLU A 5 -9.38 -0.47 20.76
CA GLU A 5 -10.35 0.28 19.97
C GLU A 5 -10.11 1.75 20.27
N HIS A 6 -9.43 2.40 19.34
CA HIS A 6 -9.07 3.82 19.38
C HIS A 6 -9.51 4.38 18.03
N GLU A 7 -8.79 4.03 16.96
CA GLU A 7 -9.16 4.37 15.59
C GLU A 7 -9.91 3.15 15.06
N LYS A 8 -11.03 2.83 15.74
CA LYS A 8 -11.84 1.64 15.53
C LYS A 8 -11.03 0.40 15.90
N THR A 9 -11.63 -0.76 15.74
CA THR A 9 -11.06 -2.08 16.03
C THR A 9 -9.75 -2.30 15.28
N PRO A 10 -8.57 -2.26 15.94
CA PRO A 10 -7.33 -2.59 15.26
C PRO A 10 -7.29 -4.09 14.91
N GLU A 11 -8.16 -4.90 15.51
CA GLU A 11 -8.36 -6.32 15.21
C GLU A 11 -8.91 -6.47 13.79
N LEU A 12 -10.00 -5.74 13.52
CA LEU A 12 -10.65 -5.72 12.22
C LEU A 12 -9.66 -5.15 11.23
N ALA A 13 -9.00 -4.04 11.55
CA ALA A 13 -8.06 -3.38 10.65
C ALA A 13 -6.91 -4.34 10.28
N ALA A 14 -6.50 -5.22 11.21
CA ALA A 14 -5.50 -6.24 10.96
C ALA A 14 -6.04 -7.37 10.07
N LYS A 15 -7.33 -7.69 10.14
CA LYS A 15 -7.94 -8.66 9.22
C LYS A 15 -8.11 -8.02 7.85
N LEU A 16 -8.59 -6.78 7.83
CA LEU A 16 -8.96 -6.01 6.66
C LEU A 16 -7.67 -5.84 5.85
N ALA A 17 -6.52 -5.70 6.51
CA ALA A 17 -5.23 -5.68 5.85
C ALA A 17 -5.02 -6.92 4.98
N ALA A 18 -5.37 -8.12 5.46
CA ALA A 18 -5.32 -9.33 4.66
C ALA A 18 -6.29 -9.24 3.47
N GLU A 19 -7.50 -8.75 3.70
CA GLU A 19 -8.52 -8.60 2.67
C GLU A 19 -8.04 -7.67 1.55
N ALA A 20 -7.36 -6.57 1.89
CA ALA A 20 -6.71 -5.64 0.98
C ALA A 20 -5.51 -6.31 0.30
N ILE A 21 -4.64 -6.95 1.07
CA ILE A 21 -3.44 -7.63 0.60
C ILE A 21 -3.76 -8.64 -0.47
N GLU A 22 -4.85 -9.39 -0.32
CA GLU A 22 -5.10 -10.46 -1.26
C GLU A 22 -5.43 -9.82 -2.64
N ARG A 23 -6.07 -8.63 -2.64
CA ARG A 23 -6.37 -7.85 -3.84
C ARG A 23 -5.16 -7.12 -4.38
N ASP A 24 -4.32 -6.54 -3.52
CA ASP A 24 -3.19 -5.70 -3.90
C ASP A 24 -1.89 -6.50 -3.88
N PRO A 25 -1.33 -6.87 -5.04
CA PRO A 25 -0.07 -7.58 -5.07
C PRO A 25 1.07 -6.76 -4.47
N TRP A 26 0.99 -5.41 -4.45
CA TRP A 26 2.03 -4.63 -3.78
C TRP A 26 1.92 -4.80 -2.28
N ALA A 27 0.74 -4.64 -1.68
CA ALA A 27 0.56 -4.85 -0.24
C ALA A 27 1.01 -6.27 0.14
N ALA A 28 0.64 -7.27 -0.66
CA ALA A 28 1.05 -8.65 -0.44
C ALA A 28 2.58 -8.74 -0.49
N GLN A 29 3.18 -8.13 -1.51
CA GLN A 29 4.62 -8.10 -1.68
C GLN A 29 5.27 -7.42 -0.48
N VAL A 30 4.75 -6.31 0.05
CA VAL A 30 5.36 -5.65 1.20
C VAL A 30 5.39 -6.60 2.39
N SER A 31 4.34 -7.39 2.58
CA SER A 31 4.30 -8.43 3.59
C SER A 31 5.43 -9.44 3.35
N GLN A 32 5.63 -9.83 2.08
CA GLN A 32 6.57 -10.85 1.66
C GLN A 32 8.02 -10.35 1.74
N LEU A 33 8.23 -9.04 1.57
CA LEU A 33 9.52 -8.38 1.74
C LEU A 33 9.82 -8.20 3.23
N SER A 34 8.75 -8.04 4.02
CA SER A 34 8.75 -7.75 5.44
C SER A 34 9.72 -6.59 5.74
N LEU A 35 9.43 -5.42 5.15
CA LEU A 35 10.17 -4.17 5.43
C LEU A 35 10.20 -3.86 6.92
N PRO A 36 11.21 -3.11 7.41
CA PRO A 36 11.40 -2.85 8.84
C PRO A 36 10.31 -1.94 9.39
N LYS A 37 10.49 -0.62 9.40
CA LYS A 37 9.42 0.32 9.81
C LYS A 37 9.59 1.66 9.12
N LEU A 38 10.82 2.18 9.08
CA LEU A 38 11.17 3.40 8.35
C LEU A 38 10.72 3.23 6.90
N VAL A 39 11.23 2.18 6.28
CA VAL A 39 11.00 1.92 4.86
C VAL A 39 9.59 1.38 4.65
N GLU A 40 8.99 0.73 5.65
CA GLU A 40 7.60 0.31 5.57
C GLU A 40 6.71 1.56 5.39
N GLN A 41 6.95 2.64 6.13
CA GLN A 41 6.19 3.89 6.02
C GLN A 41 6.31 4.52 4.62
N VAL A 42 7.36 4.18 3.86
CA VAL A 42 7.56 4.58 2.48
C VAL A 42 6.72 3.68 1.60
N ALA A 43 6.98 2.37 1.60
CA ALA A 43 6.23 1.43 0.77
C ALA A 43 4.72 1.47 1.04
N LEU A 44 4.32 1.88 2.25
CA LEU A 44 2.95 2.06 2.67
C LEU A 44 2.32 3.30 2.03
N ASN A 45 3.08 4.40 1.89
CA ASN A 45 2.52 5.65 1.35
C ASN A 45 2.80 5.79 -0.14
N ALA A 46 3.09 4.68 -0.82
CA ALA A 46 3.34 4.68 -2.24
C ALA A 46 2.63 3.51 -2.92
N TRP A 47 2.32 3.69 -4.19
CA TRP A 47 1.76 2.64 -5.03
C TRP A 47 2.88 2.21 -5.98
N LYS A 48 2.81 0.96 -6.43
CA LYS A 48 3.86 0.36 -7.22
C LYS A 48 3.47 0.21 -8.67
N GLU A 49 4.14 0.94 -9.53
CA GLU A 49 4.03 0.85 -10.97
C GLU A 49 5.21 -0.05 -11.41
N GLU A 50 5.05 -0.87 -12.44
CA GLU A 50 6.09 -1.80 -12.88
C GLU A 50 6.32 -1.64 -14.39
N SER A 51 7.55 -1.90 -14.82
CA SER A 51 8.01 -1.94 -16.18
C SER A 51 8.84 -3.24 -16.31
N ASP A 52 9.25 -3.54 -17.53
CA ASP A 52 9.94 -4.75 -17.98
C ASP A 52 10.91 -5.32 -16.95
N ASN A 53 11.86 -4.51 -16.47
CA ASN A 53 12.82 -4.87 -15.42
C ASN A 53 12.88 -3.78 -14.34
N ALA A 54 11.92 -2.85 -14.31
CA ALA A 54 11.97 -1.70 -13.40
C ALA A 54 10.69 -1.60 -12.61
N VAL A 55 10.72 -0.82 -11.55
CA VAL A 55 9.57 -0.57 -10.70
C VAL A 55 9.64 0.89 -10.27
N CYS A 56 8.58 1.66 -10.53
CA CYS A 56 8.45 3.03 -10.07
C CYS A 56 7.53 3.04 -8.87
N LEU A 57 8.04 3.45 -7.71
CA LEU A 57 7.30 3.57 -6.47
C LEU A 57 6.78 5.01 -6.38
N HIS A 58 5.51 5.20 -6.73
CA HIS A 58 4.85 6.51 -6.71
C HIS A 58 4.42 6.81 -5.28
N LEU A 59 5.21 7.55 -4.51
CA LEU A 59 4.90 7.93 -3.14
C LEU A 59 4.09 9.20 -3.14
N ARG A 60 3.15 9.32 -2.20
CA ARG A 60 2.39 10.54 -2.00
C ARG A 60 3.42 11.60 -1.60
N SER A 61 3.56 12.63 -2.41
CA SER A 61 4.39 13.79 -2.12
C SER A 61 3.96 14.42 -0.79
N SER A 62 2.70 14.21 -0.38
CA SER A 62 2.11 14.65 0.88
C SER A 62 2.89 14.04 2.07
N GLN A 63 3.48 12.85 1.89
CA GLN A 63 4.25 12.09 2.87
C GLN A 63 5.73 11.95 2.44
N ARG A 64 6.22 12.70 1.45
CA ARG A 64 7.62 12.60 1.00
C ARG A 64 8.65 12.89 2.09
N HIS A 65 8.25 13.38 3.27
CA HIS A 65 9.16 13.54 4.41
C HIS A 65 9.90 12.23 4.74
N LEU A 66 9.43 11.08 4.26
CA LEU A 66 10.11 9.80 4.42
C LEU A 66 10.75 9.29 3.12
N ASN A 67 10.48 9.87 1.93
CA ASN A 67 11.17 9.47 0.69
C ASN A 67 12.62 9.88 0.84
N ASN A 68 13.46 8.93 1.20
CA ASN A 68 14.89 9.18 1.34
C ASN A 68 15.71 8.11 0.62
N ARG A 69 16.97 8.41 0.30
CA ARG A 69 17.82 7.50 -0.46
C ARG A 69 18.08 6.20 0.30
N GLY A 70 18.31 6.32 1.59
CA GLY A 70 18.49 5.18 2.48
C GLY A 70 17.29 4.23 2.41
N ALA A 71 16.07 4.78 2.43
CA ALA A 71 14.87 3.96 2.31
C ALA A 71 14.79 3.36 0.91
N GLN A 72 15.08 4.13 -0.14
CA GLN A 72 15.06 3.68 -1.53
C GLN A 72 15.96 2.46 -1.68
N GLN A 73 17.20 2.51 -1.22
CA GLN A 73 18.15 1.43 -1.43
C GLN A 73 17.74 0.18 -0.66
N LYS A 74 17.22 0.33 0.56
CA LYS A 74 16.67 -0.79 1.32
C LYS A 74 15.51 -1.41 0.54
N LEU A 75 14.60 -0.57 0.02
CA LEU A 75 13.46 -1.03 -0.76
C LEU A 75 13.97 -1.78 -1.98
N ALA A 76 15.02 -1.26 -2.63
CA ALA A 76 15.58 -1.76 -3.88
C ALA A 76 16.18 -3.13 -3.66
N GLU A 77 16.96 -3.27 -2.59
CA GLU A 77 17.58 -4.52 -2.21
C GLU A 77 16.51 -5.60 -1.98
N ALA A 78 15.41 -5.24 -1.30
CA ALA A 78 14.33 -6.16 -1.02
C ALA A 78 13.60 -6.55 -2.30
N LEU A 79 13.22 -5.58 -3.14
CA LEU A 79 12.58 -5.83 -4.43
C LEU A 79 13.50 -6.65 -5.35
N SER A 80 14.80 -6.40 -5.31
CA SER A 80 15.80 -7.12 -6.07
C SER A 80 15.89 -8.57 -5.60
N MET A 81 15.81 -8.81 -4.28
CA MET A 81 15.77 -10.16 -3.73
C MET A 81 14.49 -10.86 -4.18
N LEU A 82 13.36 -10.15 -4.19
CA LEU A 82 12.08 -10.69 -4.65
C LEU A 82 12.13 -11.06 -6.14
N LYS A 83 12.71 -10.20 -6.98
CA LYS A 83 12.80 -10.44 -8.42
C LYS A 83 13.92 -11.42 -8.77
N GLY A 84 14.92 -11.60 -7.90
CA GLY A 84 16.10 -12.41 -8.17
C GLY A 84 17.07 -11.73 -9.14
N SER A 85 16.80 -10.48 -9.54
CA SER A 85 17.65 -9.62 -10.36
C SER A 85 17.53 -8.20 -9.80
N THR A 86 18.50 -7.34 -10.07
CA THR A 86 18.47 -5.95 -9.62
C THR A 86 17.30 -5.22 -10.29
N VAL A 87 16.30 -4.83 -9.51
CA VAL A 87 15.17 -4.03 -9.96
C VAL A 87 15.66 -2.59 -10.08
N GLU A 88 15.18 -1.87 -11.10
CA GLU A 88 15.48 -0.45 -11.23
C GLU A 88 14.32 0.21 -10.51
N LEU A 89 14.48 0.35 -9.19
CA LEU A 89 13.46 0.85 -8.31
C LEU A 89 13.60 2.36 -8.24
N THR A 90 12.72 3.08 -8.93
CA THR A 90 12.66 4.53 -8.88
C THR A 90 11.66 4.92 -7.79
N ILE A 91 11.79 6.10 -7.21
CA ILE A 91 10.84 6.66 -6.27
C ILE A 91 10.44 7.97 -6.92
N VAL A 92 9.14 8.16 -7.15
CA VAL A 92 8.61 9.43 -7.66
C VAL A 92 7.66 9.95 -6.59
N GLU A 93 7.51 11.28 -6.49
CA GLU A 93 6.71 11.93 -5.49
C GLU A 93 5.57 12.62 -6.24
N ASP A 94 4.38 12.04 -6.20
CA ASP A 94 3.23 12.49 -6.96
C ASP A 94 2.10 12.82 -5.99
N ASP A 95 1.03 13.45 -6.46
CA ASP A 95 -0.09 13.89 -5.65
C ASP A 95 -1.44 13.52 -6.26
N ASN A 96 -1.45 13.18 -7.55
CA ASN A 96 -2.61 12.69 -8.28
C ASN A 96 -2.93 11.27 -7.81
N PRO A 97 -4.11 10.99 -7.22
CA PRO A 97 -4.45 9.69 -6.63
C PRO A 97 -4.85 8.63 -7.67
N ALA A 98 -4.02 8.44 -8.69
CA ALA A 98 -4.27 7.57 -9.84
C ALA A 98 -4.50 6.11 -9.49
N VAL A 99 -3.88 5.67 -8.41
CA VAL A 99 -3.89 4.31 -7.88
C VAL A 99 -3.94 4.44 -6.35
N ARG A 100 -4.18 3.34 -5.62
CA ARG A 100 -4.15 3.32 -4.17
C ARG A 100 -2.84 2.72 -3.69
N THR A 101 -2.23 3.34 -2.68
CA THR A 101 -1.06 2.82 -2.01
C THR A 101 -1.55 1.60 -1.20
N PRO A 102 -0.71 0.72 -0.62
CA PRO A 102 -1.21 -0.44 0.10
C PRO A 102 -1.91 0.02 1.41
N LEU A 103 -1.55 1.19 1.95
CA LEU A 103 -2.22 1.80 3.10
C LEU A 103 -3.59 2.28 2.62
N GLU A 104 -3.65 3.02 1.52
CA GLU A 104 -4.92 3.50 0.97
C GLU A 104 -5.81 2.35 0.52
N TRP A 105 -5.25 1.19 0.15
CA TRP A 105 -6.01 -0.01 -0.16
C TRP A 105 -6.60 -0.53 1.15
N ARG A 106 -5.81 -0.59 2.24
CA ARG A 106 -6.28 -0.97 3.56
C ARG A 106 -7.36 -0.03 4.10
N GLN A 107 -7.38 1.21 3.62
CA GLN A 107 -8.42 2.17 3.94
C GLN A 107 -9.62 1.83 3.04
N ALA A 108 -9.39 1.64 1.74
CA ALA A 108 -10.41 1.44 0.73
C ALA A 108 -11.23 0.22 1.05
N ILE A 109 -10.63 -0.96 1.27
CA ILE A 109 -11.40 -2.19 1.48
C ILE A 109 -12.32 -2.05 2.72
N TYR A 110 -11.97 -1.19 3.68
CA TYR A 110 -12.82 -0.90 4.83
C TYR A 110 -13.95 0.01 4.37
N GLU A 111 -13.59 1.17 3.84
CA GLU A 111 -14.45 2.24 3.43
C GLU A 111 -15.35 1.83 2.24
N GLU A 112 -15.04 0.75 1.54
CA GLU A 112 -15.81 0.13 0.49
C GLU A 112 -16.99 -0.59 1.10
N LYS A 113 -16.82 -1.26 2.23
CA LYS A 113 -17.94 -1.93 2.89
C LYS A 113 -18.97 -0.93 3.39
N LEU A 114 -18.56 0.33 3.57
CA LEU A 114 -19.40 1.47 3.91
C LEU A 114 -19.94 2.08 2.62
N ALA A 115 -19.11 2.25 1.60
CA ALA A 115 -19.49 2.93 0.37
C ALA A 115 -20.48 2.08 -0.43
N GLN A 116 -20.34 0.76 -0.40
CA GLN A 116 -21.24 -0.17 -1.08
C GLN A 116 -22.61 -0.17 -0.41
N ALA A 117 -22.66 0.11 0.90
CA ALA A 117 -23.91 0.27 1.61
C ALA A 117 -24.61 1.51 1.07
N ARG A 118 -23.89 2.63 0.95
CA ARG A 118 -24.44 3.82 0.31
C ARG A 118 -24.86 3.51 -1.13
N GLU A 119 -24.03 2.76 -1.85
CA GLU A 119 -24.20 2.45 -3.26
C GLU A 119 -25.53 1.73 -3.50
N SER A 120 -26.02 0.95 -2.52
CA SER A 120 -27.33 0.32 -2.57
C SER A 120 -28.44 1.39 -2.64
N ILE A 121 -28.38 2.43 -1.81
CA ILE A 121 -29.35 3.51 -1.84
C ILE A 121 -29.25 4.25 -3.19
N ILE A 122 -28.04 4.40 -3.75
CA ILE A 122 -27.89 4.99 -5.07
C ILE A 122 -28.29 3.97 -6.17
N ALA A 123 -28.38 2.67 -5.87
CA ALA A 123 -28.87 1.64 -6.78
C ALA A 123 -30.39 1.78 -6.89
N ASP A 124 -31.06 1.97 -5.75
CA ASP A 124 -32.50 2.26 -5.67
C ASP A 124 -32.74 3.63 -6.35
N ASN A 125 -31.67 4.44 -6.37
CA ASN A 125 -31.41 5.72 -6.97
C ASN A 125 -32.39 6.81 -6.59
N ASN A 126 -33.61 6.74 -7.11
CA ASN A 126 -34.63 7.78 -6.96
C ASN A 126 -35.94 7.21 -6.38
N ILE A 127 -36.09 5.88 -6.39
CA ILE A 127 -37.22 5.08 -5.89
C ILE A 127 -38.56 5.54 -6.51
N GLN A 128 -38.44 6.20 -7.66
CA GLN A 128 -39.45 6.78 -8.51
C GLN A 128 -38.78 6.95 -9.86
N MET A 1 0.20 -0.01 35.50
CA MET A 1 -1.11 -0.20 34.88
C MET A 1 -1.51 1.12 34.25
N LYS A 2 -2.02 1.07 33.03
CA LYS A 2 -2.46 2.18 32.20
C LYS A 2 -3.70 1.65 31.45
N ALA A 3 -4.60 2.53 30.98
CA ALA A 3 -5.74 2.09 30.18
C ALA A 3 -5.15 1.41 28.94
N LEU A 4 -5.62 0.19 28.65
CA LEU A 4 -5.12 -0.70 27.61
C LEU A 4 -5.22 -0.15 26.18
N GLU A 5 -5.93 0.96 25.96
CA GLU A 5 -6.08 1.74 24.74
C GLU A 5 -5.02 1.39 23.68
N HIS A 6 -5.41 0.58 22.70
CA HIS A 6 -4.55 0.02 21.67
C HIS A 6 -5.27 -0.02 20.32
N GLU A 7 -6.10 0.97 20.00
CA GLU A 7 -6.78 1.17 18.71
C GLU A 7 -8.13 0.44 18.64
N LYS A 8 -8.66 -0.05 19.77
CA LYS A 8 -9.84 -0.88 19.92
C LYS A 8 -9.50 -2.27 19.41
N THR A 9 -9.55 -2.50 18.10
CA THR A 9 -9.26 -3.78 17.50
C THR A 9 -8.29 -3.59 16.33
N PRO A 10 -6.98 -3.45 16.56
CA PRO A 10 -6.01 -3.41 15.48
C PRO A 10 -6.00 -4.73 14.70
N GLU A 11 -6.53 -5.80 15.28
CA GLU A 11 -6.67 -7.07 14.60
C GLU A 11 -7.66 -6.94 13.45
N LEU A 12 -8.77 -6.22 13.65
CA LEU A 12 -9.74 -6.05 12.56
C LEU A 12 -9.07 -5.30 11.41
N ALA A 13 -8.30 -4.25 11.70
CA ALA A 13 -7.56 -3.53 10.67
C ALA A 13 -6.60 -4.48 9.95
N ALA A 14 -6.05 -5.48 10.64
CA ALA A 14 -5.22 -6.51 10.03
C ALA A 14 -6.04 -7.56 9.26
N LYS A 15 -7.35 -7.73 9.52
CA LYS A 15 -8.19 -8.63 8.71
C LYS A 15 -8.65 -7.88 7.48
N LEU A 16 -9.01 -6.62 7.65
CA LEU A 16 -9.34 -5.69 6.60
C LEU A 16 -8.13 -5.60 5.66
N ALA A 17 -6.92 -5.50 6.22
CA ALA A 17 -5.70 -5.55 5.45
C ALA A 17 -5.47 -6.88 4.79
N ALA A 18 -6.04 -8.01 5.24
CA ALA A 18 -5.93 -9.28 4.54
C ALA A 18 -6.75 -9.21 3.25
N GLU A 19 -7.98 -8.70 3.31
CA GLU A 19 -8.82 -8.47 2.14
C GLU A 19 -8.11 -7.53 1.15
N ALA A 20 -7.43 -6.52 1.68
CA ALA A 20 -6.65 -5.59 0.90
C ALA A 20 -5.45 -6.30 0.27
N ILE A 21 -4.69 -7.06 1.05
CA ILE A 21 -3.54 -7.84 0.65
C ILE A 21 -3.91 -8.86 -0.41
N GLU A 22 -5.14 -9.36 -0.41
CA GLU A 22 -5.49 -10.41 -1.36
C GLU A 22 -5.83 -9.75 -2.70
N ARG A 23 -6.25 -8.48 -2.69
CA ARG A 23 -6.48 -7.71 -3.92
C ARG A 23 -5.19 -7.02 -4.38
N ASP A 24 -4.29 -6.67 -3.46
CA ASP A 24 -3.09 -5.92 -3.73
C ASP A 24 -1.86 -6.81 -3.51
N PRO A 25 -1.32 -7.43 -4.58
CA PRO A 25 -0.09 -8.19 -4.44
C PRO A 25 1.09 -7.30 -4.01
N TRP A 26 1.04 -5.97 -4.16
CA TRP A 26 2.10 -5.13 -3.61
C TRP A 26 1.97 -5.14 -2.08
N ALA A 27 0.77 -4.95 -1.52
CA ALA A 27 0.57 -5.07 -0.08
C ALA A 27 0.99 -6.47 0.41
N ALA A 28 0.67 -7.52 -0.35
CA ALA A 28 1.03 -8.89 -0.04
C ALA A 28 2.56 -9.03 0.00
N GLN A 29 3.21 -8.49 -1.02
CA GLN A 29 4.65 -8.52 -1.18
C GLN A 29 5.31 -7.78 -0.05
N VAL A 30 4.88 -6.57 0.31
CA VAL A 30 5.51 -5.81 1.39
C VAL A 30 5.51 -6.63 2.69
N SER A 31 4.46 -7.42 2.92
CA SER A 31 4.39 -8.29 4.08
C SER A 31 5.44 -9.41 4.01
N GLN A 32 5.75 -9.91 2.80
CA GLN A 32 6.80 -10.91 2.59
C GLN A 32 8.18 -10.27 2.68
N LEU A 33 8.32 -9.06 2.15
CA LEU A 33 9.60 -8.36 2.04
C LEU A 33 10.07 -7.85 3.40
N SER A 34 9.15 -7.78 4.37
CA SER A 34 9.33 -7.31 5.73
C SER A 34 10.28 -6.11 5.78
N LEU A 35 9.83 -4.98 5.25
CA LEU A 35 10.56 -3.73 5.36
C LEU A 35 10.55 -3.36 6.85
N PRO A 36 11.61 -2.77 7.42
CA PRO A 36 11.73 -2.51 8.86
C PRO A 36 10.48 -1.83 9.42
N LYS A 37 10.32 -0.53 9.18
CA LYS A 37 9.13 0.25 9.51
C LYS A 37 9.22 1.59 8.80
N LEU A 38 10.37 2.25 8.87
CA LEU A 38 10.67 3.48 8.14
C LEU A 38 10.46 3.25 6.65
N VAL A 39 11.11 2.21 6.14
CA VAL A 39 11.05 1.85 4.74
C VAL A 39 9.67 1.27 4.42
N GLU A 40 9.01 0.63 5.38
CA GLU A 40 7.65 0.15 5.18
C GLU A 40 6.74 1.36 4.99
N GLN A 41 6.96 2.46 5.71
CA GLN A 41 6.19 3.71 5.60
C GLN A 41 6.27 4.27 4.17
N VAL A 42 7.39 4.04 3.47
CA VAL A 42 7.54 4.41 2.07
C VAL A 42 6.67 3.50 1.22
N ALA A 43 6.87 2.18 1.31
CA ALA A 43 6.11 1.23 0.52
C ALA A 43 4.60 1.35 0.78
N LEU A 44 4.22 1.73 2.00
CA LEU A 44 2.86 2.00 2.47
C LEU A 44 2.27 3.23 1.83
N ASN A 45 3.07 4.28 1.61
CA ASN A 45 2.56 5.56 1.12
C ASN A 45 2.94 5.79 -0.34
N ALA A 46 3.26 4.70 -1.05
CA ALA A 46 3.52 4.69 -2.46
C ALA A 46 2.77 3.54 -3.11
N TRP A 47 2.50 3.66 -4.40
CA TRP A 47 1.91 2.61 -5.22
C TRP A 47 3.00 2.23 -6.21
N LYS A 48 3.19 0.93 -6.42
CA LYS A 48 4.27 0.41 -7.24
C LYS A 48 3.89 0.41 -8.70
N GLU A 49 4.57 1.23 -9.50
CA GLU A 49 4.42 1.22 -10.94
C GLU A 49 5.61 0.37 -11.37
N GLU A 50 5.37 -0.91 -11.60
CA GLU A 50 6.37 -1.81 -12.13
C GLU A 50 6.39 -1.58 -13.63
N SER A 51 7.46 -0.96 -14.09
CA SER A 51 7.70 -0.58 -15.46
C SER A 51 8.15 -1.84 -16.23
N ASP A 52 8.39 -1.69 -17.53
CA ASP A 52 8.82 -2.75 -18.44
C ASP A 52 9.88 -3.66 -17.81
N ASN A 53 10.88 -3.06 -17.16
CA ASN A 53 11.88 -3.78 -16.40
C ASN A 53 12.51 -2.84 -15.38
N ALA A 54 11.67 -2.15 -14.61
CA ALA A 54 12.10 -1.30 -13.51
C ALA A 54 10.93 -1.23 -12.55
N VAL A 55 11.12 -0.59 -11.40
CA VAL A 55 10.04 -0.36 -10.47
C VAL A 55 10.14 1.08 -9.98
N CYS A 56 9.10 1.87 -10.23
CA CYS A 56 9.00 3.23 -9.77
C CYS A 56 7.91 3.26 -8.69
N LEU A 57 8.27 3.46 -7.43
CA LEU A 57 7.28 3.61 -6.36
C LEU A 57 6.79 5.05 -6.37
N HIS A 58 5.55 5.25 -6.81
CA HIS A 58 4.89 6.55 -6.84
C HIS A 58 4.47 6.90 -5.41
N LEU A 59 5.31 7.62 -4.66
CA LEU A 59 5.08 8.01 -3.28
C LEU A 59 4.33 9.33 -3.24
N ARG A 60 3.36 9.45 -2.35
CA ARG A 60 2.56 10.66 -2.22
C ARG A 60 3.43 11.84 -1.85
N SER A 61 3.31 12.93 -2.61
CA SER A 61 3.98 14.19 -2.32
C SER A 61 3.62 14.70 -0.92
N SER A 62 2.46 14.30 -0.41
CA SER A 62 1.96 14.56 0.95
C SER A 62 2.99 14.14 2.01
N GLN A 63 3.74 13.09 1.70
CA GLN A 63 4.70 12.46 2.57
C GLN A 63 6.05 12.35 1.87
N ARG A 64 6.40 13.26 0.95
CA ARG A 64 7.63 13.13 0.16
C ARG A 64 8.87 13.06 1.04
N HIS A 65 8.81 13.62 2.24
CA HIS A 65 9.85 13.53 3.25
C HIS A 65 10.18 12.07 3.62
N LEU A 66 9.23 11.13 3.52
CA LEU A 66 9.51 9.70 3.73
C LEU A 66 10.29 9.14 2.54
N ASN A 67 10.05 9.61 1.30
CA ASN A 67 10.85 9.21 0.15
C ASN A 67 12.24 9.82 0.28
N ASN A 68 13.18 9.05 0.80
CA ASN A 68 14.60 9.39 0.89
C ASN A 68 15.39 8.21 0.33
N ARG A 69 16.46 8.48 -0.43
CA ARG A 69 17.25 7.41 -1.04
C ARG A 69 17.89 6.48 0.00
N GLY A 70 17.97 6.90 1.25
CA GLY A 70 18.42 6.06 2.34
C GLY A 70 17.45 4.88 2.46
N ALA A 71 16.14 5.14 2.57
CA ALA A 71 15.11 4.12 2.59
C ALA A 71 15.14 3.30 1.30
N GLN A 72 15.33 3.96 0.15
CA GLN A 72 15.37 3.31 -1.16
C GLN A 72 16.41 2.18 -1.19
N GLN A 73 17.51 2.29 -0.44
CA GLN A 73 18.57 1.28 -0.41
C GLN A 73 18.05 -0.07 0.10
N LYS A 74 17.30 -0.05 1.21
CA LYS A 74 16.69 -1.26 1.77
C LYS A 74 15.60 -1.75 0.83
N LEU A 75 14.79 -0.83 0.30
CA LEU A 75 13.72 -1.17 -0.63
C LEU A 75 14.31 -1.87 -1.86
N ALA A 76 15.46 -1.41 -2.36
CA ALA A 76 16.09 -1.92 -3.57
C ALA A 76 16.55 -3.35 -3.35
N GLU A 77 17.15 -3.62 -2.19
CA GLU A 77 17.58 -4.93 -1.75
C GLU A 77 16.38 -5.88 -1.74
N ALA A 78 15.27 -5.44 -1.15
CA ALA A 78 14.09 -6.24 -0.96
C ALA A 78 13.45 -6.57 -2.31
N LEU A 79 13.30 -5.58 -3.20
CA LEU A 79 12.77 -5.81 -4.53
C LEU A 79 13.74 -6.64 -5.38
N SER A 80 15.05 -6.47 -5.19
CA SER A 80 16.05 -7.30 -5.85
C SER A 80 15.89 -8.76 -5.42
N MET A 81 15.65 -8.99 -4.12
CA MET A 81 15.43 -10.31 -3.55
C MET A 81 14.15 -10.92 -4.11
N LEU A 82 13.12 -10.10 -4.29
CA LEU A 82 11.81 -10.48 -4.81
C LEU A 82 11.92 -10.90 -6.27
N LYS A 83 12.49 -10.06 -7.13
CA LYS A 83 12.68 -10.41 -8.55
C LYS A 83 13.72 -11.52 -8.68
N GLY A 84 14.67 -11.60 -7.74
CA GLY A 84 15.79 -12.50 -7.80
C GLY A 84 16.77 -12.06 -8.90
N SER A 85 16.62 -10.85 -9.44
CA SER A 85 17.50 -10.20 -10.39
C SER A 85 17.58 -8.71 -10.04
N THR A 86 18.36 -7.93 -10.79
CA THR A 86 18.44 -6.48 -10.60
C THR A 86 17.06 -5.85 -10.87
N VAL A 87 16.69 -4.85 -10.07
CA VAL A 87 15.50 -4.05 -10.24
C VAL A 87 15.97 -2.60 -10.30
N GLU A 88 15.49 -1.81 -11.27
CA GLU A 88 15.78 -0.40 -11.29
C GLU A 88 14.72 0.24 -10.44
N LEU A 89 14.97 0.26 -9.14
CA LEU A 89 14.00 0.75 -8.17
C LEU A 89 14.23 2.22 -7.93
N THR A 90 13.19 3.01 -8.09
CA THR A 90 13.19 4.42 -7.76
C THR A 90 11.94 4.68 -6.95
N ILE A 91 11.86 5.89 -6.44
CA ILE A 91 10.70 6.41 -5.75
C ILE A 91 10.49 7.79 -6.37
N VAL A 92 9.37 7.94 -7.06
CA VAL A 92 8.97 9.18 -7.71
C VAL A 92 7.91 9.80 -6.80
N GLU A 93 7.87 11.12 -6.71
CA GLU A 93 6.81 11.80 -5.98
C GLU A 93 5.65 11.95 -6.95
N ASP A 94 4.47 11.45 -6.59
CA ASP A 94 3.24 11.53 -7.34
C ASP A 94 2.10 11.75 -6.34
N ASP A 95 1.39 12.87 -6.43
CA ASP A 95 0.30 13.20 -5.51
C ASP A 95 -1.06 12.57 -5.88
N ASN A 96 -1.25 12.09 -7.12
CA ASN A 96 -2.51 11.59 -7.64
C ASN A 96 -3.13 10.39 -6.88
N PRO A 97 -4.27 10.53 -6.18
CA PRO A 97 -4.96 9.42 -5.49
C PRO A 97 -5.57 8.35 -6.40
N ALA A 98 -5.38 8.40 -7.72
CA ALA A 98 -5.97 7.49 -8.71
C ALA A 98 -5.51 6.05 -8.57
N VAL A 99 -4.53 5.78 -7.72
CA VAL A 99 -4.06 4.44 -7.37
C VAL A 99 -3.98 4.41 -5.85
N ARG A 100 -4.41 3.31 -5.22
CA ARG A 100 -4.35 3.22 -3.76
C ARG A 100 -2.98 2.69 -3.36
N THR A 101 -2.30 3.38 -2.44
CA THR A 101 -1.05 2.87 -1.88
C THR A 101 -1.47 1.73 -0.94
N PRO A 102 -0.62 0.78 -0.50
CA PRO A 102 -1.12 -0.34 0.30
C PRO A 102 -1.73 0.11 1.64
N LEU A 103 -1.27 1.23 2.21
CA LEU A 103 -1.87 1.83 3.41
C LEU A 103 -3.31 2.23 3.09
N GLU A 104 -3.49 2.98 2.01
CA GLU A 104 -4.82 3.44 1.60
C GLU A 104 -5.66 2.28 1.09
N TRP A 105 -5.09 1.18 0.57
CA TRP A 105 -5.88 0.01 0.19
C TRP A 105 -6.58 -0.57 1.42
N ARG A 106 -5.93 -0.65 2.59
CA ARG A 106 -6.62 -1.09 3.82
C ARG A 106 -7.85 -0.22 4.02
N GLN A 107 -7.68 1.09 4.03
CA GLN A 107 -8.76 2.04 4.27
C GLN A 107 -9.83 1.92 3.18
N ALA A 108 -9.43 1.85 1.92
CA ALA A 108 -10.29 1.86 0.76
C ALA A 108 -11.13 0.59 0.74
N ILE A 109 -10.60 -0.57 1.12
CA ILE A 109 -11.35 -1.83 1.14
C ILE A 109 -12.48 -1.75 2.19
N TYR A 110 -12.31 -0.95 3.24
CA TYR A 110 -13.39 -0.75 4.21
C TYR A 110 -14.44 0.16 3.61
N GLU A 111 -13.98 1.30 3.09
CA GLU A 111 -14.83 2.34 2.55
C GLU A 111 -15.52 1.85 1.28
N GLU A 112 -15.00 0.86 0.56
CA GLU A 112 -15.65 0.29 -0.60
C GLU A 112 -16.99 -0.31 -0.22
N LYS A 113 -17.14 -0.86 1.00
CA LYS A 113 -18.42 -1.40 1.46
C LYS A 113 -19.42 -0.31 1.81
N LEU A 114 -18.93 0.92 2.03
CA LEU A 114 -19.76 2.08 2.24
C LEU A 114 -20.09 2.65 0.87
N ALA A 115 -19.09 2.84 0.00
CA ALA A 115 -19.25 3.49 -1.29
C ALA A 115 -20.14 2.65 -2.19
N GLN A 116 -19.97 1.33 -2.20
CA GLN A 116 -20.75 0.45 -3.07
C GLN A 116 -22.25 0.58 -2.79
N ALA A 117 -22.61 0.99 -1.57
CA ALA A 117 -24.00 1.16 -1.19
C ALA A 117 -24.67 2.34 -1.91
N ARG A 118 -23.91 3.33 -2.36
CA ARG A 118 -24.39 4.44 -3.18
C ARG A 118 -24.05 4.20 -4.65
N GLU A 119 -22.89 3.59 -4.89
CA GLU A 119 -22.43 3.18 -6.21
C GLU A 119 -23.44 2.26 -6.87
N SER A 120 -24.17 1.43 -6.09
CA SER A 120 -25.16 0.53 -6.66
C SER A 120 -26.25 1.26 -7.47
N ILE A 121 -26.48 2.56 -7.23
CA ILE A 121 -27.40 3.37 -8.02
C ILE A 121 -26.64 4.02 -9.18
N ILE A 122 -25.40 4.46 -8.94
CA ILE A 122 -24.53 5.02 -9.98
C ILE A 122 -24.34 4.00 -11.11
N ALA A 123 -24.23 2.71 -10.76
CA ALA A 123 -23.92 1.61 -11.66
C ALA A 123 -24.82 1.55 -12.90
N ASP A 124 -26.08 1.98 -12.79
CA ASP A 124 -27.00 1.98 -13.93
C ASP A 124 -26.48 2.89 -15.06
N ASN A 125 -25.79 3.96 -14.70
CA ASN A 125 -25.09 4.88 -15.59
C ASN A 125 -23.69 5.09 -15.03
N ASN A 126 -22.93 3.99 -14.96
CA ASN A 126 -21.61 3.99 -14.33
C ASN A 126 -20.69 5.00 -14.98
N ILE A 127 -20.76 5.10 -16.33
CA ILE A 127 -20.09 6.07 -17.19
C ILE A 127 -18.58 6.11 -16.92
N GLN A 128 -18.10 4.95 -16.48
CA GLN A 128 -16.73 4.62 -16.11
C GLN A 128 -16.58 3.16 -16.49
N MET A 1 1.97 -6.86 35.12
CA MET A 1 1.37 -5.93 34.15
C MET A 1 -0.13 -6.19 34.08
N LYS A 2 -0.87 -5.47 33.22
CA LYS A 2 -2.25 -5.75 32.88
C LYS A 2 -2.44 -5.39 31.41
N ALA A 3 -3.51 -5.91 30.82
CA ALA A 3 -3.95 -5.57 29.48
C ALA A 3 -5.47 -5.58 29.46
N LEU A 4 -6.05 -4.63 28.73
CA LEU A 4 -7.47 -4.48 28.44
C LEU A 4 -7.48 -3.55 27.24
N GLU A 5 -7.71 -4.11 26.06
CA GLU A 5 -7.66 -3.48 24.75
C GLU A 5 -6.19 -3.24 24.35
N HIS A 6 -5.93 -3.29 23.05
CA HIS A 6 -4.66 -2.99 22.41
C HIS A 6 -4.92 -2.06 21.24
N GLU A 7 -5.82 -2.44 20.32
CA GLU A 7 -6.09 -1.69 19.11
C GLU A 7 -7.59 -1.77 18.79
N LYS A 8 -8.43 -1.79 19.85
CA LYS A 8 -9.87 -2.00 19.81
C LYS A 8 -10.06 -3.44 19.35
N THR A 9 -10.14 -3.68 18.05
CA THR A 9 -10.18 -4.98 17.43
C THR A 9 -8.97 -5.07 16.49
N PRO A 10 -7.76 -5.42 16.97
CA PRO A 10 -6.65 -5.67 16.08
C PRO A 10 -6.99 -6.80 15.11
N GLU A 11 -7.92 -7.68 15.48
CA GLU A 11 -8.37 -8.77 14.64
C GLU A 11 -9.24 -8.28 13.49
N LEU A 12 -9.74 -7.05 13.55
CA LEU A 12 -10.47 -6.40 12.48
C LEU A 12 -9.43 -5.62 11.68
N ALA A 13 -8.61 -4.80 12.35
CA ALA A 13 -7.67 -3.90 11.71
C ALA A 13 -6.62 -4.66 10.90
N ALA A 14 -6.17 -5.81 11.39
CA ALA A 14 -5.25 -6.64 10.63
C ALA A 14 -6.02 -7.51 9.62
N LYS A 15 -7.27 -7.90 9.89
CA LYS A 15 -8.07 -8.60 8.88
C LYS A 15 -8.30 -7.68 7.70
N LEU A 16 -8.48 -6.39 7.93
CA LEU A 16 -8.64 -5.42 6.86
C LEU A 16 -7.36 -5.42 6.01
N ALA A 17 -6.19 -5.52 6.63
CA ALA A 17 -4.93 -5.67 5.94
C ALA A 17 -4.89 -6.98 5.15
N ALA A 18 -5.35 -8.10 5.73
CA ALA A 18 -5.36 -9.41 5.10
C ALA A 18 -6.27 -9.42 3.86
N GLU A 19 -7.48 -8.87 3.97
CA GLU A 19 -8.44 -8.72 2.88
C GLU A 19 -7.81 -7.86 1.77
N ALA A 20 -7.09 -6.81 2.14
CA ALA A 20 -6.38 -5.96 1.19
C ALA A 20 -5.26 -6.72 0.52
N ILE A 21 -4.43 -7.43 1.27
CA ILE A 21 -3.32 -8.24 0.77
C ILE A 21 -3.84 -9.32 -0.17
N GLU A 22 -5.05 -9.83 0.06
CA GLU A 22 -5.63 -10.86 -0.78
C GLU A 22 -5.95 -10.28 -2.17
N ARG A 23 -6.09 -8.96 -2.30
CA ARG A 23 -6.52 -8.29 -3.51
C ARG A 23 -5.43 -7.41 -4.13
N ASP A 24 -4.52 -6.85 -3.32
CA ASP A 24 -3.47 -5.91 -3.70
C ASP A 24 -2.14 -6.66 -3.79
N PRO A 25 -1.58 -6.83 -5.00
CA PRO A 25 -0.29 -7.46 -5.13
C PRO A 25 0.79 -6.72 -4.36
N TRP A 26 0.81 -5.38 -4.35
CA TRP A 26 1.88 -4.66 -3.67
C TRP A 26 1.75 -4.80 -2.15
N ALA A 27 0.55 -4.70 -1.56
CA ALA A 27 0.41 -4.91 -0.12
C ALA A 27 0.91 -6.29 0.26
N ALA A 28 0.55 -7.33 -0.51
CA ALA A 28 0.98 -8.69 -0.26
C ALA A 28 2.50 -8.75 -0.30
N GLN A 29 3.10 -8.13 -1.32
CA GLN A 29 4.54 -8.06 -1.47
C GLN A 29 5.15 -7.39 -0.25
N VAL A 30 4.68 -6.21 0.17
CA VAL A 30 5.30 -5.49 1.30
C VAL A 30 5.23 -6.31 2.58
N SER A 31 4.11 -7.00 2.82
CA SER A 31 3.96 -7.88 3.98
C SER A 31 4.76 -9.18 3.84
N GLN A 32 5.13 -9.59 2.62
CA GLN A 32 5.98 -10.73 2.36
C GLN A 32 7.45 -10.36 2.56
N LEU A 33 7.84 -9.13 2.21
CA LEU A 33 9.21 -8.64 2.33
C LEU A 33 9.52 -8.20 3.77
N SER A 34 8.49 -8.07 4.60
CA SER A 34 8.57 -7.78 6.03
C SER A 34 9.52 -6.60 6.32
N LEU A 35 9.26 -5.45 5.68
CA LEU A 35 10.10 -4.27 5.81
C LEU A 35 10.13 -3.78 7.26
N PRO A 36 11.23 -3.13 7.69
CA PRO A 36 11.44 -2.73 9.08
C PRO A 36 10.46 -1.65 9.53
N LYS A 37 10.71 -0.36 9.27
CA LYS A 37 9.77 0.68 9.69
C LYS A 37 9.82 1.90 8.80
N LEU A 38 10.91 2.66 8.80
CA LEU A 38 11.07 3.85 7.96
C LEU A 38 10.88 3.44 6.50
N VAL A 39 11.56 2.37 6.08
CA VAL A 39 11.49 1.88 4.71
C VAL A 39 10.09 1.34 4.42
N GLU A 40 9.43 0.72 5.41
CA GLU A 40 8.06 0.25 5.21
C GLU A 40 7.18 1.48 4.95
N GLN A 41 7.34 2.56 5.70
CA GLN A 41 6.51 3.75 5.58
C GLN A 41 6.60 4.35 4.16
N VAL A 42 7.75 4.19 3.50
CA VAL A 42 7.93 4.59 2.11
C VAL A 42 7.12 3.65 1.23
N ALA A 43 7.32 2.34 1.33
CA ALA A 43 6.53 1.37 0.57
C ALA A 43 5.03 1.53 0.77
N LEU A 44 4.61 1.98 1.97
CA LEU A 44 3.23 2.19 2.37
C LEU A 44 2.65 3.47 1.78
N ASN A 45 3.42 4.55 1.61
CA ASN A 45 2.88 5.82 1.12
C ASN A 45 3.05 5.94 -0.40
N ALA A 46 3.42 4.85 -1.07
CA ALA A 46 3.65 4.81 -2.49
C ALA A 46 2.86 3.69 -3.14
N TRP A 47 2.54 3.89 -4.42
CA TRP A 47 1.92 2.91 -5.29
C TRP A 47 3.06 2.48 -6.20
N LYS A 48 3.11 1.19 -6.52
CA LYS A 48 4.21 0.61 -7.26
C LYS A 48 3.93 0.42 -8.75
N GLU A 49 4.49 1.29 -9.58
CA GLU A 49 4.42 1.15 -11.03
C GLU A 49 5.44 0.05 -11.32
N GLU A 50 5.17 -0.83 -12.27
CA GLU A 50 6.11 -1.84 -12.73
C GLU A 50 6.21 -1.75 -14.25
N SER A 51 7.44 -1.80 -14.73
CA SER A 51 7.83 -1.86 -16.13
C SER A 51 8.46 -3.24 -16.34
N ASP A 52 8.86 -3.50 -17.58
CA ASP A 52 9.46 -4.74 -18.06
C ASP A 52 10.57 -5.25 -17.15
N ASN A 53 11.39 -4.33 -16.62
CA ASN A 53 12.58 -4.58 -15.83
C ASN A 53 12.89 -3.45 -14.84
N ALA A 54 11.93 -2.57 -14.53
CA ALA A 54 12.13 -1.49 -13.56
C ALA A 54 10.83 -1.31 -12.78
N VAL A 55 10.91 -0.67 -11.61
CA VAL A 55 9.77 -0.54 -10.71
C VAL A 55 9.85 0.85 -10.10
N CYS A 56 8.84 1.69 -10.30
CA CYS A 56 8.83 3.08 -9.85
C CYS A 56 7.81 3.25 -8.73
N LEU A 57 8.27 3.45 -7.51
CA LEU A 57 7.38 3.74 -6.38
C LEU A 57 6.96 5.20 -6.43
N HIS A 58 5.74 5.46 -6.89
CA HIS A 58 5.13 6.78 -6.89
C HIS A 58 4.69 7.09 -5.46
N LEU A 59 5.51 7.79 -4.67
CA LEU A 59 5.19 8.16 -3.30
C LEU A 59 4.45 9.49 -3.30
N ARG A 60 3.35 9.61 -2.56
CA ARG A 60 2.57 10.84 -2.57
C ARG A 60 3.42 12.00 -2.07
N SER A 61 3.48 13.07 -2.85
CA SER A 61 4.14 14.29 -2.44
C SER A 61 3.44 14.88 -1.20
N SER A 62 2.24 14.43 -0.86
CA SER A 62 1.54 14.82 0.35
C SER A 62 2.18 14.22 1.60
N GLN A 63 2.97 13.15 1.46
CA GLN A 63 3.58 12.35 2.53
C GLN A 63 5.10 12.18 2.33
N ARG A 64 5.69 12.96 1.42
CA ARG A 64 7.10 12.89 1.04
C ARG A 64 8.10 13.24 2.14
N HIS A 65 7.67 13.63 3.35
CA HIS A 65 8.62 13.84 4.44
C HIS A 65 9.40 12.56 4.75
N LEU A 66 8.92 11.39 4.31
CA LEU A 66 9.57 10.09 4.52
C LEU A 66 10.44 9.70 3.31
N ASN A 67 10.42 10.45 2.20
CA ASN A 67 11.17 10.10 1.00
C ASN A 67 12.65 10.39 1.16
N ASN A 68 13.45 9.37 1.42
CA ASN A 68 14.91 9.49 1.46
C ASN A 68 15.55 8.38 0.65
N ARG A 69 16.70 8.66 0.03
CA ARG A 69 17.47 7.67 -0.73
C ARG A 69 17.99 6.55 0.17
N GLY A 70 18.11 6.78 1.48
CA GLY A 70 18.46 5.75 2.43
C GLY A 70 17.36 4.68 2.48
N ALA A 71 16.08 5.07 2.31
CA ALA A 71 14.99 4.13 2.20
C ALA A 71 15.15 3.36 0.90
N GLN A 72 15.35 4.08 -0.22
CA GLN A 72 15.44 3.51 -1.55
C GLN A 72 16.42 2.35 -1.58
N GLN A 73 17.59 2.50 -0.97
CA GLN A 73 18.65 1.50 -1.01
C GLN A 73 18.16 0.18 -0.43
N LYS A 74 17.57 0.24 0.75
CA LYS A 74 17.08 -0.94 1.45
C LYS A 74 15.88 -1.50 0.70
N LEU A 75 15.00 -0.62 0.19
CA LEU A 75 13.83 -1.00 -0.58
C LEU A 75 14.28 -1.69 -1.88
N ALA A 76 15.40 -1.29 -2.48
CA ALA A 76 15.88 -1.79 -3.77
C ALA A 76 16.41 -3.21 -3.61
N GLU A 77 17.11 -3.48 -2.52
CA GLU A 77 17.57 -4.81 -2.15
C GLU A 77 16.36 -5.71 -1.90
N ALA A 78 15.30 -5.17 -1.28
CA ALA A 78 14.05 -5.88 -1.06
C ALA A 78 13.39 -6.21 -2.41
N LEU A 79 13.25 -5.22 -3.29
CA LEU A 79 12.63 -5.38 -4.60
C LEU A 79 13.43 -6.31 -5.50
N SER A 80 14.76 -6.31 -5.35
CA SER A 80 15.65 -7.22 -6.08
C SER A 80 15.42 -8.66 -5.62
N MET A 81 15.20 -8.89 -4.32
CA MET A 81 14.85 -10.21 -3.81
C MET A 81 13.44 -10.58 -4.29
N LEU A 82 12.51 -9.62 -4.26
CA LEU A 82 11.11 -9.82 -4.60
C LEU A 82 10.98 -10.25 -6.04
N LYS A 83 11.53 -9.48 -6.97
CA LYS A 83 11.38 -9.77 -8.39
C LYS A 83 12.25 -10.96 -8.80
N GLY A 84 13.15 -11.42 -7.93
CA GLY A 84 14.08 -12.49 -8.22
C GLY A 84 15.26 -12.00 -9.06
N SER A 85 15.26 -10.73 -9.49
CA SER A 85 16.23 -10.13 -10.38
C SER A 85 16.53 -8.72 -9.91
N THR A 86 17.72 -8.19 -10.22
CA THR A 86 18.08 -6.80 -9.93
C THR A 86 17.10 -5.90 -10.70
N VAL A 87 16.42 -5.00 -9.98
CA VAL A 87 15.41 -4.10 -10.49
C VAL A 87 15.91 -2.66 -10.33
N GLU A 88 15.46 -1.75 -11.20
CA GLU A 88 15.75 -0.34 -11.05
C GLU A 88 14.59 0.24 -10.29
N LEU A 89 14.71 0.15 -8.95
CA LEU A 89 13.76 0.73 -8.03
C LEU A 89 13.95 2.23 -8.06
N THR A 90 12.99 2.92 -8.64
CA THR A 90 12.93 4.36 -8.70
C THR A 90 11.92 4.79 -7.62
N ILE A 91 12.05 5.99 -7.09
CA ILE A 91 11.10 6.58 -6.15
C ILE A 91 10.75 7.89 -6.84
N VAL A 92 9.51 8.05 -7.32
CA VAL A 92 9.08 9.32 -7.88
C VAL A 92 8.13 9.96 -6.88
N GLU A 93 8.27 11.25 -6.69
CA GLU A 93 7.49 12.05 -5.77
C GLU A 93 6.28 12.48 -6.60
N ASP A 94 5.14 11.81 -6.41
CA ASP A 94 3.92 11.98 -7.18
C ASP A 94 2.71 11.92 -6.26
N ASP A 95 2.22 13.11 -5.90
CA ASP A 95 1.03 13.43 -5.10
C ASP A 95 -0.25 12.76 -5.58
N ASN A 96 -0.28 12.26 -6.82
CA ASN A 96 -1.46 11.71 -7.47
C ASN A 96 -2.18 10.65 -6.64
N PRO A 97 -3.39 10.95 -6.12
CA PRO A 97 -4.10 10.06 -5.22
C PRO A 97 -4.96 9.03 -5.94
N ALA A 98 -5.13 9.13 -7.27
CA ALA A 98 -6.02 8.28 -8.03
C ALA A 98 -5.67 6.80 -8.01
N VAL A 99 -4.40 6.49 -7.71
CA VAL A 99 -3.89 5.15 -7.51
C VAL A 99 -3.74 4.93 -6.00
N ARG A 100 -4.20 3.79 -5.51
CA ARG A 100 -4.15 3.46 -4.09
C ARG A 100 -2.78 2.89 -3.74
N THR A 101 -2.21 3.37 -2.63
CA THR A 101 -0.98 2.84 -2.07
C THR A 101 -1.40 1.53 -1.35
N PRO A 102 -0.52 0.68 -0.79
CA PRO A 102 -1.00 -0.52 -0.10
C PRO A 102 -1.73 -0.14 1.20
N LEU A 103 -1.33 0.99 1.79
CA LEU A 103 -1.94 1.61 2.95
C LEU A 103 -3.33 2.11 2.59
N GLU A 104 -3.47 2.84 1.47
CA GLU A 104 -4.77 3.30 1.01
C GLU A 104 -5.62 2.12 0.52
N TRP A 105 -5.03 1.03 0.01
CA TRP A 105 -5.75 -0.17 -0.35
C TRP A 105 -6.40 -0.75 0.89
N ARG A 106 -5.69 -0.78 2.03
CA ARG A 106 -6.27 -1.25 3.28
C ARG A 106 -7.53 -0.47 3.60
N GLN A 107 -7.48 0.87 3.52
CA GLN A 107 -8.67 1.67 3.81
C GLN A 107 -9.73 1.44 2.71
N ALA A 108 -9.32 1.41 1.44
CA ALA A 108 -10.22 1.25 0.31
C ALA A 108 -10.94 -0.09 0.37
N ILE A 109 -10.34 -1.14 0.91
CA ILE A 109 -10.98 -2.45 1.08
C ILE A 109 -12.11 -2.35 2.10
N TYR A 110 -12.06 -1.40 3.04
CA TYR A 110 -13.17 -1.17 3.94
C TYR A 110 -14.24 -0.46 3.11
N GLU A 111 -13.86 0.63 2.44
CA GLU A 111 -14.76 1.45 1.67
C GLU A 111 -15.31 0.70 0.45
N GLU A 112 -14.71 -0.41 0.03
CA GLU A 112 -15.19 -1.28 -1.02
C GLU A 112 -16.55 -1.82 -0.60
N LYS A 113 -16.77 -2.11 0.68
CA LYS A 113 -18.09 -2.58 1.14
C LYS A 113 -19.09 -1.43 1.18
N LEU A 114 -18.63 -0.20 1.41
CA LEU A 114 -19.49 0.99 1.36
C LEU A 114 -19.87 1.20 -0.11
N ALA A 115 -18.89 1.22 -1.00
CA ALA A 115 -19.08 1.45 -2.42
C ALA A 115 -19.93 0.34 -3.01
N GLN A 116 -19.76 -0.90 -2.57
CA GLN A 116 -20.51 -2.03 -3.07
C GLN A 116 -21.99 -1.91 -2.75
N ALA A 117 -22.34 -1.20 -1.67
CA ALA A 117 -23.74 -0.90 -1.37
C ALA A 117 -24.36 0.00 -2.45
N ARG A 118 -23.56 0.71 -3.24
CA ARG A 118 -23.98 1.50 -4.38
C ARG A 118 -23.80 0.68 -5.65
N GLU A 119 -22.77 -0.15 -5.74
CA GLU A 119 -22.54 -1.03 -6.89
C GLU A 119 -23.73 -1.95 -7.10
N SER A 120 -24.38 -2.42 -6.03
CA SER A 120 -25.60 -3.21 -6.14
C SER A 120 -26.71 -2.46 -6.88
N ILE A 121 -26.82 -1.14 -6.65
CA ILE A 121 -27.79 -0.26 -7.31
C ILE A 121 -27.35 -0.09 -8.78
N ILE A 122 -26.05 0.07 -9.02
CA ILE A 122 -25.44 0.18 -10.34
C ILE A 122 -25.78 -1.05 -11.18
N ALA A 123 -25.52 -2.24 -10.64
CA ALA A 123 -25.75 -3.52 -11.28
C ALA A 123 -27.22 -3.68 -11.67
N ASP A 124 -28.13 -3.07 -10.93
CA ASP A 124 -29.56 -3.14 -11.17
C ASP A 124 -30.01 -2.03 -12.12
N ASN A 125 -29.98 -0.76 -11.70
CA ASN A 125 -30.49 0.38 -12.45
C ASN A 125 -29.58 1.61 -12.42
N ASN A 126 -28.60 1.68 -13.34
CA ASN A 126 -27.75 2.85 -13.52
C ASN A 126 -27.18 2.86 -14.93
N ILE A 127 -27.53 3.87 -15.71
CA ILE A 127 -27.19 4.00 -17.13
C ILE A 127 -26.51 5.35 -17.42
N GLN A 128 -26.88 6.41 -16.70
CA GLN A 128 -26.35 7.76 -16.84
C GLN A 128 -25.88 8.23 -15.49
N MET A 1 -19.43 9.36 5.55
CA MET A 1 -19.36 7.91 5.77
C MET A 1 -18.01 7.55 6.37
N LYS A 2 -17.85 7.80 7.67
CA LYS A 2 -16.64 7.49 8.42
C LYS A 2 -16.93 6.99 9.82
N ALA A 3 -17.85 7.66 10.55
CA ALA A 3 -18.19 7.43 11.96
C ALA A 3 -16.95 6.93 12.73
N LEU A 4 -16.00 7.84 12.96
CA LEU A 4 -14.69 7.58 13.57
C LEU A 4 -14.79 6.62 14.75
N GLU A 5 -15.79 6.82 15.60
CA GLU A 5 -16.12 5.95 16.70
C GLU A 5 -17.51 5.40 16.44
N HIS A 6 -17.58 4.11 16.15
CA HIS A 6 -18.81 3.34 16.00
C HIS A 6 -18.42 1.89 16.18
N GLU A 7 -17.66 1.33 15.23
CA GLU A 7 -17.08 -0.01 15.32
C GLU A 7 -15.68 0.02 14.69
N LYS A 8 -14.69 0.48 15.46
CA LYS A 8 -13.29 0.44 15.06
C LYS A 8 -12.82 -1.01 14.97
N THR A 9 -12.90 -1.71 16.10
CA THR A 9 -12.40 -3.07 16.31
C THR A 9 -11.04 -3.28 15.63
N PRO A 10 -9.92 -2.81 16.22
CA PRO A 10 -8.60 -2.84 15.59
C PRO A 10 -8.10 -4.25 15.22
N GLU A 11 -8.80 -5.30 15.66
CA GLU A 11 -8.62 -6.70 15.36
C GLU A 11 -9.20 -7.00 13.98
N LEU A 12 -10.50 -6.75 13.77
CA LEU A 12 -11.16 -6.86 12.46
C LEU A 12 -10.50 -5.90 11.48
N ALA A 13 -10.08 -4.73 11.94
CA ALA A 13 -9.38 -3.79 11.10
C ALA A 13 -8.11 -4.40 10.51
N ALA A 14 -7.50 -5.36 11.22
CA ALA A 14 -6.38 -6.12 10.72
C ALA A 14 -6.85 -7.29 9.85
N LYS A 15 -8.08 -7.83 10.03
CA LYS A 15 -8.58 -8.85 9.11
C LYS A 15 -8.80 -8.20 7.77
N LEU A 16 -9.40 -7.01 7.78
CA LEU A 16 -9.70 -6.24 6.59
C LEU A 16 -8.36 -5.92 5.92
N ALA A 17 -7.30 -5.60 6.70
CA ALA A 17 -5.95 -5.41 6.17
C ALA A 17 -5.42 -6.63 5.41
N ALA A 18 -5.67 -7.84 5.90
CA ALA A 18 -5.28 -9.07 5.24
C ALA A 18 -6.12 -9.29 3.96
N GLU A 19 -7.42 -9.00 4.02
CA GLU A 19 -8.29 -9.07 2.86
C GLU A 19 -7.88 -8.02 1.81
N ALA A 20 -7.30 -6.89 2.22
CA ALA A 20 -6.74 -5.91 1.31
C ALA A 20 -5.48 -6.45 0.66
N ILE A 21 -4.61 -7.13 1.41
CA ILE A 21 -3.44 -7.83 0.90
C ILE A 21 -3.88 -8.88 -0.13
N GLU A 22 -5.03 -9.53 0.07
CA GLU A 22 -5.57 -10.48 -0.89
C GLU A 22 -5.94 -9.80 -2.22
N ARG A 23 -6.13 -8.48 -2.26
CA ARG A 23 -6.37 -7.74 -3.50
C ARG A 23 -5.09 -7.10 -4.01
N ASP A 24 -4.47 -6.24 -3.22
CA ASP A 24 -3.30 -5.45 -3.61
C ASP A 24 -2.07 -6.34 -3.74
N PRO A 25 -1.52 -6.55 -4.95
CA PRO A 25 -0.33 -7.35 -5.09
C PRO A 25 0.85 -6.72 -4.35
N TRP A 26 0.92 -5.39 -4.28
CA TRP A 26 2.03 -4.71 -3.63
C TRP A 26 1.96 -4.89 -2.11
N ALA A 27 0.79 -4.74 -1.49
CA ALA A 27 0.63 -4.97 -0.07
C ALA A 27 1.11 -6.38 0.28
N ALA A 28 0.70 -7.38 -0.52
CA ALA A 28 1.09 -8.76 -0.30
C ALA A 28 2.60 -8.91 -0.41
N GLN A 29 3.18 -8.31 -1.46
CA GLN A 29 4.61 -8.33 -1.72
C GLN A 29 5.38 -7.74 -0.55
N VAL A 30 4.99 -6.58 -0.05
CA VAL A 30 5.74 -5.90 1.01
C VAL A 30 5.73 -6.73 2.28
N SER A 31 4.60 -7.37 2.58
CA SER A 31 4.50 -8.28 3.70
C SER A 31 5.44 -9.48 3.50
N GLN A 32 5.58 -9.98 2.27
CA GLN A 32 6.45 -11.10 1.97
C GLN A 32 7.91 -10.71 2.14
N LEU A 33 8.26 -9.48 1.77
CA LEU A 33 9.61 -8.91 1.95
C LEU A 33 9.88 -8.60 3.42
N SER A 34 8.81 -8.32 4.16
CA SER A 34 8.81 -7.87 5.54
C SER A 34 9.79 -6.71 5.69
N LEU A 35 9.48 -5.58 5.03
CA LEU A 35 10.26 -4.37 5.20
C LEU A 35 10.26 -3.97 6.68
N PRO A 36 11.31 -3.30 7.17
CA PRO A 36 11.50 -2.99 8.57
C PRO A 36 10.49 -1.95 9.08
N LYS A 37 10.81 -0.65 9.08
CA LYS A 37 9.93 0.35 9.67
C LYS A 37 9.93 1.63 8.84
N LEU A 38 11.07 2.30 8.71
CA LEU A 38 11.25 3.46 7.85
C LEU A 38 10.99 3.07 6.40
N VAL A 39 11.69 2.03 5.94
CA VAL A 39 11.59 1.55 4.57
C VAL A 39 10.17 1.01 4.35
N GLU A 40 9.58 0.37 5.38
CA GLU A 40 8.20 -0.09 5.31
C GLU A 40 7.29 1.12 5.12
N GLN A 41 7.50 2.23 5.85
CA GLN A 41 6.61 3.39 5.78
C GLN A 41 6.65 3.99 4.37
N VAL A 42 7.79 3.93 3.66
CA VAL A 42 7.90 4.35 2.28
C VAL A 42 7.03 3.44 1.41
N ALA A 43 7.22 2.12 1.51
CA ALA A 43 6.41 1.17 0.76
C ALA A 43 4.92 1.32 1.06
N LEU A 44 4.55 1.71 2.28
CA LEU A 44 3.17 1.94 2.70
C LEU A 44 2.61 3.25 2.13
N ASN A 45 3.46 4.25 1.89
CA ASN A 45 3.02 5.58 1.45
C ASN A 45 3.20 5.78 -0.05
N ALA A 46 3.61 4.75 -0.77
CA ALA A 46 3.71 4.73 -2.21
C ALA A 46 2.98 3.54 -2.77
N TRP A 47 2.57 3.66 -4.02
CA TRP A 47 1.98 2.57 -4.78
C TRP A 47 3.06 2.18 -5.77
N LYS A 48 3.12 0.89 -6.06
CA LYS A 48 4.17 0.33 -6.87
C LYS A 48 3.78 0.14 -8.33
N GLU A 49 4.40 0.90 -9.22
CA GLU A 49 4.24 0.71 -10.65
C GLU A 49 5.27 -0.36 -11.02
N GLU A 50 5.06 -1.11 -12.09
CA GLU A 50 5.99 -2.15 -12.53
C GLU A 50 6.11 -2.05 -14.04
N SER A 51 7.34 -2.11 -14.55
CA SER A 51 7.72 -2.03 -15.94
C SER A 51 8.74 -3.15 -16.20
N ASP A 52 9.21 -3.29 -17.43
CA ASP A 52 10.08 -4.37 -17.92
C ASP A 52 11.08 -4.91 -16.90
N ASN A 53 11.90 -4.03 -16.32
CA ASN A 53 12.89 -4.34 -15.30
C ASN A 53 12.90 -3.25 -14.22
N ALA A 54 11.88 -2.39 -14.16
CA ALA A 54 11.84 -1.26 -13.25
C ALA A 54 10.59 -1.41 -12.41
N VAL A 55 10.65 -1.02 -11.14
CA VAL A 55 9.50 -1.02 -10.27
C VAL A 55 9.56 0.32 -9.55
N CYS A 56 8.79 1.30 -10.03
CA CYS A 56 8.86 2.65 -9.51
C CYS A 56 7.83 2.81 -8.41
N LEU A 57 8.22 3.42 -7.29
CA LEU A 57 7.36 3.63 -6.13
C LEU A 57 6.85 5.05 -6.11
N HIS A 58 5.59 5.22 -6.47
CA HIS A 58 4.95 6.54 -6.57
C HIS A 58 4.43 6.93 -5.18
N LEU A 59 5.19 7.72 -4.42
CA LEU A 59 4.88 8.17 -3.06
C LEU A 59 4.04 9.46 -3.12
N ARG A 60 3.30 9.80 -2.06
CA ARG A 60 2.55 11.05 -2.04
C ARG A 60 3.49 12.23 -1.89
N SER A 61 3.22 13.30 -2.64
CA SER A 61 3.94 14.56 -2.50
C SER A 61 3.72 15.13 -1.09
N SER A 62 2.58 14.80 -0.46
CA SER A 62 2.26 15.27 0.88
C SER A 62 3.14 14.59 1.93
N GLN A 63 3.34 13.28 1.82
CA GLN A 63 4.06 12.44 2.78
C GLN A 63 5.52 12.27 2.34
N ARG A 64 6.02 13.18 1.48
CA ARG A 64 7.35 13.08 0.89
C ARG A 64 8.47 13.04 1.93
N HIS A 65 8.22 13.43 3.19
CA HIS A 65 9.16 13.31 4.30
C HIS A 65 9.78 11.92 4.39
N LEU A 66 9.11 10.87 3.92
CA LEU A 66 9.64 9.51 4.00
C LEU A 66 10.50 9.15 2.79
N ASN A 67 10.33 9.79 1.62
CA ASN A 67 11.12 9.50 0.43
C ASN A 67 12.54 10.05 0.58
N ASN A 68 13.47 9.19 0.99
CA ASN A 68 14.89 9.51 1.06
C ASN A 68 15.75 8.42 0.40
N ARG A 69 17.01 8.77 0.10
CA ARG A 69 17.97 7.92 -0.61
C ARG A 69 18.23 6.63 0.16
N GLY A 70 18.45 6.70 1.47
CA GLY A 70 18.73 5.54 2.29
C GLY A 70 17.55 4.60 2.31
N ALA A 71 16.31 5.13 2.29
CA ALA A 71 15.14 4.29 2.19
C ALA A 71 15.15 3.58 0.85
N GLN A 72 15.33 4.33 -0.26
CA GLN A 72 15.31 3.81 -1.61
C GLN A 72 16.30 2.66 -1.77
N GLN A 73 17.54 2.84 -1.32
CA GLN A 73 18.59 1.85 -1.46
C GLN A 73 18.19 0.55 -0.76
N LYS A 74 17.74 0.64 0.49
CA LYS A 74 17.36 -0.55 1.24
C LYS A 74 16.11 -1.18 0.65
N LEU A 75 15.17 -0.38 0.12
CA LEU A 75 13.99 -0.86 -0.57
C LEU A 75 14.41 -1.60 -1.85
N ALA A 76 15.42 -1.10 -2.56
CA ALA A 76 15.85 -1.62 -3.85
C ALA A 76 16.40 -3.02 -3.71
N GLU A 77 17.19 -3.28 -2.67
CA GLU A 77 17.70 -4.59 -2.31
C GLU A 77 16.54 -5.57 -2.11
N ALA A 78 15.50 -5.16 -1.39
CA ALA A 78 14.34 -6.00 -1.12
C ALA A 78 13.56 -6.26 -2.42
N LEU A 79 13.29 -5.24 -3.23
CA LEU A 79 12.61 -5.39 -4.51
C LEU A 79 13.43 -6.24 -5.49
N SER A 80 14.76 -6.14 -5.44
CA SER A 80 15.66 -6.96 -6.22
C SER A 80 15.55 -8.42 -5.77
N MET A 81 15.40 -8.67 -4.47
CA MET A 81 15.16 -10.01 -3.94
C MET A 81 13.80 -10.53 -4.43
N LEU A 82 12.80 -9.64 -4.56
CA LEU A 82 11.46 -9.96 -5.06
C LEU A 82 11.49 -10.41 -6.51
N LYS A 83 12.27 -9.74 -7.37
CA LYS A 83 12.43 -10.13 -8.78
C LYS A 83 13.45 -11.26 -8.93
N GLY A 84 14.33 -11.47 -7.96
CA GLY A 84 15.44 -12.41 -7.99
C GLY A 84 16.70 -11.80 -8.61
N SER A 85 16.58 -10.70 -9.35
CA SER A 85 17.66 -9.95 -9.94
C SER A 85 17.34 -8.46 -9.84
N THR A 86 18.20 -7.63 -10.43
CA THR A 86 18.15 -6.18 -10.41
C THR A 86 16.75 -5.65 -10.73
N VAL A 87 16.38 -4.58 -10.04
CA VAL A 87 15.16 -3.82 -10.25
C VAL A 87 15.59 -2.36 -10.23
N GLU A 88 15.15 -1.59 -11.22
CA GLU A 88 15.34 -0.16 -11.25
C GLU A 88 14.23 0.40 -10.38
N LEU A 89 14.53 0.57 -9.09
CA LEU A 89 13.59 1.10 -8.13
C LEU A 89 13.77 2.60 -8.07
N THR A 90 12.86 3.32 -8.70
CA THR A 90 12.83 4.78 -8.63
C THR A 90 11.74 5.11 -7.63
N ILE A 91 11.83 6.25 -6.97
CA ILE A 91 10.79 6.74 -6.09
C ILE A 91 10.36 8.02 -6.80
N VAL A 92 9.07 8.22 -7.00
CA VAL A 92 8.53 9.43 -7.61
C VAL A 92 7.48 10.00 -6.66
N GLU A 93 7.03 11.24 -6.88
CA GLU A 93 6.12 11.93 -5.98
C GLU A 93 4.89 12.45 -6.71
N ASP A 94 3.75 11.80 -6.48
CA ASP A 94 2.43 12.23 -6.97
C ASP A 94 1.45 11.95 -5.86
N ASP A 95 0.83 13.01 -5.34
CA ASP A 95 -0.10 12.94 -4.23
C ASP A 95 -1.33 12.07 -4.55
N ASN A 96 -1.82 12.09 -5.79
CA ASN A 96 -2.88 11.21 -6.25
C ASN A 96 -2.87 11.13 -7.78
N PRO A 97 -2.15 10.18 -8.37
CA PRO A 97 -2.21 9.97 -9.81
C PRO A 97 -3.51 9.24 -10.13
N ALA A 98 -3.61 7.92 -9.88
CA ALA A 98 -4.81 7.12 -10.11
C ALA A 98 -4.73 5.74 -9.42
N VAL A 99 -3.91 5.58 -8.37
CA VAL A 99 -3.67 4.29 -7.73
C VAL A 99 -3.60 4.51 -6.21
N ARG A 100 -3.94 3.49 -5.43
CA ARG A 100 -3.90 3.51 -3.97
C ARG A 100 -2.61 2.84 -3.52
N THR A 101 -2.01 3.33 -2.43
CA THR A 101 -0.85 2.69 -1.81
C THR A 101 -1.39 1.49 -1.00
N PRO A 102 -0.57 0.62 -0.38
CA PRO A 102 -1.13 -0.55 0.31
C PRO A 102 -1.92 -0.13 1.56
N LEU A 103 -1.52 0.97 2.20
CA LEU A 103 -2.23 1.59 3.33
C LEU A 103 -3.59 2.08 2.83
N GLU A 104 -3.59 2.93 1.80
CA GLU A 104 -4.83 3.41 1.22
C GLU A 104 -5.63 2.31 0.51
N TRP A 105 -5.05 1.15 0.18
CA TRP A 105 -5.79 0.03 -0.37
C TRP A 105 -6.62 -0.57 0.75
N ARG A 106 -5.99 -0.80 1.92
CA ARG A 106 -6.74 -1.25 3.09
C ARG A 106 -7.87 -0.26 3.32
N GLN A 107 -7.54 1.02 3.41
CA GLN A 107 -8.54 2.01 3.75
C GLN A 107 -9.61 2.13 2.67
N ALA A 108 -9.26 1.94 1.39
CA ALA A 108 -10.23 1.93 0.30
C ALA A 108 -11.21 0.78 0.49
N ILE A 109 -10.70 -0.42 0.77
CA ILE A 109 -11.49 -1.64 0.91
C ILE A 109 -12.33 -1.57 2.20
N TYR A 110 -11.84 -0.89 3.23
CA TYR A 110 -12.59 -0.63 4.45
C TYR A 110 -13.76 0.29 4.09
N GLU A 111 -13.45 1.40 3.43
CA GLU A 111 -14.42 2.41 3.06
C GLU A 111 -15.43 1.86 2.05
N GLU A 112 -15.07 0.83 1.27
CA GLU A 112 -15.94 0.11 0.37
C GLU A 112 -16.97 -0.66 1.19
N LYS A 113 -16.59 -1.30 2.30
CA LYS A 113 -17.56 -1.96 3.17
C LYS A 113 -18.53 -0.94 3.79
N LEU A 114 -18.06 0.30 4.00
CA LEU A 114 -18.89 1.39 4.48
C LEU A 114 -19.75 1.92 3.32
N ALA A 115 -19.23 1.92 2.09
CA ALA A 115 -19.95 2.30 0.89
C ALA A 115 -21.05 1.28 0.63
N GLN A 116 -20.80 0.00 0.90
CA GLN A 116 -21.78 -1.08 0.82
C GLN A 116 -22.90 -0.86 1.84
N ALA A 117 -22.64 -0.12 2.92
CA ALA A 117 -23.66 0.27 3.87
C ALA A 117 -24.41 1.46 3.29
N ARG A 118 -23.70 2.52 2.88
CA ARG A 118 -24.31 3.76 2.41
C ARG A 118 -25.22 3.52 1.23
N GLU A 119 -24.79 2.67 0.30
CA GLU A 119 -25.55 2.39 -0.91
C GLU A 119 -26.90 1.77 -0.56
N SER A 120 -26.94 0.86 0.42
CA SER A 120 -28.19 0.28 0.89
C SER A 120 -29.18 1.35 1.39
N ILE A 121 -28.70 2.52 1.85
CA ILE A 121 -29.53 3.60 2.36
C ILE A 121 -30.30 4.27 1.19
N ILE A 122 -29.75 4.24 -0.03
CA ILE A 122 -30.45 4.74 -1.22
C ILE A 122 -31.68 3.84 -1.45
N ALA A 123 -31.46 2.52 -1.47
CA ALA A 123 -32.54 1.55 -1.60
C ALA A 123 -33.51 1.64 -0.41
N ASP A 124 -33.03 2.00 0.78
CA ASP A 124 -33.84 2.18 1.98
C ASP A 124 -34.77 3.38 1.81
N ASN A 125 -34.31 4.44 1.13
CA ASN A 125 -35.14 5.60 0.77
C ASN A 125 -35.87 5.36 -0.55
N ASN A 126 -35.91 4.10 -1.01
CA ASN A 126 -36.61 3.51 -2.15
C ASN A 126 -35.89 3.69 -3.48
N ILE A 127 -35.39 4.89 -3.80
CA ILE A 127 -34.82 5.14 -5.12
C ILE A 127 -33.74 6.24 -5.14
N GLN A 128 -34.01 7.37 -4.48
CA GLN A 128 -33.19 8.59 -4.49
C GLN A 128 -33.05 9.06 -5.92
#